data_5X41
#
_entry.id   5X41
#
_cell.length_a   96.159
_cell.length_b   135.040
_cell.length_c   204.424
_cell.angle_alpha   90.00
_cell.angle_beta   90.00
_cell.angle_gamma   90.00
#
_symmetry.space_group_name_H-M   'P 21 21 21'
#
loop_
_entity.id
_entity.type
_entity.pdbx_description
1 polymer 'Cobalt ABC transporter ATP-binding protein'
2 polymer 'Cobalt transport protein CbiM'
3 polymer 'Uncharacterized protein CbiQ'
#
loop_
_entity_poly.entity_id
_entity_poly.type
_entity_poly.pdbx_seq_one_letter_code
_entity_poly.pdbx_strand_id
1 'polypeptide(L)'
;MTPILAAEALTYAFPGGVKALDDLSLAVPKGESLAILGPNGAGKSTLLLHLNGTLRPQSGRVLLGGTATGHSRKDLTGWR
RRVGLVLQDADDQLFATTVFEDVSFGPLNLGLSEAEARARVEEALAALSISDLRDRPTHMLSGGQKRRVAIAGAVAMRPE
VLLLDEPTAGLDLAGTEQLLTLLRGLRAAGMTLVFSTHDVELAAALADRVALFRTGRVLAEGAAEAVLSDRATLAKVALR
PPLVIDLALLARDHGLLAPEAPLPKTRDALAAQMAGWTRR
;
A,B,C,D
2 'polypeptide(L)'
;MHIMEGYLPVTHAIGWSLAAAPFVVAGALKIRKIVAERPEARMTLAAAGAFAFVLSALKIPSVTGSCSHPTGTGLGAVVF
GPSVMAVLGVIVLLFQALLLAHGGLTTLGANAFSMAIVGPWVAFGVYKLAGKAGASMAVAVFLAAFLGDLATYVTTSLQL
ALAYPDPASGFLGAALKFGSVFALTQIPLAIAEGFLTVIVVDALAGKVADEDKLRILAGEAR
;
M,E
3 'polypeptide(L)'
;MGSHHHHHHSGSMSIASIDRVAAQGHWRSRPLAEKSLIGLGFLALAVTVPPFPGAVLVTVAILAFTFLGARVPLRFWASV
AVLPLGFLTTGAAVLLIQIGPEGIGLAPDGPAKAAALVMRATAATCCLLFLATTTPAADLLSGLRRWRVPAELIEIALLT
YRFVFILAEEAAAMTTAQRARLGHATRRRWLRSTAQVIAALLPRALTRARRLETGLGARNWQGEMRVLSTRPPASARVLG
LILTLQAAILAAGVLL
;
Q,F
#
# COMPACT_ATOMS: atom_id res chain seq x y z
N THR A 2 51.56 1.38 20.44
CA THR A 2 50.92 0.16 19.96
C THR A 2 49.37 0.14 19.95
N PRO A 3 48.69 0.87 20.87
CA PRO A 3 47.23 0.64 20.96
C PRO A 3 46.40 1.08 19.75
N ILE A 4 45.36 0.30 19.45
CA ILE A 4 44.52 0.47 18.26
C ILE A 4 43.41 1.42 18.67
N LEU A 5 42.89 1.20 19.87
CA LEU A 5 41.94 2.13 20.46
C LEU A 5 42.25 2.55 21.89
N ALA A 6 42.70 3.78 22.04
CA ALA A 6 43.05 4.26 23.36
C ALA A 6 42.08 5.35 23.81
N ALA A 7 42.28 5.85 25.02
CA ALA A 7 41.41 6.86 25.60
C ALA A 7 42.21 7.65 26.63
N GLU A 8 42.24 8.98 26.52
CA GLU A 8 42.94 9.82 27.49
C GLU A 8 42.05 9.96 28.73
N ALA A 9 42.56 10.63 29.76
CA ALA A 9 41.80 10.79 30.97
C ALA A 9 40.68 11.32 30.15
N LEU A 10 39.56 10.59 30.21
CA LEU A 10 38.27 11.01 29.70
C LEU A 10 37.70 12.11 30.61
N THR A 11 36.97 13.06 30.08
CA THR A 11 36.07 13.73 30.98
C THR A 11 34.78 14.18 30.34
N TYR A 12 33.69 13.50 30.73
CA TYR A 12 32.37 13.80 30.21
C TYR A 12 31.30 13.53 31.25
N ALA A 13 30.36 14.43 31.31
CA ALA A 13 29.43 14.50 32.39
C ALA A 13 28.24 15.04 31.70
N PHE A 14 27.06 14.85 32.25
CA PHE A 14 25.89 15.26 31.53
C PHE A 14 25.38 16.64 31.98
N PRO A 15 24.59 16.71 33.14
CA PRO A 15 24.05 18.05 33.39
C PRO A 15 24.65 18.65 34.61
N GLY A 16 25.39 19.75 34.45
CA GLY A 16 25.74 20.65 35.54
C GLY A 16 26.57 20.15 36.73
N GLY A 17 27.38 19.10 36.57
CA GLY A 17 27.30 18.11 35.51
C GLY A 17 27.41 16.74 36.15
N VAL A 18 26.71 15.74 35.62
CA VAL A 18 26.67 14.46 36.30
C VAL A 18 27.99 13.75 36.35
N LYS A 19 28.86 14.01 35.40
CA LYS A 19 30.19 13.41 35.45
C LYS A 19 30.08 11.90 35.59
N ALA A 20 29.31 11.33 34.68
CA ALA A 20 29.23 9.91 34.43
C ALA A 20 30.59 9.34 34.11
N LEU A 21 31.42 10.09 33.41
CA LEU A 21 32.79 9.63 33.13
C LEU A 21 33.84 10.60 33.67
N ASP A 22 34.76 10.17 34.54
CA ASP A 22 35.66 11.12 35.26
C ASP A 22 37.14 10.74 35.14
N ASP A 23 37.79 11.25 34.10
CA ASP A 23 39.23 11.06 33.81
C ASP A 23 39.72 9.60 33.79
N LEU A 24 39.16 8.81 32.88
CA LEU A 24 39.52 7.40 32.76
C LEU A 24 40.29 7.11 31.47
N SER A 25 41.53 6.64 31.62
CA SER A 25 42.37 6.26 30.48
C SER A 25 42.12 4.76 30.22
N LEU A 26 42.18 4.33 28.97
CA LEU A 26 41.84 2.96 28.64
C LEU A 26 42.60 2.62 27.38
N ALA A 27 42.82 1.33 27.14
CA ALA A 27 43.60 0.90 26.01
C ALA A 27 43.07 -0.43 25.51
N VAL A 28 43.10 -0.62 24.20
CA VAL A 28 42.62 -1.83 23.56
C VAL A 28 43.65 -2.40 22.57
N PRO A 29 44.19 -3.60 22.86
CA PRO A 29 45.16 -4.33 22.00
C PRO A 29 44.54 -4.99 20.73
N LYS A 30 45.32 -5.78 20.00
CA LYS A 30 45.03 -6.08 18.61
C LYS A 30 44.50 -7.50 18.45
N GLY A 31 43.22 -7.64 18.12
CA GLY A 31 42.61 -8.95 17.99
C GLY A 31 42.44 -9.58 19.35
N GLU A 32 41.40 -9.19 20.06
CA GLU A 32 41.28 -9.43 21.48
C GLU A 32 39.91 -9.93 21.93
N SER A 33 39.61 -9.84 23.23
CA SER A 33 38.22 -9.84 23.64
C SER A 33 38.15 -9.05 24.94
N LEU A 34 37.82 -7.77 24.83
CA LEU A 34 37.89 -6.88 25.99
C LEU A 34 36.53 -6.69 26.63
N ALA A 35 36.46 -7.06 27.90
CA ALA A 35 35.25 -6.93 28.69
C ALA A 35 35.35 -5.74 29.63
N ILE A 36 34.59 -4.69 29.35
CA ILE A 36 34.50 -3.58 30.29
C ILE A 36 33.40 -3.89 31.29
N LEU A 37 33.86 -4.58 32.34
CA LEU A 37 33.04 -5.14 33.37
C LEU A 37 32.62 -4.11 34.42
N GLY A 38 31.35 -4.09 34.77
CA GLY A 38 30.90 -3.28 35.89
C GLY A 38 29.45 -3.39 36.34
N PRO A 39 29.01 -2.43 37.17
CA PRO A 39 27.62 -2.30 37.64
C PRO A 39 26.72 -1.76 36.54
N ASN A 40 25.41 -2.01 36.61
CA ASN A 40 24.52 -1.53 35.55
C ASN A 40 24.09 -0.09 35.81
N GLY A 41 23.93 0.67 34.74
CA GLY A 41 23.70 2.10 34.82
C GLY A 41 24.99 2.82 35.11
N ALA A 42 26.11 2.14 34.90
CA ALA A 42 27.41 2.76 35.11
C ALA A 42 27.80 3.54 33.86
N GLY A 43 26.96 3.46 32.83
CA GLY A 43 27.23 4.12 31.58
C GLY A 43 28.61 3.71 31.12
N LYS A 44 28.77 2.43 30.87
CA LYS A 44 29.78 1.90 29.98
C LYS A 44 29.44 2.39 28.59
N SER A 45 28.14 2.47 28.34
CA SER A 45 27.64 2.74 27.04
C SER A 45 28.21 4.03 26.60
N THR A 46 28.39 4.95 27.54
CA THR A 46 28.95 6.24 27.20
C THR A 46 30.33 6.09 26.65
N LEU A 47 31.10 5.23 27.30
CA LEU A 47 32.45 5.03 26.85
C LEU A 47 32.43 4.47 25.46
N LEU A 48 31.53 3.54 25.21
CA LEU A 48 31.46 2.91 23.89
C LEU A 48 31.09 3.90 22.81
N LEU A 49 30.13 4.75 23.11
CA LEU A 49 29.67 5.69 22.12
C LEU A 49 30.83 6.59 21.81
N HIS A 50 31.58 6.89 22.86
CA HIS A 50 32.72 7.77 22.74
C HIS A 50 33.72 7.18 21.81
N LEU A 51 33.96 5.90 21.99
CA LEU A 51 34.92 5.16 21.18
C LEU A 51 34.52 5.17 19.72
N ASN A 52 33.23 5.14 19.42
CA ASN A 52 32.82 5.14 18.01
C ASN A 52 32.47 6.48 17.33
N GLY A 53 32.88 7.57 17.95
CA GLY A 53 32.65 8.93 17.52
C GLY A 53 31.18 9.29 17.53
N THR A 54 30.43 8.73 18.47
CA THR A 54 29.04 9.14 18.67
C THR A 54 29.00 10.33 19.61
N LEU A 55 30.03 10.46 20.44
CA LEU A 55 30.09 11.54 21.41
C LEU A 55 31.45 12.22 21.40
N ARG A 56 31.46 13.53 21.61
CA ARG A 56 32.69 14.21 21.92
C ARG A 56 32.55 14.66 23.32
N PRO A 57 33.59 14.40 24.08
CA PRO A 57 33.68 14.78 25.49
C PRO A 57 34.10 16.22 25.72
N GLN A 58 34.38 16.55 26.97
CA GLN A 58 34.78 17.91 27.33
C GLN A 58 36.25 17.91 26.95
N SER A 59 36.91 16.83 27.30
CA SER A 59 38.33 16.63 27.05
C SER A 59 38.60 15.23 26.57
N GLY A 60 38.98 15.05 25.33
CA GLY A 60 38.93 13.70 24.80
C GLY A 60 40.01 13.33 23.83
N ARG A 61 40.57 12.14 24.02
CA ARG A 61 41.61 11.60 23.17
C ARG A 61 41.26 10.15 22.91
N VAL A 62 41.38 9.70 21.67
CA VAL A 62 41.02 8.33 21.34
C VAL A 62 42.27 7.69 20.78
N LEU A 63 42.21 7.31 19.51
CA LEU A 63 43.45 7.02 18.80
C LEU A 63 43.19 6.02 17.68
N LEU A 64 44.01 6.08 16.63
CA LEU A 64 43.86 5.16 15.51
C LEU A 64 45.01 4.16 15.49
N GLY A 65 45.97 4.35 14.58
CA GLY A 65 47.14 3.50 14.52
C GLY A 65 48.20 3.99 15.48
N GLY A 66 47.76 4.74 16.48
CA GLY A 66 48.65 5.32 17.46
C GLY A 66 48.67 6.84 17.37
N THR A 67 47.56 7.40 16.91
CA THR A 67 47.44 8.85 16.75
C THR A 67 46.02 9.44 16.86
N ALA A 68 45.95 10.63 17.43
CA ALA A 68 44.70 11.33 17.78
C ALA A 68 43.58 11.36 16.77
N ASP A 75 36.39 14.98 10.42
CA ASP A 75 36.20 13.90 9.47
C ASP A 75 36.62 12.56 10.05
N LEU A 76 35.69 11.62 10.11
CA LEU A 76 35.96 10.29 10.65
C LEU A 76 35.34 9.10 9.96
N THR A 77 34.66 9.36 8.85
CA THR A 77 33.88 8.41 8.09
C THR A 77 34.84 7.36 7.66
N GLY A 78 36.06 7.63 8.06
CA GLY A 78 37.11 6.65 8.25
C GLY A 78 36.97 6.04 9.63
N TRP A 79 36.73 6.86 10.64
CA TRP A 79 36.64 6.34 11.99
C TRP A 79 35.57 5.29 12.07
N ARG A 80 34.37 5.68 11.67
CA ARG A 80 33.25 4.79 11.90
C ARG A 80 33.51 3.55 11.07
N ARG A 81 34.14 3.76 9.93
CA ARG A 81 34.46 2.67 9.04
C ARG A 81 35.29 1.66 9.78
N ARG A 82 36.47 2.05 10.17
CA ARG A 82 37.36 1.16 10.88
C ARG A 82 36.66 0.46 12.03
N VAL A 83 35.79 1.18 12.75
CA VAL A 83 35.19 0.67 13.98
C VAL A 83 33.68 0.75 14.02
N GLY A 84 33.01 -0.37 14.25
CA GLY A 84 31.56 -0.44 14.15
C GLY A 84 30.88 -0.48 15.50
N LEU A 85 29.57 -0.53 15.49
CA LEU A 85 28.81 -0.46 16.73
C LEU A 85 27.49 -1.22 16.67
N VAL A 86 27.17 -1.84 17.79
CA VAL A 86 25.95 -2.61 17.98
C VAL A 86 25.38 -2.31 19.37
N LEU A 87 24.34 -1.48 19.45
CA LEU A 87 23.76 -1.12 20.74
C LEU A 87 22.86 -2.25 21.19
N GLN A 88 22.76 -2.46 22.50
CA GLN A 88 22.03 -3.60 23.09
C GLN A 88 20.69 -3.89 22.39
N ASP A 89 19.75 -2.96 22.40
CA ASP A 89 18.44 -3.24 21.82
C ASP A 89 18.50 -3.29 20.28
N ALA A 90 18.10 -4.42 19.71
CA ALA A 90 18.29 -4.63 18.28
C ALA A 90 17.38 -3.76 17.45
N ASP A 91 16.11 -3.67 17.81
CA ASP A 91 15.11 -3.03 16.94
C ASP A 91 15.37 -1.55 16.56
N ASP A 92 16.15 -0.85 17.38
CA ASP A 92 16.60 0.48 17.09
C ASP A 92 17.62 0.44 15.97
N GLN A 93 18.13 -0.73 15.68
CA GLN A 93 19.25 -0.79 14.74
C GLN A 93 18.95 -1.37 13.40
N LEU A 94 17.86 -2.12 13.41
CA LEU A 94 17.32 -2.67 12.21
C LEU A 94 16.29 -1.90 11.46
N PHE A 95 16.72 -1.01 10.59
CA PHE A 95 15.74 -0.23 9.85
C PHE A 95 14.77 -0.83 8.88
N ALA A 96 15.36 -1.29 7.80
CA ALA A 96 14.62 -1.48 6.59
C ALA A 96 13.86 -2.81 6.55
N THR A 97 13.17 -3.09 5.45
CA THR A 97 12.14 -4.12 5.43
C THR A 97 12.60 -5.59 5.59
N THR A 98 13.55 -6.08 4.77
CA THR A 98 14.09 -7.47 4.82
C THR A 98 15.55 -7.49 5.30
N VAL A 99 16.15 -8.67 5.42
CA VAL A 99 17.48 -8.81 6.05
C VAL A 99 18.57 -8.21 5.21
N PHE A 100 18.44 -8.50 3.93
CA PHE A 100 19.36 -8.06 2.93
C PHE A 100 19.32 -6.56 3.01
N GLU A 101 18.19 -5.94 3.23
CA GLU A 101 18.32 -4.53 3.15
C GLU A 101 19.25 -4.06 4.22
N ASP A 102 19.04 -4.52 5.45
CA ASP A 102 19.78 -3.99 6.57
C ASP A 102 21.29 -4.17 6.33
N VAL A 103 21.67 -5.29 5.73
CA VAL A 103 23.08 -5.59 5.57
C VAL A 103 23.63 -4.83 4.38
N SER A 104 22.82 -4.85 3.35
CA SER A 104 23.20 -4.28 2.10
C SER A 104 23.39 -2.83 2.37
N PHE A 105 22.50 -2.27 3.14
CA PHE A 105 22.44 -0.87 3.35
C PHE A 105 23.76 -0.47 3.93
N GLY A 106 24.29 -1.19 4.91
CA GLY A 106 25.55 -0.71 5.47
C GLY A 106 26.69 -0.69 4.46
N PRO A 107 27.00 -1.94 3.82
CA PRO A 107 28.02 -1.71 2.78
C PRO A 107 27.68 -0.70 1.73
N LEU A 108 26.44 -0.57 1.26
CA LEU A 108 26.02 0.41 0.24
C LEU A 108 26.03 1.91 0.60
N ASN A 109 25.84 2.11 1.91
CA ASN A 109 25.89 3.33 2.69
C ASN A 109 27.31 3.80 2.45
N LEU A 110 28.15 2.80 2.48
CA LEU A 110 29.45 2.74 1.89
C LEU A 110 29.26 2.78 0.35
N GLY A 111 30.25 3.37 -0.30
CA GLY A 111 30.24 3.50 -1.75
C GLY A 111 30.18 2.15 -2.44
N LEU A 112 30.16 1.09 -1.64
CA LEU A 112 30.10 -0.27 -2.19
C LEU A 112 29.07 -0.38 -3.29
N SER A 113 29.53 -0.60 -4.52
CA SER A 113 28.64 -0.73 -5.66
C SER A 113 27.91 -2.07 -5.66
N GLU A 114 26.65 -2.05 -6.08
CA GLU A 114 25.85 -3.25 -6.12
C GLU A 114 26.61 -4.55 -6.07
N ALA A 115 27.79 -4.54 -6.62
CA ALA A 115 28.47 -5.81 -6.87
C ALA A 115 29.59 -6.07 -5.86
N GLU A 116 29.92 -5.07 -5.04
CA GLU A 116 30.93 -5.22 -4.00
C GLU A 116 30.23 -5.37 -2.67
N ALA A 117 29.05 -4.78 -2.56
CA ALA A 117 28.15 -5.02 -1.44
C ALA A 117 27.56 -6.41 -1.60
N ARG A 118 27.28 -6.76 -2.86
CA ARG A 118 27.05 -8.13 -3.29
C ARG A 118 27.87 -9.14 -2.50
N ALA A 119 29.14 -8.81 -2.33
CA ALA A 119 30.12 -9.75 -1.82
C ALA A 119 30.88 -9.21 -0.61
N ARG A 120 30.20 -8.45 0.24
CA ARG A 120 30.73 -8.19 1.58
C ARG A 120 29.62 -8.42 2.58
N VAL A 121 28.40 -8.37 2.08
CA VAL A 121 27.33 -9.04 2.80
C VAL A 121 27.57 -10.55 2.71
N GLU A 122 28.57 -10.91 1.90
CA GLU A 122 29.02 -12.30 1.75
C GLU A 122 29.35 -12.95 3.13
N GLU A 123 30.45 -12.58 3.78
CA GLU A 123 30.90 -13.23 4.99
C GLU A 123 29.87 -12.94 6.04
N ALA A 124 29.40 -11.69 6.00
CA ALA A 124 28.63 -11.08 7.07
C ALA A 124 27.60 -12.07 7.55
N LEU A 125 26.69 -12.43 6.66
CA LEU A 125 25.69 -13.44 6.97
C LEU A 125 26.34 -14.78 7.34
N ALA A 126 27.34 -15.18 6.56
CA ALA A 126 28.01 -16.46 6.82
C ALA A 126 28.73 -16.45 8.17
N ALA A 127 29.61 -15.48 8.33
CA ALA A 127 30.50 -15.46 9.46
C ALA A 127 29.66 -15.38 10.71
N LEU A 128 28.60 -14.60 10.64
CA LEU A 128 27.65 -14.55 11.71
C LEU A 128 26.83 -15.80 11.89
N SER A 129 26.69 -16.58 10.82
CA SER A 129 25.94 -17.82 10.85
C SER A 129 24.45 -17.73 10.70
N ILE A 130 23.93 -16.58 10.30
CA ILE A 130 22.53 -16.54 9.91
C ILE A 130 22.53 -17.33 8.62
N SER A 131 21.42 -17.89 8.21
CA SER A 131 21.48 -18.80 7.09
C SER A 131 20.39 -18.51 6.09
N ASP A 132 20.53 -17.41 5.38
CA ASP A 132 19.43 -17.01 4.53
C ASP A 132 18.29 -16.47 5.47
N LEU A 133 16.99 -16.57 5.15
CA LEU A 133 16.42 -17.23 3.98
C LEU A 133 15.46 -16.43 3.10
N ARG A 134 15.60 -15.10 3.03
CA ARG A 134 16.65 -14.33 3.66
C ARG A 134 16.46 -12.88 3.37
N ASP A 135 15.65 -12.19 4.16
CA ASP A 135 14.96 -12.82 5.27
C ASP A 135 15.95 -13.34 6.31
N ARG A 136 15.59 -13.29 7.60
CA ARG A 136 14.32 -12.74 8.05
C ARG A 136 14.12 -11.31 7.56
N PRO A 137 12.86 -10.76 7.80
CA PRO A 137 12.71 -9.38 7.30
C PRO A 137 12.86 -8.35 8.41
N THR A 138 12.28 -7.17 8.22
CA THR A 138 12.35 -6.11 9.22
C THR A 138 11.99 -6.62 10.61
N HIS A 139 11.09 -7.60 10.65
CA HIS A 139 10.66 -8.18 11.92
C HIS A 139 9.71 -9.35 11.70
N MET A 140 9.82 -10.36 12.55
CA MET A 140 8.97 -11.54 12.44
C MET A 140 9.47 -12.66 13.35
N LEU A 141 10.33 -12.30 14.30
CA LEU A 141 10.89 -13.28 15.23
C LEU A 141 10.78 -12.78 16.67
N SER A 142 11.70 -13.24 17.51
CA SER A 142 11.71 -12.84 18.92
C SER A 142 12.66 -11.68 19.16
N GLY A 143 13.89 -12.00 19.54
CA GLY A 143 14.89 -10.99 19.80
C GLY A 143 16.27 -11.39 19.33
N GLY A 144 16.69 -12.60 19.72
CA GLY A 144 18.00 -13.11 19.34
C GLY A 144 18.31 -12.85 17.88
N GLN A 145 17.90 -13.78 17.02
CA GLN A 145 18.14 -13.67 15.59
C GLN A 145 18.33 -12.20 15.23
N LYS A 146 17.58 -11.31 15.89
CA LYS A 146 17.77 -9.90 15.61
C LYS A 146 19.16 -9.42 16.00
N ARG A 147 19.64 -9.90 17.15
CA ARG A 147 20.95 -9.46 17.61
C ARG A 147 21.91 -9.92 16.55
N ARG A 148 21.69 -11.13 16.09
CA ARG A 148 22.61 -11.68 15.12
C ARG A 148 22.64 -10.84 13.88
N VAL A 149 21.49 -10.45 13.35
CA VAL A 149 21.50 -9.65 12.12
C VAL A 149 22.16 -8.33 12.29
N ALA A 150 21.92 -7.69 13.42
CA ALA A 150 22.53 -6.39 13.66
C ALA A 150 24.04 -6.51 13.73
N ILE A 151 24.48 -7.57 14.38
CA ILE A 151 25.90 -7.83 14.51
C ILE A 151 26.47 -8.08 13.15
N ALA A 152 25.70 -8.74 12.33
CA ALA A 152 26.12 -9.00 10.98
C ALA A 152 26.33 -7.69 10.30
N GLY A 153 25.40 -6.78 10.52
CA GLY A 153 25.45 -5.48 9.89
C GLY A 153 26.71 -4.74 10.24
N ALA A 154 27.17 -4.88 11.47
CA ALA A 154 28.43 -4.20 11.84
C ALA A 154 29.69 -4.63 11.06
N VAL A 155 29.77 -5.91 10.80
CA VAL A 155 30.89 -6.69 10.30
C VAL A 155 31.01 -6.52 8.79
N ALA A 156 29.90 -6.18 8.14
CA ALA A 156 29.84 -5.99 6.70
C ALA A 156 30.65 -4.77 6.26
N MET A 157 31.34 -4.14 7.19
CA MET A 157 31.94 -2.85 6.94
C MET A 157 33.38 -2.74 7.43
N ARG A 158 34.22 -3.63 6.92
CA ARG A 158 35.65 -3.49 6.97
C ARG A 158 36.05 -3.17 8.39
N PRO A 159 35.43 -3.82 9.38
CA PRO A 159 35.67 -3.32 10.74
C PRO A 159 37.02 -3.76 11.30
N GLU A 160 37.67 -2.85 12.01
CA GLU A 160 38.88 -3.20 12.75
C GLU A 160 38.51 -3.50 14.18
N VAL A 161 37.58 -2.71 14.71
CA VAL A 161 37.11 -2.87 16.09
C VAL A 161 35.60 -2.93 16.15
N LEU A 162 35.08 -3.85 16.95
CA LEU A 162 33.66 -3.96 17.12
C LEU A 162 33.29 -3.47 18.51
N LEU A 163 32.50 -2.43 18.56
CA LEU A 163 31.94 -2.00 19.81
C LEU A 163 30.52 -2.52 19.89
N LEU A 164 30.20 -3.17 21.01
CA LEU A 164 28.83 -3.58 21.25
C LEU A 164 28.60 -3.80 22.74
N ASP A 165 27.44 -3.37 23.24
CA ASP A 165 27.00 -3.74 24.57
C ASP A 165 26.04 -4.94 24.55
N GLU A 166 25.29 -5.10 25.62
CA GLU A 166 25.35 -6.38 26.32
C GLU A 166 25.03 -7.47 25.31
N PRO A 167 26.03 -8.28 25.00
CA PRO A 167 25.92 -9.24 23.92
C PRO A 167 25.11 -10.40 24.44
N THR A 168 24.57 -10.35 25.66
CA THR A 168 23.74 -11.48 26.12
C THR A 168 22.52 -11.02 26.89
N ALA A 169 22.24 -9.73 26.86
CA ALA A 169 21.10 -9.17 27.57
C ALA A 169 19.78 -9.73 27.07
N GLY A 170 18.99 -10.28 28.01
CA GLY A 170 17.66 -10.77 27.72
C GLY A 170 17.70 -12.08 26.96
N LEU A 171 18.87 -12.43 26.45
CA LEU A 171 19.04 -13.67 25.70
C LEU A 171 19.15 -14.87 26.63
N ASP A 172 18.98 -16.06 26.08
CA ASP A 172 19.06 -17.29 26.86
C ASP A 172 20.49 -17.81 26.93
N LEU A 173 20.67 -18.96 27.56
CA LEU A 173 21.99 -19.57 27.70
C LEU A 173 22.41 -20.27 26.40
N ALA A 174 21.43 -20.78 25.67
CA ALA A 174 21.69 -21.46 24.44
C ALA A 174 21.98 -20.38 23.45
N GLY A 175 21.20 -19.31 23.54
CA GLY A 175 21.39 -18.21 22.64
C GLY A 175 22.75 -17.67 22.96
N THR A 176 23.03 -17.56 24.24
CA THR A 176 24.26 -16.97 24.65
C THR A 176 25.36 -17.84 24.13
N GLU A 177 25.19 -19.15 24.25
CA GLU A 177 26.25 -20.04 23.89
C GLU A 177 26.57 -19.89 22.41
N GLN A 178 25.54 -19.87 21.58
CA GLN A 178 25.76 -19.76 20.14
C GLN A 178 26.42 -18.45 19.75
N LEU A 179 25.94 -17.38 20.35
CA LEU A 179 26.46 -16.09 19.98
C LEU A 179 27.90 -16.10 20.37
N LEU A 180 28.18 -16.70 21.50
CA LEU A 180 29.50 -16.70 22.05
C LEU A 180 30.39 -17.42 21.08
N THR A 181 29.91 -18.53 20.56
CA THR A 181 30.71 -19.32 19.68
C THR A 181 31.06 -18.46 18.49
N LEU A 182 30.07 -17.76 17.94
CA LEU A 182 30.35 -16.94 16.77
C LEU A 182 31.31 -15.82 17.07
N LEU A 183 31.14 -15.19 18.22
CA LEU A 183 32.00 -14.09 18.57
C LEU A 183 33.40 -14.60 18.69
N ARG A 184 33.57 -15.76 19.30
CA ARG A 184 34.87 -16.32 19.51
C ARG A 184 35.51 -16.63 18.18
N GLY A 185 34.72 -17.13 17.25
CA GLY A 185 35.26 -17.43 15.93
C GLY A 185 35.73 -16.15 15.27
N LEU A 186 34.93 -15.11 15.45
CA LEU A 186 35.16 -13.79 14.89
C LEU A 186 36.46 -13.24 15.43
N ARG A 187 36.73 -13.61 16.65
CA ARG A 187 38.01 -13.30 17.28
C ARG A 187 39.04 -13.95 16.39
N ALA A 188 38.67 -15.13 15.92
CA ALA A 188 39.57 -15.96 15.11
C ALA A 188 39.94 -15.31 13.78
N ALA A 189 39.07 -14.43 13.28
CA ALA A 189 39.37 -13.70 12.05
C ALA A 189 40.30 -12.52 12.32
N GLY A 190 40.67 -12.34 13.59
CA GLY A 190 41.60 -11.29 13.97
C GLY A 190 40.91 -9.99 14.37
N MET A 191 39.61 -10.09 14.64
CA MET A 191 38.80 -8.94 15.03
C MET A 191 39.10 -8.51 16.45
N THR A 192 39.03 -7.22 16.69
CA THR A 192 39.16 -6.68 18.03
C THR A 192 37.80 -6.39 18.59
N LEU A 193 37.29 -7.29 19.42
CA LEU A 193 35.96 -7.10 19.98
C LEU A 193 36.05 -6.31 21.27
N VAL A 194 35.03 -5.50 21.54
CA VAL A 194 34.87 -4.82 22.82
C VAL A 194 33.42 -4.91 23.28
N PHE A 195 33.19 -5.63 24.36
CA PHE A 195 31.83 -5.79 24.86
C PHE A 195 31.73 -5.30 26.31
N SER A 196 30.53 -4.92 26.73
CA SER A 196 30.28 -4.52 28.12
C SER A 196 29.24 -5.45 28.69
N THR A 197 29.28 -5.73 29.98
CA THR A 197 28.41 -6.80 30.48
C THR A 197 28.06 -6.75 31.98
N HIS A 198 26.81 -7.12 32.31
CA HIS A 198 26.43 -7.38 33.69
C HIS A 198 27.08 -8.68 34.13
N ASP A 199 26.55 -9.73 33.53
CA ASP A 199 27.00 -11.09 33.71
C ASP A 199 28.50 -11.30 33.40
N VAL A 200 29.20 -11.79 34.41
CA VAL A 200 30.66 -11.84 34.44
C VAL A 200 31.11 -13.24 34.17
N GLU A 201 30.14 -14.14 34.28
CA GLU A 201 30.30 -15.39 33.65
C GLU A 201 30.65 -15.06 32.20
N LEU A 202 29.86 -14.17 31.61
CA LEU A 202 30.06 -13.77 30.23
C LEU A 202 31.49 -13.28 29.98
N ALA A 203 32.08 -12.57 30.94
CA ALA A 203 33.45 -12.09 30.79
C ALA A 203 34.40 -13.25 30.52
N ALA A 204 34.55 -14.10 31.53
CA ALA A 204 35.41 -15.26 31.41
C ALA A 204 35.00 -16.16 30.23
N ALA A 205 33.72 -16.17 29.93
CA ALA A 205 33.20 -16.92 28.82
C ALA A 205 33.57 -16.27 27.49
N LEU A 206 34.46 -15.28 27.52
CA LEU A 206 34.85 -14.62 26.28
C LEU A 206 36.09 -13.75 26.37
N ALA A 207 36.22 -13.02 27.47
CA ALA A 207 37.31 -12.07 27.58
C ALA A 207 38.63 -12.76 27.87
N ASP A 208 39.74 -12.07 27.66
CA ASP A 208 40.96 -12.42 28.38
C ASP A 208 41.67 -11.15 28.87
N ARG A 209 41.19 -9.97 28.47
CA ARG A 209 41.49 -8.77 29.21
C ARG A 209 40.19 -8.16 29.70
N VAL A 210 40.17 -7.79 30.97
CA VAL A 210 38.97 -7.32 31.61
C VAL A 210 39.30 -6.04 32.34
N ALA A 211 38.54 -4.98 32.06
CA ALA A 211 38.70 -3.69 32.73
C ALA A 211 37.50 -3.37 33.61
N LEU A 212 37.72 -3.32 34.92
CA LEU A 212 36.66 -3.01 35.87
C LEU A 212 36.31 -1.55 35.79
N PHE A 213 35.02 -1.24 35.91
CA PHE A 213 34.53 0.11 35.65
C PHE A 213 33.71 0.63 36.82
N ARG A 214 34.27 1.62 37.53
CA ARG A 214 33.60 2.19 38.69
C ARG A 214 33.37 3.69 38.52
N THR A 215 32.36 4.21 39.20
CA THR A 215 32.05 5.63 39.16
C THR A 215 32.15 5.79 37.65
N GLY A 216 33.06 6.66 37.21
CA GLY A 216 33.49 6.68 35.82
C GLY A 216 34.73 5.97 35.32
N ARG A 217 35.40 5.25 36.22
CA ARG A 217 36.84 5.12 36.17
C ARG A 217 37.28 3.65 36.08
N VAL A 218 38.20 3.37 35.18
CA VAL A 218 38.75 2.03 35.05
C VAL A 218 39.74 1.80 36.15
N LEU A 219 39.25 1.38 37.31
CA LEU A 219 40.13 1.22 38.46
C LEU A 219 41.03 0.00 38.28
N ALA A 220 40.60 -0.97 37.47
CA ALA A 220 41.42 -2.14 37.27
C ALA A 220 41.32 -2.67 35.85
N GLU A 221 42.43 -3.18 35.34
CA GLU A 221 42.44 -3.87 34.05
C GLU A 221 43.53 -4.90 33.78
N GLY A 222 43.30 -5.62 32.69
CA GLY A 222 44.32 -6.26 31.88
C GLY A 222 44.80 -7.68 32.09
N ALA A 223 44.31 -8.35 33.11
CA ALA A 223 44.52 -9.78 33.21
C ALA A 223 43.15 -10.40 33.27
N ALA A 224 42.80 -11.12 32.21
CA ALA A 224 41.44 -11.49 32.09
C ALA A 224 41.19 -12.32 33.31
N GLU A 225 42.11 -13.21 33.60
CA GLU A 225 42.05 -13.98 34.82
C GLU A 225 42.28 -13.16 36.08
N ALA A 226 43.22 -12.23 35.99
CA ALA A 226 43.70 -11.63 37.20
C ALA A 226 42.54 -10.93 37.84
N VAL A 227 41.82 -10.20 37.02
CA VAL A 227 40.75 -9.39 37.53
C VAL A 227 39.70 -10.26 38.13
N LEU A 228 39.54 -11.43 37.57
CA LEU A 228 38.48 -12.30 38.00
C LEU A 228 38.97 -13.20 39.09
N SER A 229 40.18 -12.97 39.58
CA SER A 229 40.67 -13.79 40.69
C SER A 229 41.10 -12.98 41.89
N ASP A 230 41.20 -11.68 41.65
CA ASP A 230 41.46 -10.72 42.68
C ASP A 230 40.03 -10.39 43.17
N ARG A 231 39.60 -11.17 44.15
CA ARG A 231 38.22 -11.13 44.52
C ARG A 231 37.97 -9.74 45.02
N ALA A 232 38.96 -9.20 45.71
CA ALA A 232 38.78 -7.97 46.45
C ALA A 232 38.47 -6.82 45.54
N THR A 233 39.05 -6.88 44.37
CA THR A 233 38.90 -5.78 43.46
C THR A 233 37.42 -5.74 43.07
N LEU A 234 36.88 -6.93 42.84
CA LEU A 234 35.52 -7.14 42.36
C LEU A 234 34.47 -6.55 43.29
N ALA A 235 34.75 -6.60 44.59
CA ALA A 235 33.82 -6.12 45.60
C ALA A 235 33.63 -4.61 45.55
N LYS A 236 34.63 -3.92 45.02
CA LYS A 236 34.59 -2.46 44.94
C LYS A 236 33.40 -2.00 44.08
N VAL A 237 33.27 -2.63 42.93
CA VAL A 237 32.20 -2.38 41.97
C VAL A 237 30.99 -3.28 42.28
N ALA A 238 31.02 -3.92 43.45
CA ALA A 238 29.97 -4.83 43.88
C ALA A 238 29.75 -5.98 42.90
N LEU A 239 30.82 -6.72 42.61
CA LEU A 239 30.71 -7.94 41.84
C LEU A 239 31.53 -9.03 42.51
N ARG A 240 31.12 -10.28 42.32
CA ARG A 240 31.88 -11.44 42.79
C ARG A 240 32.43 -12.16 41.58
N PRO A 241 33.51 -12.93 41.76
CA PRO A 241 34.13 -13.70 40.68
C PRO A 241 33.19 -14.78 40.08
N PRO A 242 33.44 -15.21 38.83
CA PRO A 242 32.70 -16.36 38.27
C PRO A 242 32.71 -17.57 39.18
N LEU A 243 31.53 -18.14 39.23
CA LEU A 243 31.23 -19.33 39.96
C LEU A 243 32.54 -20.01 40.28
N VAL A 244 32.81 -21.11 39.57
CA VAL A 244 33.90 -22.01 39.80
C VAL A 244 35.11 -21.27 40.25
N ILE A 245 35.51 -20.27 39.48
CA ILE A 245 36.75 -19.67 39.91
C ILE A 245 36.65 -19.23 41.37
N ASP A 246 35.49 -18.71 41.74
CA ASP A 246 35.31 -18.30 43.12
C ASP A 246 35.40 -19.52 44.00
N LEU A 247 34.82 -20.61 43.52
CA LEU A 247 34.82 -21.83 44.27
C LEU A 247 36.23 -22.30 44.42
N ALA A 248 36.81 -22.38 43.24
CA ALA A 248 38.09 -22.98 42.99
C ALA A 248 39.12 -22.17 43.69
N LEU A 249 38.84 -20.90 43.89
CA LEU A 249 39.63 -20.15 44.83
C LEU A 249 39.39 -20.81 46.19
N LEU A 250 38.13 -21.00 46.55
CA LEU A 250 37.79 -21.58 47.84
C LEU A 250 38.22 -23.03 47.92
N ALA A 251 37.94 -23.69 46.81
CA ALA A 251 38.17 -25.11 46.73
C ALA A 251 39.63 -25.27 46.89
N ARG A 252 40.39 -24.41 46.23
CA ARG A 252 41.84 -24.46 46.25
C ARG A 252 42.37 -24.24 47.67
N ASP A 253 41.75 -23.29 48.38
CA ASP A 253 42.20 -23.02 49.72
C ASP A 253 42.12 -24.30 50.49
N HIS A 254 41.00 -25.04 50.39
CA HIS A 254 40.91 -26.27 51.20
C HIS A 254 41.48 -27.52 50.51
N GLY A 255 41.77 -27.34 49.23
CA GLY A 255 41.70 -28.40 48.26
C GLY A 255 42.92 -29.06 47.67
N LEU A 256 44.12 -28.74 48.16
CA LEU A 256 45.31 -29.33 47.55
C LEU A 256 45.31 -28.90 46.11
N LEU A 257 45.07 -27.63 45.89
CA LEU A 257 44.65 -27.15 44.59
C LEU A 257 45.70 -26.31 43.87
N ALA A 258 46.01 -26.70 42.63
CA ALA A 258 46.91 -25.94 41.77
C ALA A 258 46.19 -25.31 40.57
N PRO A 259 45.37 -26.18 39.85
CA PRO A 259 44.71 -25.56 38.70
C PRO A 259 43.18 -25.68 38.76
N GLU A 260 42.46 -24.78 38.09
CA GLU A 260 40.99 -24.80 38.10
C GLU A 260 40.37 -24.98 36.70
N ALA A 261 39.49 -25.96 36.57
CA ALA A 261 38.90 -26.35 35.28
C ALA A 261 37.37 -26.38 35.28
N PRO A 262 36.77 -25.64 34.35
CA PRO A 262 35.32 -25.44 34.41
C PRO A 262 34.61 -26.76 34.34
N LEU A 263 35.06 -27.66 33.47
CA LEU A 263 34.51 -28.99 33.49
C LEU A 263 35.03 -29.54 34.80
N PRO A 264 34.30 -30.59 35.38
CA PRO A 264 34.72 -30.88 36.76
C PRO A 264 36.17 -31.31 36.89
N LYS A 265 36.86 -30.70 37.83
CA LYS A 265 38.25 -31.06 38.10
C LYS A 265 38.35 -31.82 39.40
N THR A 266 37.23 -31.91 40.09
CA THR A 266 37.08 -32.54 41.38
C THR A 266 38.05 -33.66 41.63
N ARG A 267 38.51 -33.78 42.88
CA ARG A 267 39.34 -34.89 43.29
C ARG A 267 38.39 -36.03 43.65
N ASP A 268 38.93 -37.21 43.94
CA ASP A 268 38.10 -38.38 44.11
C ASP A 268 38.40 -39.24 45.33
N ALA A 269 39.26 -40.23 45.16
CA ALA A 269 39.45 -41.27 46.14
C ALA A 269 40.50 -42.23 45.61
N LEU A 270 40.72 -43.37 46.26
CA LEU A 270 40.06 -43.72 47.52
C LEU A 270 40.99 -44.44 48.48
N MET B 1 -4.57 -27.87 51.22
CA MET B 1 -5.98 -27.49 51.13
C MET B 1 -6.22 -26.86 49.76
N THR B 2 -7.46 -26.47 49.46
CA THR B 2 -7.83 -25.80 48.21
C THR B 2 -6.81 -24.72 47.83
N PRO B 3 -6.32 -24.76 46.57
CA PRO B 3 -5.43 -23.77 45.98
C PRO B 3 -6.03 -22.38 45.95
N ILE B 4 -5.15 -21.40 46.01
CA ILE B 4 -5.46 -19.99 45.99
C ILE B 4 -5.69 -19.47 44.60
N LEU B 5 -4.92 -19.91 43.63
CA LEU B 5 -5.24 -19.61 42.24
C LEU B 5 -5.03 -20.82 41.38
N ALA B 6 -6.07 -21.46 40.84
CA ALA B 6 -5.89 -22.64 39.99
C ALA B 6 -6.55 -22.28 38.67
N ALA B 7 -5.86 -22.56 37.57
CA ALA B 7 -6.44 -22.27 36.26
C ALA B 7 -6.75 -23.57 35.55
N GLU B 8 -7.96 -23.69 35.02
CA GLU B 8 -8.33 -24.85 34.23
C GLU B 8 -7.57 -24.85 32.90
N ALA B 9 -8.02 -25.70 31.98
CA ALA B 9 -7.48 -25.80 30.63
C ALA B 9 -6.05 -25.31 30.48
N LEU B 10 -5.89 -23.99 30.30
CA LEU B 10 -7.04 -23.10 30.26
C LEU B 10 -7.55 -22.91 28.83
N THR B 11 -6.62 -22.97 27.88
CA THR B 11 -6.97 -22.85 26.47
C THR B 11 -6.89 -21.40 25.97
N TYR B 12 -6.45 -21.25 24.72
CA TYR B 12 -6.36 -19.93 24.08
C TYR B 12 -5.40 -19.97 22.89
N ALA B 13 -5.63 -19.11 21.91
CA ALA B 13 -4.77 -19.05 20.74
C ALA B 13 -4.99 -17.69 20.12
N PHE B 14 -4.46 -17.45 18.92
CA PHE B 14 -4.95 -16.28 18.21
C PHE B 14 -6.17 -16.81 17.48
N PRO B 15 -7.14 -15.96 17.20
CA PRO B 15 -8.10 -16.30 16.17
C PRO B 15 -7.40 -16.22 14.83
N GLY B 16 -7.77 -17.12 13.91
CA GLY B 16 -7.06 -17.29 12.65
C GLY B 16 -5.61 -17.62 12.86
N GLY B 17 -5.32 -18.49 13.83
CA GLY B 17 -3.97 -18.65 14.32
C GLY B 17 -3.54 -19.94 14.97
N VAL B 18 -2.24 -19.99 15.25
CA VAL B 18 -1.57 -21.08 15.92
C VAL B 18 -2.07 -21.04 17.33
N LYS B 19 -1.62 -22.00 18.14
CA LYS B 19 -2.01 -22.08 19.53
C LYS B 19 -1.54 -20.87 20.32
N ALA B 20 -2.22 -20.58 21.43
CA ALA B 20 -1.87 -19.44 22.27
C ALA B 20 -1.66 -19.87 23.72
N LEU B 21 -2.57 -20.68 24.23
CA LEU B 21 -2.48 -21.16 25.61
C LEU B 21 -3.32 -22.43 25.80
N ASP B 22 -2.84 -23.54 25.24
CA ASP B 22 -3.54 -24.81 25.36
C ASP B 22 -4.31 -24.90 26.66
N ASP B 23 -4.72 -26.11 27.03
CA ASP B 23 -5.48 -26.33 28.25
C ASP B 23 -4.56 -26.75 29.40
N LEU B 24 -3.89 -25.77 30.01
CA LEU B 24 -2.98 -26.03 31.12
C LEU B 24 -3.53 -25.47 32.42
N SER B 25 -4.23 -26.31 33.18
CA SER B 25 -4.80 -25.89 34.46
C SER B 25 -3.79 -26.06 35.59
N LEU B 26 -2.91 -25.09 35.74
CA LEU B 26 -1.90 -25.13 36.77
C LEU B 26 -2.61 -24.63 38.02
N ALA B 27 -2.36 -25.27 39.16
CA ALA B 27 -2.96 -24.91 40.43
C ALA B 27 -1.81 -24.38 41.29
N VAL B 28 -2.00 -23.23 41.93
CA VAL B 28 -1.01 -22.76 42.89
C VAL B 28 -1.58 -22.81 44.32
N PRO B 29 -0.77 -23.34 45.24
CA PRO B 29 -1.17 -23.47 46.64
C PRO B 29 -0.64 -22.36 47.56
N LYS B 30 -1.48 -21.36 47.79
CA LYS B 30 -1.22 -20.28 48.78
C LYS B 30 0.11 -20.27 49.55
N GLY B 31 0.95 -19.29 49.28
CA GLY B 31 2.11 -19.07 50.11
C GLY B 31 3.34 -19.80 49.64
N GLU B 32 3.56 -19.81 48.34
CA GLU B 32 4.75 -20.43 47.76
C GLU B 32 5.36 -19.61 46.64
N SER B 33 6.35 -20.20 45.98
CA SER B 33 7.10 -19.57 44.91
C SER B 33 7.20 -20.48 43.70
N LEU B 34 6.18 -20.43 42.86
CA LEU B 34 6.18 -21.21 41.65
C LEU B 34 6.97 -20.52 40.56
N ALA B 35 7.64 -21.29 39.71
CA ALA B 35 8.43 -20.66 38.66
C ALA B 35 8.22 -21.22 37.28
N ILE B 36 7.12 -20.83 36.62
CA ILE B 36 6.89 -21.20 35.22
C ILE B 36 8.17 -21.07 34.41
N LEU B 37 8.46 -22.04 33.53
CA LEU B 37 9.80 -22.11 32.94
C LEU B 37 9.89 -22.71 31.51
N GLY B 38 11.04 -22.43 30.89
CA GLY B 38 11.30 -22.54 29.46
C GLY B 38 11.95 -21.22 29.00
N PRO B 39 12.55 -21.18 27.80
CA PRO B 39 12.79 -19.93 27.02
C PRO B 39 11.66 -19.62 26.00
N ASN B 40 10.98 -18.46 26.11
CA ASN B 40 9.59 -18.20 25.62
C ASN B 40 9.42 -18.29 24.10
N GLY B 41 8.20 -17.99 23.66
CA GLY B 41 7.63 -18.52 22.44
C GLY B 41 6.76 -19.69 22.85
N ALA B 42 6.80 -19.98 24.15
CA ALA B 42 5.96 -20.99 24.81
C ALA B 42 4.71 -20.24 25.31
N GLY B 43 4.92 -18.99 25.74
CA GLY B 43 3.83 -18.09 26.10
C GLY B 43 3.59 -17.92 27.58
N LYS B 44 4.65 -18.04 28.37
CA LYS B 44 4.54 -17.73 29.80
C LYS B 44 4.10 -16.28 29.98
N SER B 45 4.66 -15.40 29.16
CA SER B 45 4.17 -14.05 29.11
C SER B 45 2.67 -14.03 28.81
N THR B 46 2.15 -15.08 28.19
CA THR B 46 0.73 -15.11 27.86
C THR B 46 -0.06 -15.78 28.95
N LEU B 47 0.53 -16.79 29.58
CA LEU B 47 -0.12 -17.49 30.68
C LEU B 47 -0.57 -16.50 31.74
N LEU B 48 0.40 -15.78 32.32
CA LEU B 48 0.16 -14.75 33.32
C LEU B 48 -1.02 -13.90 32.91
N LEU B 49 -1.09 -13.58 31.62
CA LEU B 49 -2.07 -12.64 31.13
C LEU B 49 -3.51 -13.11 31.35
N HIS B 50 -3.67 -14.39 31.55
CA HIS B 50 -4.97 -14.92 31.83
C HIS B 50 -5.23 -15.05 33.31
N LEU B 51 -4.16 -15.06 34.10
CA LEU B 51 -4.22 -15.28 35.52
C LEU B 51 -4.47 -13.96 36.28
N ASN B 52 -4.45 -12.83 35.55
CA ASN B 52 -5.03 -11.63 36.11
C ASN B 52 -6.41 -11.41 35.51
N GLY B 53 -6.58 -11.67 34.23
CA GLY B 53 -7.88 -11.48 33.59
C GLY B 53 -7.77 -10.58 32.38
N THR B 54 -6.54 -10.11 32.16
CA THR B 54 -6.19 -9.36 30.97
C THR B 54 -6.78 -9.99 29.75
N LEU B 55 -6.60 -11.30 29.67
CA LEU B 55 -7.06 -12.09 28.53
C LEU B 55 -8.20 -13.01 28.91
N ARG B 56 -9.25 -12.97 28.11
CA ARG B 56 -10.34 -13.93 28.23
C ARG B 56 -10.01 -15.04 27.25
N PRO B 57 -9.71 -16.25 27.78
CA PRO B 57 -9.39 -17.40 26.95
C PRO B 57 -10.66 -17.90 26.23
N GLN B 58 -10.55 -18.57 25.08
CA GLN B 58 -11.75 -19.05 24.35
C GLN B 58 -12.53 -20.06 25.20
N SER B 59 -11.71 -20.88 25.85
CA SER B 59 -12.05 -21.79 26.94
C SER B 59 -10.88 -22.00 27.92
N GLY B 60 -11.26 -22.19 29.18
CA GLY B 60 -10.38 -22.27 30.34
C GLY B 60 -11.35 -21.44 31.19
N ARG B 61 -11.19 -21.64 32.48
CA ARG B 61 -11.65 -20.75 33.50
C ARG B 61 -10.61 -20.90 34.57
N VAL B 62 -10.22 -19.80 35.20
CA VAL B 62 -9.36 -19.92 36.34
C VAL B 62 -10.27 -19.49 37.47
N LEU B 63 -10.11 -20.18 38.59
CA LEU B 63 -10.83 -19.89 39.82
C LEU B 63 -9.84 -19.46 40.89
N LEU B 64 -10.16 -18.34 41.52
CA LEU B 64 -9.33 -17.70 42.50
C LEU B 64 -9.87 -18.06 43.84
N GLY B 65 -8.97 -18.67 44.59
CA GLY B 65 -9.12 -19.14 45.97
C GLY B 65 -10.03 -20.34 46.27
N GLY B 66 -11.22 -20.32 45.83
CA GLY B 66 -12.14 -21.37 45.49
C GLY B 66 -13.12 -21.62 44.36
N THR B 67 -13.43 -20.61 43.57
CA THR B 67 -14.49 -20.77 42.57
C THR B 67 -14.16 -19.78 41.46
N ALA B 68 -15.06 -19.57 40.52
CA ALA B 68 -14.71 -18.90 39.29
C ALA B 68 -15.31 -17.51 39.10
N THR B 69 -14.47 -16.56 38.70
CA THR B 69 -14.83 -15.16 38.55
C THR B 69 -15.58 -14.85 37.28
N GLY B 70 -16.35 -13.77 37.33
CA GLY B 70 -17.16 -13.35 36.19
C GLY B 70 -16.45 -12.34 35.33
N HIS B 71 -15.68 -12.82 34.36
CA HIS B 71 -14.78 -11.97 33.61
C HIS B 71 -15.48 -10.97 32.70
N SER B 72 -15.26 -11.12 31.41
CA SER B 72 -15.84 -10.22 30.42
C SER B 72 -15.99 -8.77 30.88
N ARG B 73 -16.46 -8.56 32.10
CA ARG B 73 -16.50 -7.24 32.71
C ARG B 73 -16.62 -7.30 34.23
N LYS B 74 -16.27 -6.20 34.91
CA LYS B 74 -16.79 -5.90 36.23
C LYS B 74 -16.10 -6.71 37.29
N ASP B 75 -16.23 -8.01 37.15
CA ASP B 75 -15.69 -8.95 38.10
C ASP B 75 -14.19 -8.74 38.09
N LEU B 76 -13.66 -8.54 36.90
CA LEU B 76 -12.23 -8.57 36.67
C LEU B 76 -11.62 -7.56 37.60
N THR B 77 -12.37 -6.50 37.86
CA THR B 77 -11.94 -5.44 38.71
C THR B 77 -11.62 -6.07 40.03
N GLY B 78 -12.40 -7.06 40.39
CA GLY B 78 -12.15 -7.72 41.67
C GLY B 78 -10.93 -8.65 41.64
N TRP B 79 -10.82 -9.32 40.52
CA TRP B 79 -9.80 -10.28 40.31
C TRP B 79 -8.48 -9.57 40.37
N ARG B 80 -8.43 -8.41 39.75
CA ARG B 80 -7.20 -7.69 39.69
C ARG B 80 -6.82 -7.33 41.07
N ARG B 81 -7.78 -6.90 41.87
CA ARG B 81 -7.42 -6.44 43.20
C ARG B 81 -6.75 -7.54 43.92
N ARG B 82 -7.26 -8.75 43.78
CA ARG B 82 -6.54 -9.90 44.35
C ARG B 82 -5.18 -10.33 43.74
N VAL B 83 -5.06 -10.28 42.42
CA VAL B 83 -3.98 -10.83 41.59
C VAL B 83 -3.19 -9.78 40.83
N GLY B 84 -1.86 -9.79 40.93
CA GLY B 84 -1.08 -8.71 40.36
C GLY B 84 -0.06 -9.07 39.31
N LEU B 85 0.12 -8.18 38.35
CA LEU B 85 1.01 -8.45 37.22
C LEU B 85 2.20 -7.47 37.14
N VAL B 86 3.40 -8.02 37.02
CA VAL B 86 4.58 -7.23 36.76
C VAL B 86 5.22 -7.69 35.44
N LEU B 87 4.90 -6.97 34.38
CA LEU B 87 5.32 -7.24 33.00
C LEU B 87 6.83 -7.11 32.80
N GLN B 88 7.28 -7.52 31.63
CA GLN B 88 8.70 -7.52 31.35
C GLN B 88 9.16 -6.08 31.37
N ASP B 89 8.54 -5.31 30.49
CA ASP B 89 8.92 -3.96 30.14
C ASP B 89 8.31 -2.94 31.07
N ALA B 90 9.11 -2.44 32.02
CA ALA B 90 8.64 -1.54 33.08
C ALA B 90 7.97 -0.27 32.61
N ASP B 91 8.14 -0.03 31.31
CA ASP B 91 7.64 1.15 30.65
C ASP B 91 6.28 0.76 30.10
N ASP B 92 5.72 -0.35 30.54
CA ASP B 92 4.39 -0.68 30.07
C ASP B 92 3.38 -0.63 31.22
N GLN B 93 3.86 -0.39 32.44
CA GLN B 93 2.97 -0.12 33.56
C GLN B 93 3.34 1.16 34.32
N LEU B 94 4.25 1.94 33.75
CA LEU B 94 4.54 3.28 34.25
C LEU B 94 4.32 4.54 33.43
N PHE B 95 3.16 5.17 33.61
CA PHE B 95 2.93 6.51 33.11
C PHE B 95 3.37 7.80 33.81
N ALA B 96 2.88 8.00 35.03
CA ALA B 96 3.73 7.93 36.21
C ALA B 96 4.82 8.98 36.40
N THR B 97 4.46 10.25 36.23
CA THR B 97 5.44 11.30 36.00
C THR B 97 6.61 11.30 36.98
N THR B 98 6.30 11.05 38.25
CA THR B 98 7.30 10.64 39.22
C THR B 98 6.99 9.27 39.80
N VAL B 99 7.89 8.76 40.63
CA VAL B 99 7.68 7.49 41.30
C VAL B 99 6.46 7.53 42.21
N PHE B 100 6.43 8.48 43.14
CA PHE B 100 5.33 8.56 44.09
C PHE B 100 4.04 8.67 43.32
N GLU B 101 4.03 9.57 42.37
CA GLU B 101 2.85 9.81 41.57
C GLU B 101 2.38 8.55 40.86
N ASP B 102 3.30 7.61 40.68
CA ASP B 102 3.00 6.37 40.00
C ASP B 102 2.32 5.36 40.92
N VAL B 103 3.13 4.86 41.84
CA VAL B 103 2.71 3.97 42.88
C VAL B 103 1.33 4.38 43.37
N SER B 104 1.21 5.64 43.75
CA SER B 104 -0.03 6.18 44.26
C SER B 104 -1.22 6.01 43.34
N PHE B 105 -0.97 5.58 42.11
CA PHE B 105 -2.09 5.28 41.22
C PHE B 105 -2.85 4.15 41.84
N GLY B 106 -2.13 3.16 42.33
CA GLY B 106 -2.71 1.91 42.77
C GLY B 106 -3.89 2.07 43.71
N PRO B 107 -3.60 2.41 44.97
CA PRO B 107 -4.61 2.56 46.02
C PRO B 107 -5.69 3.58 45.69
N LEU B 108 -5.44 4.49 44.75
CA LEU B 108 -6.46 5.48 44.37
C LEU B 108 -7.60 5.06 43.48
N ASN B 109 -7.33 4.21 42.50
CA ASN B 109 -8.40 3.72 41.66
C ASN B 109 -8.61 2.32 42.26
N LEU B 110 -8.13 2.15 43.49
CA LEU B 110 -8.27 0.88 44.19
C LEU B 110 -9.35 0.95 45.27
N GLY B 111 -9.65 2.17 45.72
CA GLY B 111 -10.64 2.38 46.74
C GLY B 111 -10.05 2.90 48.04
N LEU B 112 -9.80 4.21 48.09
CA LEU B 112 -9.22 4.83 49.28
C LEU B 112 -9.08 6.33 49.09
N SER B 113 -9.31 7.08 50.17
CA SER B 113 -9.20 8.53 50.13
C SER B 113 -7.78 8.97 49.81
N GLU B 114 -7.43 10.18 50.23
CA GLU B 114 -6.10 10.71 49.98
C GLU B 114 -5.09 10.39 51.10
N ALA B 115 -5.41 10.61 52.36
CA ALA B 115 -4.38 10.46 53.39
C ALA B 115 -3.88 9.03 53.47
N GLU B 116 -4.82 8.11 53.49
CA GLU B 116 -4.50 6.72 53.63
C GLU B 116 -3.76 6.20 52.43
N ALA B 117 -4.11 6.69 51.26
CA ALA B 117 -3.44 6.26 50.06
C ALA B 117 -2.02 6.66 50.12
N ARG B 118 -1.78 7.86 50.61
CA ARG B 118 -0.40 8.33 50.67
C ARG B 118 0.31 7.40 51.59
N ALA B 119 -0.36 7.04 52.65
CA ALA B 119 0.28 6.21 53.65
C ALA B 119 0.69 4.92 53.02
N ARG B 120 -0.22 4.37 52.23
CA ARG B 120 0.00 3.09 51.59
C ARG B 120 1.13 3.14 50.61
N VAL B 121 1.23 4.23 49.88
CA VAL B 121 2.31 4.34 48.93
C VAL B 121 3.58 4.31 49.74
N GLU B 122 3.62 5.09 50.81
CA GLU B 122 4.87 5.26 51.51
C GLU B 122 5.30 3.92 52.00
N GLU B 123 4.34 3.06 52.34
CA GLU B 123 4.70 1.70 52.73
C GLU B 123 5.41 0.90 51.63
N ALA B 124 4.90 0.96 50.41
CA ALA B 124 5.41 0.15 49.30
C ALA B 124 6.78 0.63 48.85
N LEU B 125 6.99 1.95 48.89
CA LEU B 125 8.26 2.54 48.48
C LEU B 125 9.39 2.08 49.36
N ALA B 126 9.11 1.97 50.65
CA ALA B 126 10.09 1.41 51.56
C ALA B 126 10.11 -0.11 51.43
N ALA B 127 9.00 -0.69 50.99
CA ALA B 127 8.93 -2.13 50.78
C ALA B 127 9.80 -2.60 49.62
N LEU B 128 10.33 -1.66 48.85
CA LEU B 128 11.24 -1.99 47.75
C LEU B 128 12.50 -1.16 47.85
N SER B 129 12.71 -0.60 49.03
CA SER B 129 13.87 0.22 49.33
C SER B 129 14.05 1.36 48.29
N ILE B 130 12.95 2.01 47.93
CA ILE B 130 12.99 3.17 47.05
C ILE B 130 12.40 4.40 47.73
N SER B 131 12.45 4.44 49.05
CA SER B 131 11.84 5.56 49.74
C SER B 131 12.70 6.79 49.56
N ASP B 132 13.89 6.63 49.02
CA ASP B 132 14.73 7.77 48.75
C ASP B 132 14.70 8.11 47.26
N LEU B 133 13.87 7.38 46.53
CA LEU B 133 13.60 7.68 45.13
C LEU B 133 12.18 8.14 44.92
N ARG B 134 11.67 8.97 45.82
CA ARG B 134 10.23 9.15 45.93
C ARG B 134 9.71 10.13 44.92
N ASP B 135 10.41 11.25 44.80
CA ASP B 135 9.90 12.34 43.99
C ASP B 135 10.78 12.72 42.82
N ARG B 136 11.52 11.74 42.32
CA ARG B 136 12.31 11.94 41.11
C ARG B 136 11.62 11.18 39.97
N PRO B 137 11.74 11.68 38.73
CA PRO B 137 10.82 11.27 37.65
C PRO B 137 11.22 9.95 37.08
N THR B 138 10.27 9.19 36.53
CA THR B 138 10.48 7.77 36.27
C THR B 138 11.52 7.56 35.19
N HIS B 139 11.41 8.27 34.07
CA HIS B 139 12.27 7.98 32.95
C HIS B 139 13.69 8.36 33.30
N MET B 140 13.91 8.71 34.56
CA MET B 140 15.25 9.13 34.98
C MET B 140 15.58 8.03 35.99
N LEU B 141 15.23 6.80 35.67
CA LEU B 141 15.49 5.68 36.55
C LEU B 141 16.09 4.49 35.78
N SER B 142 17.20 3.95 36.30
CA SER B 142 17.81 2.72 35.78
C SER B 142 16.79 1.60 35.68
N GLY B 143 17.00 0.72 34.70
CA GLY B 143 16.09 -0.37 34.36
C GLY B 143 15.55 -1.17 35.53
N GLY B 144 16.46 -1.50 36.45
CA GLY B 144 16.10 -2.27 37.64
C GLY B 144 15.12 -1.54 38.53
N GLN B 145 15.56 -0.35 38.95
CA GLN B 145 14.77 0.66 39.69
C GLN B 145 13.32 0.77 39.25
N LYS B 146 13.12 0.93 37.95
CA LYS B 146 11.76 1.01 37.45
C LYS B 146 10.99 -0.33 37.51
N ARG B 147 11.65 -1.50 37.54
CA ARG B 147 10.85 -2.70 37.88
C ARG B 147 10.41 -2.58 39.33
N ARG B 148 11.36 -2.29 40.20
CA ARG B 148 11.09 -2.07 41.61
C ARG B 148 9.95 -1.10 41.81
N VAL B 149 9.87 -0.09 40.95
CA VAL B 149 8.74 0.81 41.02
C VAL B 149 7.43 0.16 40.54
N ALA B 150 7.49 -0.60 39.46
CA ALA B 150 6.27 -1.16 38.87
C ALA B 150 5.83 -2.32 39.70
N ILE B 151 6.71 -2.78 40.57
CA ILE B 151 6.36 -3.82 41.52
C ILE B 151 5.75 -3.13 42.73
N ALA B 152 6.45 -2.11 43.21
CA ALA B 152 5.97 -1.24 44.28
C ALA B 152 4.56 -0.77 44.02
N GLY B 153 4.33 -0.22 42.83
CA GLY B 153 3.02 0.30 42.50
C GLY B 153 1.95 -0.77 42.58
N ALA B 154 2.39 -2.03 42.60
CA ALA B 154 1.51 -3.21 42.59
C ALA B 154 1.30 -3.72 43.98
N VAL B 155 2.39 -3.91 44.72
CA VAL B 155 2.36 -4.25 46.14
C VAL B 155 1.79 -3.14 47.00
N ALA B 156 1.53 -1.99 46.37
CA ALA B 156 0.86 -0.90 47.05
C ALA B 156 -0.59 -1.26 47.28
N MET B 157 -1.22 -1.83 46.26
CA MET B 157 -2.46 -2.52 46.47
C MET B 157 -1.97 -3.72 47.24
N ARG B 158 -2.79 -4.37 48.04
CA ARG B 158 -2.28 -5.56 48.71
C ARG B 158 -2.83 -6.79 48.05
N PRO B 159 -2.06 -7.38 47.13
CA PRO B 159 -2.57 -8.58 46.50
C PRO B 159 -2.16 -9.78 47.34
N GLU B 160 -2.90 -10.87 47.26
CA GLU B 160 -2.37 -12.09 47.80
C GLU B 160 -1.33 -12.57 46.81
N VAL B 161 -1.72 -12.68 45.55
CA VAL B 161 -0.85 -13.26 44.54
C VAL B 161 -0.15 -12.23 43.69
N LEU B 162 1.16 -12.39 43.51
CA LEU B 162 1.91 -11.47 42.68
C LEU B 162 2.58 -12.17 41.53
N LEU B 163 2.01 -12.04 40.33
CA LEU B 163 2.63 -12.52 39.10
C LEU B 163 3.82 -11.65 38.74
N LEU B 164 4.87 -12.26 38.19
CA LEU B 164 5.99 -11.49 37.69
C LEU B 164 6.34 -12.09 36.35
N ASP B 165 7.02 -11.32 35.53
CA ASP B 165 7.38 -11.79 34.21
C ASP B 165 8.80 -11.36 33.95
N GLU B 166 9.72 -12.30 33.91
CA GLU B 166 11.13 -11.96 33.76
C GLU B 166 11.62 -10.93 34.76
N PRO B 167 11.55 -11.25 36.05
CA PRO B 167 11.93 -10.18 36.97
C PRO B 167 13.43 -10.07 37.23
N THR B 168 14.27 -10.48 36.30
CA THR B 168 15.69 -10.27 36.46
C THR B 168 16.34 -9.83 35.16
N ALA B 169 15.50 -9.69 34.14
CA ALA B 169 15.90 -9.26 32.79
C ALA B 169 16.81 -8.05 32.83
N GLY B 170 18.05 -8.24 32.39
CA GLY B 170 18.99 -7.14 32.35
C GLY B 170 19.30 -6.55 33.72
N LEU B 171 19.55 -7.43 34.68
CA LEU B 171 20.03 -6.99 35.98
C LEU B 171 21.39 -7.60 36.22
N ASP B 172 22.27 -6.87 36.87
CA ASP B 172 23.55 -7.44 37.24
C ASP B 172 23.33 -8.28 38.48
N LEU B 173 24.25 -9.19 38.77
CA LEU B 173 24.08 -10.14 39.86
C LEU B 173 23.96 -9.42 41.20
N ALA B 174 24.52 -8.21 41.27
CA ALA B 174 24.29 -7.32 42.41
C ALA B 174 22.81 -6.99 42.53
N GLY B 175 22.36 -6.13 41.62
CA GLY B 175 20.96 -5.73 41.57
C GLY B 175 20.00 -6.90 41.46
N THR B 176 20.46 -8.02 40.91
CA THR B 176 19.66 -9.25 40.90
C THR B 176 19.51 -9.80 42.32
N GLU B 177 20.61 -9.88 43.05
CA GLU B 177 20.56 -10.50 44.36
C GLU B 177 19.79 -9.65 45.36
N GLN B 178 19.97 -8.34 45.29
CA GLN B 178 19.33 -7.46 46.25
C GLN B 178 17.86 -7.36 45.87
N LEU B 179 17.53 -7.73 44.65
CA LEU B 179 16.12 -7.85 44.32
C LEU B 179 15.56 -9.02 45.10
N LEU B 180 16.12 -10.20 44.83
CA LEU B 180 15.72 -11.47 45.44
C LEU B 180 15.23 -11.31 46.85
N THR B 181 16.10 -10.76 47.67
CA THR B 181 15.77 -10.38 49.03
C THR B 181 14.38 -9.75 49.09
N LEU B 182 14.22 -8.63 48.39
CA LEU B 182 13.00 -7.82 48.48
C LEU B 182 11.70 -8.52 48.14
N LEU B 183 11.79 -9.68 47.51
CA LEU B 183 10.58 -10.41 47.21
C LEU B 183 10.57 -11.77 47.91
N ARG B 184 11.72 -12.24 48.38
CA ARG B 184 11.67 -13.35 49.33
C ARG B 184 11.01 -12.75 50.56
N GLY B 185 11.45 -11.55 50.87
CA GLY B 185 10.80 -10.76 51.88
C GLY B 185 9.29 -10.65 51.64
N LEU B 186 8.84 -10.66 50.41
CA LEU B 186 7.41 -10.56 50.18
C LEU B 186 6.68 -11.85 50.47
N ARG B 187 7.27 -12.98 50.09
CA ARG B 187 6.62 -14.26 50.31
C ARG B 187 6.67 -14.57 51.80
N ALA B 188 7.74 -14.11 52.43
CA ALA B 188 7.90 -14.27 53.87
C ALA B 188 6.81 -13.50 54.62
N ALA B 189 6.29 -12.45 53.99
CA ALA B 189 5.21 -11.68 54.57
C ALA B 189 3.89 -12.37 54.28
N GLY B 190 3.91 -13.29 53.32
CA GLY B 190 2.76 -14.12 53.05
C GLY B 190 2.26 -14.08 51.62
N MET B 191 3.05 -13.52 50.72
CA MET B 191 2.55 -13.29 49.38
C MET B 191 2.96 -14.40 48.42
N THR B 192 1.95 -15.00 47.79
CA THR B 192 2.14 -15.99 46.73
C THR B 192 2.95 -15.44 45.57
N LEU B 193 4.17 -15.94 45.39
CA LEU B 193 4.97 -15.58 44.23
C LEU B 193 4.76 -16.55 43.07
N VAL B 194 4.54 -16.00 41.89
CA VAL B 194 4.40 -16.76 40.65
C VAL B 194 5.23 -16.05 39.61
N PHE B 195 6.12 -16.71 38.87
CA PHE B 195 6.83 -15.93 37.87
C PHE B 195 7.43 -16.66 36.70
N SER B 196 7.27 -16.07 35.52
CA SER B 196 7.98 -16.57 34.36
C SER B 196 9.44 -16.15 34.48
N THR B 197 10.31 -16.91 33.84
CA THR B 197 11.74 -16.64 33.75
C THR B 197 12.30 -17.54 32.66
N HIS B 198 13.58 -17.36 32.30
CA HIS B 198 14.28 -18.40 31.57
C HIS B 198 15.69 -18.64 32.15
N ASP B 199 16.33 -17.68 32.85
CA ASP B 199 17.54 -18.11 33.53
C ASP B 199 17.03 -18.98 34.66
N VAL B 200 17.28 -20.28 34.50
CA VAL B 200 16.91 -21.34 35.41
C VAL B 200 17.31 -21.09 36.86
N GLU B 201 18.55 -20.66 37.08
CA GLU B 201 19.10 -20.64 38.45
C GLU B 201 18.30 -19.73 39.39
N LEU B 202 17.54 -18.80 38.80
CA LEU B 202 16.64 -17.97 39.57
C LEU B 202 15.63 -18.83 40.32
N ALA B 203 14.98 -19.74 39.63
CA ALA B 203 14.04 -20.64 40.29
C ALA B 203 14.77 -21.52 41.29
N ALA B 204 16.08 -21.63 41.14
CA ALA B 204 16.90 -22.33 42.11
C ALA B 204 17.27 -21.41 43.28
N ALA B 205 16.75 -20.18 43.26
CA ALA B 205 17.11 -19.15 44.25
C ALA B 205 15.89 -18.60 45.00
N LEU B 206 14.71 -18.78 44.41
CA LEU B 206 13.51 -18.19 44.99
C LEU B 206 12.31 -19.11 45.04
N ALA B 207 12.32 -20.14 44.22
CA ALA B 207 11.13 -20.95 43.98
C ALA B 207 10.96 -22.08 44.99
N ASP B 208 9.71 -22.32 45.38
CA ASP B 208 9.36 -23.52 46.13
C ASP B 208 9.17 -24.68 45.17
N ARG B 209 8.17 -24.54 44.31
CA ARG B 209 7.93 -25.53 43.28
C ARG B 209 8.12 -24.89 41.92
N VAL B 210 8.35 -25.70 40.89
CA VAL B 210 8.65 -25.19 39.58
C VAL B 210 7.64 -25.73 38.59
N ALA B 211 7.23 -24.91 37.64
CA ALA B 211 6.42 -25.38 36.54
C ALA B 211 7.32 -25.53 35.35
N LEU B 212 7.00 -26.47 34.47
CA LEU B 212 7.71 -26.57 33.21
C LEU B 212 6.76 -26.75 32.07
N PHE B 213 6.98 -26.03 30.98
CA PHE B 213 6.22 -26.23 29.75
C PHE B 213 6.91 -25.67 28.53
N ARG B 214 6.76 -26.48 27.47
CA ARG B 214 6.86 -26.17 26.04
C ARG B 214 5.60 -26.78 25.36
N THR B 215 5.27 -26.30 24.16
CA THR B 215 3.99 -26.49 23.49
C THR B 215 3.29 -25.43 24.34
N GLY B 216 2.17 -25.82 24.94
CA GLY B 216 1.55 -24.87 25.84
C GLY B 216 1.18 -25.44 27.20
N ARG B 217 0.83 -26.73 27.23
CA ARG B 217 0.58 -27.43 28.48
C ARG B 217 1.84 -27.47 29.34
N VAL B 218 1.66 -27.42 30.66
CA VAL B 218 2.74 -27.66 31.60
C VAL B 218 2.94 -29.18 31.64
N LEU B 219 4.21 -29.57 31.63
CA LEU B 219 4.53 -30.97 31.57
C LEU B 219 5.21 -31.39 32.86
N ALA B 220 5.59 -30.43 33.69
CA ALA B 220 6.34 -30.76 34.90
C ALA B 220 6.21 -29.73 35.98
N GLU B 221 5.46 -30.09 37.00
CA GLU B 221 5.18 -29.21 38.11
C GLU B 221 5.45 -29.34 39.61
N GLY B 222 6.56 -29.98 39.95
CA GLY B 222 6.77 -30.49 41.30
C GLY B 222 7.75 -29.57 41.99
N ALA B 223 8.23 -30.04 43.17
CA ALA B 223 9.39 -29.39 43.78
C ALA B 223 10.40 -29.03 42.70
N ALA B 224 10.94 -27.81 42.79
CA ALA B 224 12.30 -27.54 42.33
C ALA B 224 13.30 -28.60 42.79
N GLU B 225 12.96 -29.30 43.87
CA GLU B 225 13.65 -30.52 44.24
C GLU B 225 13.12 -31.65 43.36
N ALA B 226 13.96 -32.13 42.45
CA ALA B 226 13.58 -33.19 41.53
C ALA B 226 12.82 -32.76 40.28
N VAL B 227 12.52 -31.47 40.18
CA VAL B 227 12.70 -30.72 38.94
C VAL B 227 14.10 -30.20 38.64
N LEU B 228 14.55 -29.21 39.40
CA LEU B 228 15.72 -28.43 39.04
C LEU B 228 16.70 -29.46 38.49
N SER B 229 16.59 -30.62 39.10
CA SER B 229 17.62 -31.63 39.17
C SER B 229 17.50 -32.70 38.12
N ASP B 230 16.28 -33.12 37.82
CA ASP B 230 16.12 -34.31 37.03
C ASP B 230 16.36 -33.84 35.62
N ARG B 231 17.62 -33.95 35.20
CA ARG B 231 18.05 -33.30 33.99
C ARG B 231 17.22 -33.82 32.83
N ALA B 232 16.87 -35.09 32.86
CA ALA B 232 16.22 -35.67 31.71
C ALA B 232 14.90 -34.96 31.54
N THR B 233 14.26 -34.71 32.67
CA THR B 233 13.01 -33.99 32.66
C THR B 233 13.34 -32.64 32.10
N LEU B 234 14.50 -32.11 32.45
CA LEU B 234 14.90 -30.83 31.90
C LEU B 234 14.94 -30.99 30.41
N ALA B 235 15.36 -32.16 29.99
CA ALA B 235 15.86 -32.33 28.68
C ALA B 235 14.82 -31.92 27.67
N LYS B 236 13.55 -32.27 27.91
CA LYS B 236 12.56 -32.11 26.86
C LYS B 236 12.50 -30.67 26.45
N VAL B 237 12.52 -29.76 27.42
CA VAL B 237 12.67 -28.35 27.13
C VAL B 237 14.13 -28.10 26.93
N ALA B 238 14.49 -27.05 26.20
CA ALA B 238 15.89 -26.69 26.12
C ALA B 238 16.43 -26.06 27.36
N LEU B 239 17.25 -26.78 28.13
CA LEU B 239 17.96 -26.22 29.27
C LEU B 239 19.03 -27.12 29.79
N ARG B 240 19.47 -26.82 31.00
CA ARG B 240 20.39 -27.66 31.74
C ARG B 240 20.29 -27.20 33.16
N PRO B 241 20.87 -27.96 34.06
CA PRO B 241 20.74 -27.71 35.50
C PRO B 241 21.54 -26.55 36.03
N PRO B 242 21.07 -26.01 37.24
CA PRO B 242 22.02 -25.10 37.87
C PRO B 242 23.15 -25.98 38.38
N LEU B 243 24.27 -25.37 38.73
CA LEU B 243 25.49 -26.11 38.92
C LEU B 243 25.45 -27.17 40.00
N VAL B 244 24.97 -26.80 41.18
CA VAL B 244 24.72 -27.77 42.24
C VAL B 244 25.91 -28.72 42.55
N ILE B 245 25.59 -30.00 42.60
CA ILE B 245 26.58 -31.04 42.73
C ILE B 245 26.49 -32.01 41.55
N ASP B 246 27.60 -32.22 40.85
CA ASP B 246 27.57 -33.07 39.66
C ASP B 246 27.23 -34.54 39.93
N LEU B 247 27.77 -35.13 40.99
CA LEU B 247 27.43 -36.53 41.28
C LEU B 247 27.04 -36.86 42.72
N ALA B 248 25.94 -37.62 42.83
CA ALA B 248 25.39 -38.08 44.10
C ALA B 248 25.63 -39.58 44.27
N LEU B 249 26.54 -40.10 43.45
CA LEU B 249 26.76 -41.54 43.29
C LEU B 249 27.74 -42.13 44.30
N LEU B 250 27.91 -41.44 45.42
CA LEU B 250 29.03 -41.64 46.35
C LEU B 250 29.16 -43.06 46.96
N ALA B 251 28.06 -43.66 47.40
CA ALA B 251 28.14 -44.95 48.07
C ALA B 251 26.84 -45.75 48.07
N ALA B 261 21.02 -24.66 45.51
CA ALA B 261 20.97 -23.42 44.73
C ALA B 261 21.63 -22.11 45.14
N PRO B 262 21.62 -21.90 46.46
CA PRO B 262 22.34 -20.83 47.15
C PRO B 262 23.46 -21.53 47.87
N LEU B 263 24.68 -21.19 47.50
CA LEU B 263 25.85 -22.05 47.71
C LEU B 263 25.99 -22.61 49.08
N PRO B 264 25.93 -24.00 49.15
CA PRO B 264 26.58 -24.54 50.32
C PRO B 264 27.85 -25.19 49.82
N LYS B 265 28.25 -26.26 50.48
CA LYS B 265 29.35 -27.07 50.04
C LYS B 265 29.77 -27.97 51.16
N THR B 266 30.39 -29.07 50.78
CA THR B 266 31.11 -29.93 51.69
C THR B 266 32.53 -29.40 51.67
N ARG B 267 32.97 -29.00 50.48
CA ARG B 267 34.29 -28.42 50.27
C ARG B 267 34.15 -27.15 49.45
N MET C 1 11.11 30.45 14.06
CA MET C 1 9.80 30.08 13.51
C MET C 1 8.65 30.38 14.48
N HIS C 2 8.84 30.06 15.76
CA HIS C 2 7.88 30.46 16.79
C HIS C 2 8.15 31.89 17.21
N ILE C 3 7.10 32.59 17.60
CA ILE C 3 7.23 33.89 18.22
C ILE C 3 7.78 33.69 19.65
N MET C 4 8.96 34.24 19.93
CA MET C 4 9.59 33.99 21.24
C MET C 4 8.84 34.73 22.35
N GLU C 5 9.39 34.71 23.56
CA GLU C 5 8.63 35.14 24.73
C GLU C 5 8.46 36.66 24.82
N GLY C 6 7.20 37.10 24.94
CA GLY C 6 6.93 38.50 25.22
C GLY C 6 7.39 39.43 24.10
N TYR C 7 7.34 38.88 22.90
CA TYR C 7 7.72 39.58 21.69
C TYR C 7 6.40 40.03 21.05
N LEU C 8 5.33 39.82 21.82
CA LEU C 8 4.00 40.31 21.49
C LEU C 8 3.52 41.27 22.56
N PRO C 9 2.74 42.30 22.18
CA PRO C 9 2.15 43.22 23.15
C PRO C 9 0.91 42.59 23.79
N VAL C 10 0.71 42.87 25.07
CA VAL C 10 -0.37 42.22 25.80
C VAL C 10 -1.73 42.36 25.14
N THR C 11 -1.89 43.38 24.32
CA THR C 11 -3.14 43.53 23.64
C THR C 11 -3.30 42.41 22.61
N HIS C 12 -2.17 41.94 22.07
CA HIS C 12 -2.19 41.00 20.96
C HIS C 12 -2.04 39.54 21.37
N ALA C 13 -1.20 39.33 22.38
CA ALA C 13 -1.01 38.03 22.97
C ALA C 13 -2.39 37.58 23.32
N ILE C 14 -3.00 38.27 24.27
CA ILE C 14 -4.39 38.01 24.60
C ILE C 14 -5.26 38.16 23.38
N GLY C 15 -4.82 39.03 22.48
CA GLY C 15 -5.54 39.27 21.24
C GLY C 15 -5.68 38.00 20.45
N TRP C 16 -4.60 37.23 20.38
CA TRP C 16 -4.66 36.02 19.58
C TRP C 16 -5.17 34.83 20.41
N SER C 17 -4.83 34.81 21.70
CA SER C 17 -5.31 33.78 22.62
C SER C 17 -6.82 33.82 22.81
N LEU C 18 -7.50 34.68 22.06
CA LEU C 18 -8.94 34.73 22.14
C LEU C 18 -9.48 34.38 20.77
N ALA C 19 -8.59 34.41 19.80
CA ALA C 19 -8.91 34.01 18.43
C ALA C 19 -8.48 32.57 18.21
N ALA C 20 -7.79 32.01 19.20
CA ALA C 20 -7.44 30.58 19.22
C ALA C 20 -8.47 29.83 20.06
N ALA C 21 -8.79 30.41 21.23
CA ALA C 21 -9.80 29.88 22.13
C ALA C 21 -11.00 29.24 21.42
N PRO C 22 -11.57 29.87 20.38
CA PRO C 22 -12.74 29.18 19.82
C PRO C 22 -12.40 27.86 19.14
N PHE C 23 -11.14 27.66 18.79
CA PHE C 23 -10.77 26.46 18.04
C PHE C 23 -10.16 25.42 18.99
N VAL C 24 -9.54 25.90 20.07
CA VAL C 24 -9.00 24.97 21.07
C VAL C 24 -10.15 24.25 21.75
N VAL C 25 -11.11 25.04 22.23
CA VAL C 25 -12.35 24.51 22.76
C VAL C 25 -13.04 23.52 21.81
N ALA C 26 -13.06 23.81 20.53
CA ALA C 26 -13.69 22.95 19.54
C ALA C 26 -13.13 21.54 19.63
N GLY C 27 -11.82 21.44 19.47
CA GLY C 27 -11.19 20.14 19.45
C GLY C 27 -11.35 19.48 20.80
N ALA C 28 -11.20 20.28 21.85
CA ALA C 28 -11.22 19.73 23.18
C ALA C 28 -12.61 19.27 23.60
N LEU C 29 -13.61 19.49 22.77
CA LEU C 29 -14.97 19.10 23.11
C LEU C 29 -15.28 17.82 22.43
N LYS C 30 -14.46 17.51 21.44
CA LYS C 30 -14.58 16.22 20.79
C LYS C 30 -13.56 15.25 21.41
N ILE C 31 -12.39 15.76 21.80
CA ILE C 31 -11.50 14.97 22.63
C ILE C 31 -12.26 14.54 23.86
N ARG C 32 -13.01 15.48 24.43
CA ARG C 32 -14.02 15.18 25.43
C ARG C 32 -14.84 13.96 25.04
N LYS C 33 -15.39 13.91 23.83
CA LYS C 33 -16.31 12.82 23.54
C LYS C 33 -15.57 11.57 23.10
N ILE C 34 -14.38 11.72 22.55
CA ILE C 34 -13.63 10.53 22.21
C ILE C 34 -13.27 9.80 23.49
N VAL C 35 -12.72 10.48 24.47
CA VAL C 35 -12.38 9.84 25.75
C VAL C 35 -13.64 9.30 26.45
N ALA C 36 -14.75 9.98 26.24
CA ALA C 36 -16.01 9.51 26.78
C ALA C 36 -16.41 8.25 26.06
N GLU C 37 -16.18 8.22 24.75
CA GLU C 37 -16.58 7.11 23.85
C GLU C 37 -15.60 5.99 24.10
N ARG C 38 -14.31 6.27 23.93
CA ARG C 38 -13.30 5.25 24.11
C ARG C 38 -12.07 5.64 24.93
N PRO C 39 -12.18 5.47 26.25
CA PRO C 39 -11.25 5.90 27.30
C PRO C 39 -9.77 5.68 27.03
N GLU C 40 -9.40 4.84 26.08
CA GLU C 40 -7.98 4.65 25.86
C GLU C 40 -7.49 5.78 25.01
N ALA C 41 -8.44 6.61 24.60
CA ALA C 41 -8.14 7.80 23.83
C ALA C 41 -7.05 8.61 24.50
N ARG C 42 -7.06 8.68 25.83
CA ARG C 42 -6.01 9.34 26.56
C ARG C 42 -4.62 8.90 26.11
N MET C 43 -4.54 7.79 25.38
CA MET C 43 -3.26 7.15 25.12
C MET C 43 -2.85 7.22 23.66
N THR C 44 -3.84 7.14 22.78
CA THR C 44 -3.54 7.27 21.37
C THR C 44 -3.22 8.72 21.04
N LEU C 45 -3.98 9.64 21.63
CA LEU C 45 -3.78 11.09 21.54
C LEU C 45 -2.45 11.51 22.13
N ALA C 46 -2.26 11.28 23.42
CA ALA C 46 -0.98 11.56 24.06
C ALA C 46 0.21 11.00 23.30
N ALA C 47 0.05 9.85 22.68
CA ALA C 47 1.10 9.27 21.84
C ALA C 47 1.19 10.01 20.51
N ALA C 48 0.04 10.40 19.97
CA ALA C 48 0.02 11.22 18.77
C ALA C 48 0.79 12.49 19.05
N GLY C 49 0.40 13.14 20.14
CA GLY C 49 1.08 14.34 20.63
C GLY C 49 2.58 14.15 20.73
N ALA C 50 3.02 13.24 21.59
CA ALA C 50 4.43 13.08 21.90
C ALA C 50 5.22 12.67 20.68
N PHE C 51 4.53 12.28 19.62
CA PHE C 51 5.23 12.09 18.38
C PHE C 51 5.62 13.45 17.76
N ALA C 52 4.63 14.31 17.49
CA ALA C 52 4.85 15.56 16.75
C ALA C 52 5.96 16.39 17.37
N PHE C 53 5.90 16.55 18.68
CA PHE C 53 6.97 17.23 19.38
C PHE C 53 8.30 16.58 19.11
N VAL C 54 8.36 15.25 19.21
CA VAL C 54 9.65 14.61 19.06
C VAL C 54 10.10 14.73 17.61
N LEU C 55 9.14 14.58 16.70
CA LEU C 55 9.32 14.81 15.28
C LEU C 55 10.09 16.10 15.03
N SER C 56 9.50 17.18 15.51
CA SER C 56 9.98 18.54 15.25
C SER C 56 11.19 18.95 16.09
N ALA C 57 11.66 18.07 16.96
CA ALA C 57 12.84 18.35 17.75
C ALA C 57 14.04 17.80 17.03
N LEU C 58 13.74 16.98 16.02
CA LEU C 58 14.73 16.36 15.13
C LEU C 58 15.28 17.26 14.06
N LYS C 59 16.45 16.95 13.53
CA LYS C 59 16.91 17.82 12.48
C LYS C 59 17.04 17.24 11.07
N ILE C 60 17.01 18.17 10.13
CA ILE C 60 16.70 17.96 8.72
C ILE C 60 17.66 18.84 7.98
N PRO C 61 18.12 18.38 6.81
CA PRO C 61 19.03 19.23 6.01
C PRO C 61 18.19 20.24 5.24
N SER C 62 18.53 21.52 5.33
CA SER C 62 17.80 22.51 4.57
C SER C 62 18.30 22.52 3.15
N VAL C 63 17.44 22.95 2.25
CA VAL C 63 17.77 23.13 0.84
C VAL C 63 19.10 23.85 0.77
N THR C 64 19.25 24.82 1.65
CA THR C 64 20.46 25.59 1.78
C THR C 64 21.28 25.11 2.98
N GLY C 65 22.40 25.78 3.23
CA GLY C 65 23.29 25.41 4.30
C GLY C 65 22.65 25.37 5.68
N SER C 66 21.42 25.85 5.78
CA SER C 66 20.71 25.78 7.06
C SER C 66 20.55 24.32 7.47
N CYS C 67 20.22 24.13 8.75
CA CYS C 67 19.96 22.81 9.35
C CYS C 67 18.69 22.87 10.19
N SER C 68 17.52 23.07 9.61
CA SER C 68 16.34 23.34 10.48
C SER C 68 15.66 22.05 11.03
N HIS C 69 15.08 22.10 12.24
CA HIS C 69 14.07 21.13 12.72
C HIS C 69 12.69 21.20 12.06
N PRO C 70 12.26 20.11 11.43
CA PRO C 70 10.99 20.10 10.70
C PRO C 70 9.83 20.56 11.56
N THR C 71 8.64 20.65 10.98
CA THR C 71 7.46 21.12 11.70
C THR C 71 6.24 20.26 11.36
N GLY C 72 5.84 19.43 12.31
CA GLY C 72 5.03 18.27 12.00
C GLY C 72 3.74 18.61 11.27
N THR C 73 3.51 19.91 11.06
CA THR C 73 2.26 20.38 10.46
C THR C 73 1.72 19.55 9.29
N GLY C 74 2.57 19.28 8.32
CA GLY C 74 2.17 18.54 7.14
C GLY C 74 1.98 17.06 7.42
N LEU C 75 2.90 16.49 8.18
CA LEU C 75 2.88 15.05 8.45
C LEU C 75 1.71 14.68 9.37
N GLY C 76 1.55 15.46 10.44
CA GLY C 76 0.45 15.25 11.36
C GLY C 76 -0.85 15.54 10.66
N ALA C 77 -0.77 16.09 9.46
CA ALA C 77 -1.99 16.44 8.77
C ALA C 77 -2.64 15.21 8.19
N VAL C 78 -1.94 14.50 7.29
CA VAL C 78 -2.54 13.37 6.58
C VAL C 78 -2.92 12.21 7.51
N VAL C 79 -2.15 12.04 8.57
CA VAL C 79 -2.47 11.05 9.60
C VAL C 79 -3.50 11.15 10.70
N PHE C 80 -3.34 12.18 11.52
CA PHE C 80 -4.31 12.64 12.48
C PHE C 80 -5.18 13.70 11.86
N GLY C 81 -6.28 13.97 12.52
CA GLY C 81 -7.24 14.93 12.04
C GLY C 81 -6.66 16.29 12.24
N PRO C 82 -7.19 17.29 11.42
CA PRO C 82 -6.73 18.61 11.80
C PRO C 82 -7.21 19.00 13.16
N SER C 83 -8.50 18.84 13.46
CA SER C 83 -8.99 19.51 14.66
C SER C 83 -8.36 18.95 15.89
N VAL C 84 -8.45 17.67 16.01
CA VAL C 84 -7.63 16.98 16.98
C VAL C 84 -6.27 17.65 17.15
N MET C 85 -5.74 18.19 16.06
CA MET C 85 -4.45 18.85 16.14
C MET C 85 -4.58 20.18 16.83
N ALA C 86 -5.76 20.79 16.74
CA ALA C 86 -6.00 22.11 17.36
C ALA C 86 -5.59 22.12 18.81
N VAL C 87 -6.02 21.12 19.56
CA VAL C 87 -5.64 21.00 20.96
C VAL C 87 -4.20 20.52 21.12
N LEU C 88 -3.79 19.60 20.26
CA LEU C 88 -2.49 18.97 20.44
C LEU C 88 -1.37 19.95 20.13
N GLY C 89 -1.53 20.64 19.01
CA GLY C 89 -0.62 21.70 18.64
C GLY C 89 -0.35 22.54 19.85
N VAL C 90 -1.42 22.96 20.54
CA VAL C 90 -1.28 23.71 21.80
C VAL C 90 -0.49 22.91 22.84
N ILE C 91 -0.78 21.60 22.95
CA ILE C 91 -0.08 20.74 23.92
C ILE C 91 1.34 20.47 23.49
N VAL C 92 1.58 20.41 22.19
CA VAL C 92 2.96 20.27 21.80
C VAL C 92 3.72 21.55 22.08
N LEU C 93 3.14 22.68 21.66
CA LEU C 93 3.74 24.02 21.79
C LEU C 93 4.18 24.37 23.21
N LEU C 94 3.50 23.83 24.23
CA LEU C 94 3.96 24.10 25.58
C LEU C 94 5.35 23.57 25.78
N PHE C 95 5.55 22.31 25.39
CA PHE C 95 6.79 21.63 25.67
C PHE C 95 7.94 22.22 24.84
N GLN C 96 7.64 22.68 23.62
CA GLN C 96 8.66 23.34 22.82
C GLN C 96 9.08 24.66 23.46
N ALA C 97 8.32 25.06 24.48
CA ALA C 97 8.51 26.33 25.16
C ALA C 97 9.03 26.06 26.56
N LEU C 98 8.43 25.07 27.20
CA LEU C 98 8.80 24.61 28.54
C LEU C 98 10.19 23.96 28.42
N LEU C 99 10.39 23.04 27.46
CA LEU C 99 11.68 22.36 27.29
C LEU C 99 12.76 22.89 26.35
N LEU C 100 12.39 23.09 25.09
CA LEU C 100 13.30 23.64 24.10
C LEU C 100 13.64 25.11 24.39
N ALA C 101 12.78 25.74 25.20
CA ALA C 101 12.81 27.18 25.48
C ALA C 101 12.76 27.99 24.22
N HIS C 102 12.12 27.39 23.25
CA HIS C 102 12.04 27.96 21.95
C HIS C 102 10.69 28.61 21.72
N GLY C 103 9.64 28.04 22.30
CA GLY C 103 8.35 28.73 22.28
C GLY C 103 8.27 29.93 23.21
N GLY C 104 7.05 30.23 23.62
CA GLY C 104 6.77 31.26 24.61
C GLY C 104 5.38 31.05 25.15
N LEU C 105 5.15 31.44 26.40
CA LEU C 105 3.85 31.27 27.04
C LEU C 105 2.86 32.36 26.64
N THR C 106 3.32 33.60 26.65
CA THR C 106 2.51 34.75 26.28
C THR C 106 2.09 34.73 24.83
N THR C 107 2.99 34.22 24.00
CA THR C 107 2.77 34.06 22.57
C THR C 107 2.07 32.76 22.23
N LEU C 108 2.23 31.73 23.07
CA LEU C 108 1.45 30.50 22.91
C LEU C 108 -0.02 30.88 22.84
N GLY C 109 -0.71 30.49 21.78
CA GLY C 109 -2.02 31.05 21.53
C GLY C 109 -1.98 32.05 20.39
N ALA C 110 -0.93 32.87 20.37
CA ALA C 110 -0.59 33.54 19.13
C ALA C 110 0.00 32.48 18.20
N ASN C 111 1.03 31.77 18.66
CA ASN C 111 1.58 30.62 17.97
C ASN C 111 0.54 29.58 17.60
N ALA C 112 -0.15 29.07 18.61
CA ALA C 112 -1.24 28.12 18.41
C ALA C 112 -2.18 28.48 17.26
N PHE C 113 -2.22 29.74 16.87
CA PHE C 113 -3.13 30.14 15.82
C PHE C 113 -2.58 29.69 14.47
N SER C 114 -1.28 29.88 14.26
CA SER C 114 -0.70 29.60 12.96
C SER C 114 -0.24 28.18 12.80
N MET C 115 0.31 27.61 13.87
CA MET C 115 0.90 26.26 13.84
C MET C 115 -0.07 25.13 14.19
N ALA C 116 -1.15 25.45 14.89
CA ALA C 116 -2.08 24.42 15.29
C ALA C 116 -3.38 24.63 14.57
N ILE C 117 -3.75 25.86 14.30
CA ILE C 117 -5.00 26.12 13.58
C ILE C 117 -4.93 26.52 12.11
N VAL C 118 -3.97 27.35 11.73
CA VAL C 118 -3.89 27.74 10.32
C VAL C 118 -3.07 26.76 9.50
N GLY C 119 -1.82 26.52 9.91
CA GLY C 119 -0.97 25.52 9.27
C GLY C 119 -1.65 24.21 8.86
N PRO C 120 -2.29 23.52 9.82
CA PRO C 120 -3.11 22.32 9.58
C PRO C 120 -4.36 22.49 8.73
N TRP C 121 -5.30 23.35 9.03
CA TRP C 121 -6.50 23.29 8.23
C TRP C 121 -6.15 23.45 6.79
N VAL C 122 -5.16 24.28 6.51
CA VAL C 122 -4.68 24.51 5.16
C VAL C 122 -4.04 23.22 4.59
N ALA C 123 -3.32 22.51 5.45
CA ALA C 123 -2.57 21.34 5.01
C ALA C 123 -3.48 20.21 4.52
N PHE C 124 -4.76 20.24 4.90
CA PHE C 124 -5.74 19.28 4.40
C PHE C 124 -6.30 19.64 3.04
N GLY C 125 -6.66 20.91 2.88
CA GLY C 125 -7.26 21.38 1.67
C GLY C 125 -6.33 21.10 0.51
N VAL C 126 -5.05 21.36 0.72
CA VAL C 126 -4.08 20.99 -0.29
C VAL C 126 -4.23 19.50 -0.54
N TYR C 127 -3.89 18.70 0.48
CA TYR C 127 -4.02 17.24 0.47
C TYR C 127 -5.27 16.79 -0.26
N LYS C 128 -6.43 17.08 0.31
CA LYS C 128 -7.67 16.52 -0.20
C LYS C 128 -8.01 17.00 -1.61
N LEU C 129 -7.75 18.27 -1.89
CA LEU C 129 -7.95 18.73 -3.27
C LEU C 129 -6.96 18.15 -4.28
N ALA C 130 -5.67 18.16 -3.95
CA ALA C 130 -4.68 17.46 -4.75
C ALA C 130 -5.11 16.02 -4.94
N GLY C 131 -5.81 15.52 -3.93
CA GLY C 131 -6.48 14.25 -3.97
C GLY C 131 -7.60 14.28 -5.00
N LYS C 132 -8.41 15.33 -4.98
CA LYS C 132 -9.49 15.42 -5.95
C LYS C 132 -9.05 16.24 -7.16
N ALA C 133 -7.75 16.52 -7.23
CA ALA C 133 -7.16 17.08 -8.44
C ALA C 133 -6.58 15.95 -9.26
N GLY C 134 -6.53 14.77 -8.65
CA GLY C 134 -6.04 13.58 -9.34
C GLY C 134 -4.56 13.34 -9.14
N ALA C 135 -3.88 14.29 -8.51
CA ALA C 135 -2.44 14.17 -8.30
C ALA C 135 -2.15 12.95 -7.45
N SER C 136 -0.94 12.39 -7.55
CA SER C 136 -0.60 11.18 -6.79
C SER C 136 -0.45 11.49 -5.31
N MET C 137 -0.81 10.51 -4.48
CA MET C 137 -0.50 10.54 -3.04
C MET C 137 0.92 11.02 -2.77
N ALA C 138 1.80 10.83 -3.76
CA ALA C 138 3.19 11.25 -3.69
C ALA C 138 3.32 12.72 -3.38
N VAL C 139 2.65 13.55 -4.18
CA VAL C 139 2.80 15.01 -4.14
C VAL C 139 1.77 15.69 -3.25
N ALA C 140 0.57 15.10 -3.20
CA ALA C 140 -0.52 15.63 -2.41
C ALA C 140 -0.13 15.73 -0.93
N VAL C 141 0.85 14.94 -0.53
CA VAL C 141 1.46 15.08 0.80
C VAL C 141 2.57 16.14 0.81
N PHE C 142 3.33 16.21 -0.28
CA PHE C 142 4.42 17.17 -0.40
C PHE C 142 3.94 18.62 -0.34
N LEU C 143 2.98 18.93 -1.22
CA LEU C 143 2.37 20.23 -1.27
C LEU C 143 1.71 20.53 0.05
N ALA C 144 1.34 19.47 0.77
CA ALA C 144 0.62 19.64 2.03
C ALA C 144 1.50 20.11 3.20
N ALA C 145 2.75 19.72 3.26
CA ALA C 145 3.56 20.26 4.34
C ALA C 145 4.24 21.51 3.85
N PHE C 146 4.42 21.63 2.54
CA PHE C 146 5.02 22.81 1.93
C PHE C 146 4.15 24.03 1.98
N LEU C 147 3.04 24.01 1.22
CA LEU C 147 2.03 25.05 1.32
C LEU C 147 1.60 25.22 2.78
N GLY C 148 1.50 24.12 3.50
CA GLY C 148 1.18 24.17 4.92
C GLY C 148 2.24 24.84 5.77
N ASP C 149 3.51 24.66 5.44
CA ASP C 149 4.56 25.31 6.22
C ASP C 149 4.53 26.80 5.92
N LEU C 150 4.22 27.12 4.67
CA LEU C 150 4.06 28.49 4.24
C LEU C 150 3.00 29.18 5.05
N ALA C 151 1.86 28.51 5.19
CA ALA C 151 0.73 29.10 5.88
C ALA C 151 1.06 29.49 7.32
N THR C 152 2.17 28.99 7.86
CA THR C 152 2.62 29.47 9.16
C THR C 152 3.42 30.72 8.92
N TYR C 153 4.52 30.56 8.19
CA TYR C 153 5.43 31.65 7.83
C TYR C 153 4.70 32.88 7.30
N VAL C 154 3.56 32.66 6.67
CA VAL C 154 2.67 33.74 6.27
C VAL C 154 1.91 34.26 7.48
N THR C 155 1.14 33.39 8.13
CA THR C 155 0.34 33.82 9.28
C THR C 155 1.20 34.45 10.38
N THR C 156 2.40 33.93 10.62
CA THR C 156 3.22 34.49 11.66
C THR C 156 3.80 35.80 11.21
N SER C 157 4.02 35.95 9.91
CA SER C 157 4.49 37.23 9.39
C SER C 157 3.37 38.26 9.48
N LEU C 158 2.15 37.86 9.18
CA LEU C 158 1.01 38.74 9.33
C LEU C 158 0.70 39.16 10.77
N GLN C 159 0.90 38.29 11.74
CA GLN C 159 0.69 38.69 13.12
C GLN C 159 1.79 39.60 13.57
N LEU C 160 2.90 39.56 12.87
CA LEU C 160 3.97 40.47 13.22
C LEU C 160 3.78 41.81 12.50
N ALA C 161 3.15 41.77 11.33
CA ALA C 161 2.72 43.00 10.69
C ALA C 161 1.67 43.68 11.55
N LEU C 162 0.61 42.96 11.90
CA LEU C 162 -0.46 43.54 12.71
C LEU C 162 0.09 44.20 13.97
N ALA C 163 0.91 43.48 14.74
CA ALA C 163 1.43 44.03 15.99
C ALA C 163 2.57 45.03 15.79
N TYR C 164 3.20 45.02 14.60
CA TYR C 164 4.22 46.01 14.23
C TYR C 164 4.14 46.62 12.83
N PRO C 165 3.09 47.39 12.60
CA PRO C 165 2.85 47.95 11.29
C PRO C 165 4.15 48.44 10.75
N ASP C 166 4.11 49.25 9.70
CA ASP C 166 5.34 49.79 9.15
C ASP C 166 5.46 51.19 9.63
N PRO C 167 6.75 51.57 10.01
CA PRO C 167 6.83 53.00 10.40
C PRO C 167 6.32 53.87 9.29
N ALA C 168 6.56 53.43 8.06
CA ALA C 168 6.18 54.19 6.88
C ALA C 168 5.08 53.53 6.06
N SER C 169 5.30 52.29 5.62
CA SER C 169 4.36 51.68 4.71
C SER C 169 3.13 51.12 5.38
N GLY C 170 2.67 51.76 6.45
CA GLY C 170 1.44 51.35 7.10
C GLY C 170 1.38 49.87 7.44
N PHE C 171 0.26 49.24 7.09
CA PHE C 171 0.02 47.84 7.41
C PHE C 171 1.00 46.93 6.70
N LEU C 172 0.69 46.61 5.45
CA LEU C 172 1.53 45.71 4.69
C LEU C 172 3.00 45.99 4.78
N GLY C 173 3.39 47.08 5.42
CA GLY C 173 4.77 47.42 5.54
C GLY C 173 5.56 46.25 6.02
N ALA C 174 5.55 46.04 7.32
CA ALA C 174 6.31 44.96 7.89
C ALA C 174 5.97 43.67 7.20
N ALA C 175 4.86 43.65 6.48
CA ALA C 175 4.43 42.43 5.83
C ALA C 175 5.54 41.87 4.98
N LEU C 176 5.61 42.36 3.74
CA LEU C 176 6.57 41.89 2.77
C LEU C 176 7.93 41.77 3.40
N LYS C 177 8.20 42.67 4.34
CA LYS C 177 9.46 42.61 5.03
C LYS C 177 9.47 41.30 5.75
N PHE C 178 8.70 41.22 6.81
CA PHE C 178 8.78 39.99 7.57
C PHE C 178 8.71 38.87 6.56
N GLY C 179 7.81 39.01 5.58
CA GLY C 179 7.66 38.05 4.50
C GLY C 179 8.96 37.77 3.76
N SER C 180 9.95 38.63 3.98
CA SER C 180 11.24 38.53 3.33
C SER C 180 12.43 38.19 4.21
N VAL C 181 12.35 38.56 5.49
CA VAL C 181 13.43 38.31 6.44
C VAL C 181 13.42 36.86 6.91
N PHE C 182 12.23 36.34 7.19
CA PHE C 182 12.06 34.92 7.44
C PHE C 182 11.83 34.14 6.14
N ALA C 183 12.23 34.75 5.03
CA ALA C 183 11.86 34.25 3.70
C ALA C 183 13.03 33.52 3.05
N LEU C 184 14.24 33.90 3.42
CA LEU C 184 15.42 33.12 3.08
C LEU C 184 15.52 31.85 3.93
N THR C 185 14.82 31.85 5.06
CA THR C 185 15.06 30.85 6.10
C THR C 185 14.14 29.64 5.96
N GLN C 186 12.84 29.89 5.87
CA GLN C 186 11.84 28.83 5.92
C GLN C 186 11.43 28.16 4.62
N ILE C 187 11.96 28.65 3.50
CA ILE C 187 11.62 28.12 2.19
C ILE C 187 12.75 27.28 1.62
N PRO C 188 13.99 27.39 2.27
CA PRO C 188 14.64 26.06 2.40
C PRO C 188 13.74 25.04 3.09
N LEU C 189 13.27 25.38 4.29
CA LEU C 189 12.59 24.42 5.15
C LEU C 189 11.38 23.86 4.44
N ALA C 190 10.45 24.75 4.12
CA ALA C 190 9.14 24.35 3.61
C ALA C 190 9.25 23.45 2.41
N ILE C 191 10.40 23.51 1.74
CA ILE C 191 10.71 22.60 0.66
C ILE C 191 11.21 21.25 1.20
N ALA C 192 12.24 21.27 2.05
CA ALA C 192 12.89 20.04 2.53
C ALA C 192 11.91 19.10 3.20
N GLU C 193 11.28 19.54 4.28
CA GLU C 193 10.28 18.71 4.94
C GLU C 193 9.13 18.36 4.00
N GLY C 194 8.91 19.18 2.98
CA GLY C 194 7.93 18.86 1.96
C GLY C 194 8.29 17.53 1.32
N PHE C 195 9.59 17.28 1.14
CA PHE C 195 10.04 15.98 0.64
C PHE C 195 10.11 14.95 1.75
N LEU C 196 10.74 15.33 2.86
CA LEU C 196 10.72 14.54 4.09
C LEU C 196 9.38 13.90 4.35
N THR C 197 8.31 14.67 4.35
CA THR C 197 7.00 14.07 4.58
C THR C 197 6.52 13.16 3.45
N VAL C 198 7.26 13.08 2.34
CA VAL C 198 6.89 12.13 1.28
C VAL C 198 7.57 10.80 1.52
N ILE C 199 8.86 10.86 1.81
CA ILE C 199 9.60 9.73 2.32
C ILE C 199 8.94 9.14 3.56
N VAL C 200 8.42 10.00 4.41
CA VAL C 200 7.82 9.52 5.62
C VAL C 200 6.50 8.84 5.29
N VAL C 201 5.68 9.47 4.47
CA VAL C 201 4.42 8.84 4.17
C VAL C 201 4.65 7.65 3.26
N ASP C 202 5.81 7.64 2.62
CA ASP C 202 6.31 6.49 1.86
C ASP C 202 6.30 5.26 2.76
N ALA C 203 7.20 5.24 3.75
CA ALA C 203 7.33 4.13 4.69
C ALA C 203 6.04 3.74 5.41
N LEU C 204 5.17 4.70 5.66
CA LEU C 204 3.97 4.37 6.43
C LEU C 204 3.08 3.37 5.72
N ALA C 205 2.78 3.64 4.46
CA ALA C 205 1.99 2.69 3.66
C ALA C 205 2.62 1.28 3.67
N GLY C 206 3.94 1.22 3.48
CA GLY C 206 4.65 -0.03 3.42
C GLY C 206 4.70 -0.83 4.72
N LYS C 207 4.37 -0.18 5.84
CA LYS C 207 4.33 -0.88 7.11
C LYS C 207 2.92 -0.94 7.71
N MET D 13 19.84 19.35 19.86
CA MET D 13 18.39 19.49 19.88
C MET D 13 17.85 19.42 21.30
N SER D 14 17.74 18.21 21.82
CA SER D 14 16.62 17.85 22.69
C SER D 14 17.12 17.25 24.01
N ILE D 15 17.34 18.11 25.00
CA ILE D 15 16.25 18.70 25.76
C ILE D 15 15.84 17.80 26.93
N ALA D 16 16.62 16.74 27.14
CA ALA D 16 16.62 16.05 28.43
C ALA D 16 17.51 16.77 29.44
N SER D 17 18.25 17.76 28.96
CA SER D 17 19.14 18.54 29.82
C SER D 17 18.30 19.41 30.73
N ILE D 18 17.55 20.34 30.14
CA ILE D 18 16.61 21.22 30.85
C ILE D 18 15.63 20.49 31.78
N ASP D 19 15.06 19.40 31.29
CA ASP D 19 14.09 18.66 32.07
C ASP D 19 14.70 18.12 33.35
N ARG D 20 15.93 17.63 33.28
CA ARG D 20 16.49 16.96 34.45
C ARG D 20 17.03 18.01 35.42
N VAL D 21 17.50 19.13 34.88
CA VAL D 21 17.85 20.26 35.74
C VAL D 21 16.67 20.73 36.57
N ALA D 22 15.55 20.90 35.90
CA ALA D 22 14.33 21.31 36.57
C ALA D 22 13.92 20.31 37.68
N ALA D 23 14.63 19.18 37.79
CA ALA D 23 14.41 18.23 38.89
C ALA D 23 15.75 17.78 39.50
N GLN D 24 16.58 18.77 39.79
CA GLN D 24 17.79 18.56 40.58
C GLN D 24 18.56 19.84 40.92
N GLY D 25 18.06 20.66 41.85
CA GLY D 25 18.88 21.77 42.32
C GLY D 25 18.03 22.12 43.53
N HIS D 26 18.28 23.28 44.12
CA HIS D 26 17.61 23.60 45.37
C HIS D 26 16.10 23.90 45.49
N TRP D 27 15.47 24.35 44.40
CA TRP D 27 14.14 24.98 44.47
C TRP D 27 13.09 24.15 43.74
N ARG D 28 13.21 22.84 43.71
CA ARG D 28 12.24 22.10 42.95
C ARG D 28 11.22 21.49 43.93
N SER D 29 11.67 21.31 45.18
CA SER D 29 10.83 20.81 46.26
C SER D 29 9.81 21.86 46.75
N ARG D 30 10.25 23.12 46.81
CA ARG D 30 9.43 24.24 47.29
C ARG D 30 8.32 24.61 46.30
N PRO D 31 7.10 24.82 46.82
CA PRO D 31 5.81 24.74 46.13
C PRO D 31 5.73 25.26 44.73
N LEU D 32 4.94 24.58 43.92
CA LEU D 32 4.54 25.07 42.61
C LEU D 32 3.79 26.37 42.80
N ALA D 33 3.02 26.44 43.87
CA ALA D 33 2.09 27.52 44.08
C ALA D 33 2.73 28.92 43.84
N GLU D 34 4.00 29.08 44.21
CA GLU D 34 4.65 30.40 44.21
C GLU D 34 5.73 30.57 43.15
N LYS D 35 6.38 29.48 42.74
CA LYS D 35 7.30 29.59 41.62
C LYS D 35 6.50 29.83 40.37
N SER D 36 5.24 29.42 40.38
CA SER D 36 4.38 29.76 39.26
C SER D 36 3.76 31.16 39.40
N LEU D 37 4.01 31.82 40.53
CA LEU D 37 3.77 33.26 40.65
C LEU D 37 4.95 34.15 40.30
N ILE D 38 6.07 33.93 40.97
CA ILE D 38 7.33 34.53 40.57
C ILE D 38 7.54 34.45 39.08
N GLY D 39 7.21 33.30 38.52
CA GLY D 39 7.34 33.10 37.10
C GLY D 39 6.23 33.80 36.36
N LEU D 40 5.01 33.32 36.52
CA LEU D 40 3.91 33.84 35.71
C LEU D 40 3.62 35.30 36.01
N GLY D 41 4.00 35.77 37.19
CA GLY D 41 3.76 37.14 37.59
C GLY D 41 4.67 38.08 36.84
N PHE D 42 5.97 37.97 37.11
CA PHE D 42 6.96 38.79 36.43
C PHE D 42 6.89 38.64 34.92
N LEU D 43 6.51 37.47 34.43
CA LEU D 43 6.22 37.36 33.03
C LEU D 43 5.17 38.41 32.69
N ALA D 44 4.05 38.39 33.39
CA ALA D 44 2.91 39.23 33.03
C ALA D 44 3.31 40.67 32.98
N LEU D 45 4.24 41.05 33.85
CA LEU D 45 4.70 42.43 33.96
C LEU D 45 5.45 42.93 32.73
N ALA D 46 6.63 42.36 32.50
CA ALA D 46 7.46 42.64 31.34
C ALA D 46 6.67 42.94 30.08
N VAL D 47 5.65 42.13 29.82
CA VAL D 47 4.84 42.35 28.63
C VAL D 47 4.01 43.63 28.74
N THR D 48 3.38 43.75 29.90
CA THR D 48 2.69 44.93 30.35
C THR D 48 3.51 46.16 30.71
N VAL D 49 4.58 45.97 31.46
CA VAL D 49 5.29 47.13 32.00
C VAL D 49 5.84 47.89 30.85
N PRO D 50 5.67 49.28 30.93
CA PRO D 50 6.51 50.00 29.98
C PRO D 50 7.98 49.70 30.27
N PRO D 51 8.76 49.49 29.13
CA PRO D 51 10.04 48.83 29.42
C PRO D 51 11.15 49.51 30.14
N PHE D 52 11.49 50.72 29.74
CA PHE D 52 12.83 51.21 30.04
C PHE D 52 13.03 51.32 31.52
N PRO D 53 11.97 51.98 32.15
CA PRO D 53 12.02 51.88 33.60
C PRO D 53 11.86 50.43 34.07
N GLY D 54 11.04 49.65 33.36
CA GLY D 54 10.34 48.49 33.90
C GLY D 54 11.03 47.15 33.83
N ALA D 55 11.03 46.56 32.64
CA ALA D 55 11.63 45.25 32.43
C ALA D 55 13.14 45.21 32.73
N VAL D 56 13.74 46.37 33.02
CA VAL D 56 15.14 46.45 33.42
C VAL D 56 15.32 46.00 34.85
N LEU D 57 14.37 46.37 35.70
CA LEU D 57 14.52 46.07 37.10
C LEU D 57 13.77 44.81 37.36
N VAL D 58 12.95 44.39 36.39
CA VAL D 58 12.28 43.08 36.43
C VAL D 58 13.29 41.98 36.13
N THR D 59 14.06 42.20 35.08
CA THR D 59 15.13 41.33 34.69
C THR D 59 16.03 41.06 35.87
N VAL D 60 16.54 42.10 36.52
CA VAL D 60 17.41 41.91 37.67
C VAL D 60 16.64 41.28 38.82
N ALA D 61 15.32 41.29 38.75
CA ALA D 61 14.56 40.71 39.83
C ALA D 61 14.47 39.20 39.65
N ILE D 62 14.07 38.79 38.45
CA ILE D 62 13.90 37.38 38.16
C ILE D 62 15.26 36.71 38.07
N LEU D 63 16.22 37.46 37.58
CA LEU D 63 17.58 37.01 37.49
C LEU D 63 18.13 36.76 38.87
N ALA D 64 17.78 37.60 39.82
CA ALA D 64 18.25 37.40 41.16
C ALA D 64 17.66 36.10 41.60
N PHE D 65 16.37 35.96 41.33
CA PHE D 65 15.58 34.84 41.81
C PHE D 65 16.12 33.57 41.23
N THR D 66 16.43 33.63 39.94
CA THR D 66 16.98 32.52 39.19
C THR D 66 18.33 32.11 39.69
N PHE D 67 19.24 33.05 39.90
CA PHE D 67 20.60 32.69 40.24
C PHE D 67 20.89 32.82 41.71
N LEU D 68 20.19 33.72 42.36
CA LEU D 68 20.37 33.87 43.77
C LEU D 68 19.29 33.15 44.56
N GLY D 69 18.04 33.33 44.17
CA GLY D 69 16.96 32.68 44.89
C GLY D 69 17.00 31.18 44.80
N ALA D 70 17.24 30.67 43.60
CA ALA D 70 17.15 29.24 43.35
C ALA D 70 18.42 28.91 42.69
N ARG D 71 19.53 28.90 43.40
CA ARG D 71 20.71 28.95 42.57
C ARG D 71 20.62 27.84 41.56
N VAL D 72 20.80 28.20 40.30
CA VAL D 72 20.69 27.27 39.22
C VAL D 72 22.05 27.30 38.61
N PRO D 73 22.58 26.05 38.32
CA PRO D 73 24.04 26.07 38.17
C PRO D 73 24.46 26.95 37.05
N LEU D 74 23.71 26.89 35.98
CA LEU D 74 24.01 27.86 34.95
C LEU D 74 23.24 29.09 35.35
N ARG D 75 23.88 30.25 35.29
CA ARG D 75 25.29 30.28 35.00
C ARG D 75 25.42 29.87 33.55
N PHE D 76 24.79 28.73 33.25
CA PHE D 76 24.95 28.11 31.97
C PHE D 76 23.83 27.95 30.96
N TRP D 77 22.77 28.54 31.47
CA TRP D 77 21.47 28.49 30.95
C TRP D 77 21.56 29.15 29.61
N ALA D 78 22.36 30.19 29.50
CA ALA D 78 22.36 31.04 28.34
C ALA D 78 22.63 30.19 27.13
N SER D 79 23.16 28.99 27.34
CA SER D 79 23.19 28.01 26.29
C SER D 79 21.77 27.77 25.92
N VAL D 80 20.94 27.65 26.94
CA VAL D 80 19.50 27.57 26.74
C VAL D 80 18.95 28.88 26.26
N ALA D 81 19.41 29.96 26.86
CA ALA D 81 18.92 31.29 26.59
C ALA D 81 19.17 31.73 25.19
N VAL D 82 20.34 31.43 24.68
CA VAL D 82 20.74 32.07 23.45
C VAL D 82 19.78 31.77 22.32
N LEU D 83 19.40 30.51 22.20
CA LEU D 83 18.58 30.04 21.08
C LEU D 83 17.52 31.08 20.66
N PRO D 84 16.87 31.73 21.64
CA PRO D 84 16.11 32.92 21.28
C PRO D 84 16.93 33.92 20.45
N LEU D 85 17.98 34.50 21.03
CA LEU D 85 18.71 35.65 20.46
C LEU D 85 19.04 35.76 19.00
N GLY D 86 19.06 34.66 18.29
CA GLY D 86 19.22 34.62 16.85
C GLY D 86 17.91 34.97 16.15
N PHE D 87 16.78 34.70 16.81
CA PHE D 87 15.47 35.00 16.21
C PHE D 87 15.13 36.47 16.21
N LEU D 88 15.47 37.15 17.30
CA LEU D 88 15.11 38.56 17.43
C LEU D 88 16.19 39.53 16.88
N THR D 89 17.43 39.08 16.76
CA THR D 89 18.46 39.87 16.11
C THR D 89 17.91 40.41 14.79
N THR D 90 17.06 39.60 14.15
CA THR D 90 16.42 39.99 12.91
C THR D 90 15.15 40.79 13.17
N GLY D 91 14.27 40.27 14.02
CA GLY D 91 13.06 40.99 14.36
C GLY D 91 13.35 42.43 14.73
N ALA D 92 14.34 42.61 15.62
CA ALA D 92 14.82 43.93 15.99
C ALA D 92 15.32 44.69 14.77
N ALA D 93 15.96 43.97 13.84
CA ALA D 93 16.54 44.59 12.65
C ALA D 93 15.44 44.99 11.68
N VAL D 94 14.29 44.33 11.74
CA VAL D 94 13.17 44.73 10.90
C VAL D 94 12.74 46.13 11.22
N LEU D 95 12.60 46.38 12.52
CA LEU D 95 12.17 47.65 13.06
C LEU D 95 13.16 48.73 12.74
N LEU D 96 14.44 48.34 12.73
CA LEU D 96 15.51 49.22 12.36
C LEU D 96 15.21 49.93 11.09
N ILE D 97 14.58 49.22 10.15
CA ILE D 97 14.77 49.49 8.74
C ILE D 97 13.94 50.50 7.96
N GLN D 98 12.73 50.11 7.58
CA GLN D 98 12.38 49.92 6.18
C GLN D 98 10.89 49.96 5.88
N ILE D 99 10.44 51.03 5.23
CA ILE D 99 10.17 51.00 3.80
C ILE D 99 9.64 52.34 3.30
N GLY D 100 9.59 52.50 1.99
CA GLY D 100 8.52 53.23 1.34
C GLY D 100 8.60 53.08 -0.18
N PRO D 101 7.96 54.00 -0.89
CA PRO D 101 8.42 54.43 -2.20
C PRO D 101 9.74 55.20 -2.10
N GLU D 102 10.78 54.54 -1.61
CA GLU D 102 12.13 55.10 -1.60
C GLU D 102 13.11 53.98 -1.29
N GLY D 103 14.05 53.69 -2.19
CA GLY D 103 14.87 52.51 -1.98
C GLY D 103 14.99 51.79 -0.65
N ILE D 104 14.92 52.55 0.44
CA ILE D 104 16.12 53.13 1.03
C ILE D 104 15.42 53.34 2.37
N GLY D 105 16.18 53.32 3.45
CA GLY D 105 16.65 54.11 4.58
C GLY D 105 16.76 53.31 5.84
N LEU D 106 17.39 53.89 6.87
CA LEU D 106 17.03 53.60 8.25
C LEU D 106 15.73 54.29 8.65
N ALA D 107 15.00 53.68 9.57
CA ALA D 107 13.80 54.30 10.14
C ALA D 107 14.13 55.60 10.92
N PRO D 108 13.09 56.41 11.30
CA PRO D 108 13.36 57.57 12.15
C PRO D 108 14.09 57.18 13.40
N ASP D 109 13.34 56.46 14.24
CA ASP D 109 13.76 56.10 15.57
C ASP D 109 13.69 54.58 15.65
N GLY D 110 14.56 53.93 14.87
CA GLY D 110 14.70 52.49 14.94
C GLY D 110 15.25 51.87 16.22
N PRO D 111 16.51 52.20 16.57
CA PRO D 111 17.24 51.84 17.78
C PRO D 111 16.58 52.10 19.15
N ALA D 112 15.43 52.75 19.23
CA ALA D 112 14.74 52.73 20.50
C ALA D 112 13.70 51.64 20.40
N LYS D 113 12.89 51.70 19.35
CA LYS D 113 11.84 50.70 19.14
C LYS D 113 12.40 49.28 19.03
N ALA D 114 13.71 49.18 18.84
CA ALA D 114 14.42 47.91 18.80
C ALA D 114 14.95 47.56 20.18
N ALA D 115 15.58 48.52 20.85
CA ALA D 115 16.16 48.22 22.16
C ALA D 115 15.07 48.23 23.22
N ALA D 116 13.85 48.58 22.81
CA ALA D 116 12.67 48.47 23.68
C ALA D 116 12.02 47.12 23.48
N LEU D 117 12.37 46.49 22.36
CA LEU D 117 11.89 45.15 21.99
C LEU D 117 12.76 44.10 22.63
N VAL D 118 14.05 44.34 22.57
CA VAL D 118 15.00 43.48 23.22
C VAL D 118 14.71 43.34 24.71
N MET D 119 14.78 44.47 25.43
CA MET D 119 14.60 44.46 26.89
C MET D 119 13.24 43.93 27.33
N ARG D 120 12.21 44.14 26.52
CA ARG D 120 10.93 43.54 26.88
C ARG D 120 11.04 42.01 26.74
N ALA D 121 11.45 41.53 25.58
CA ALA D 121 11.47 40.10 25.34
C ALA D 121 12.41 39.42 26.34
N THR D 122 13.69 39.80 26.34
CA THR D 122 14.69 39.11 27.17
C THR D 122 14.16 38.95 28.58
N ALA D 123 13.57 40.02 29.09
CA ALA D 123 12.92 40.01 30.37
C ALA D 123 11.89 38.89 30.48
N ALA D 124 10.93 38.87 29.54
CA ALA D 124 9.84 37.91 29.62
C ALA D 124 10.40 36.50 29.48
N THR D 125 11.52 36.41 28.80
CA THR D 125 12.16 35.14 28.52
C THR D 125 12.93 34.65 29.73
N CYS D 126 13.55 35.56 30.46
CA CYS D 126 14.11 35.24 31.75
C CYS D 126 13.02 34.75 32.71
N CYS D 127 11.78 35.16 32.46
CA CYS D 127 10.66 34.71 33.27
C CYS D 127 10.36 33.26 32.87
N LEU D 128 10.22 33.05 31.57
CA LEU D 128 10.15 31.73 30.99
C LEU D 128 11.27 30.87 31.54
N LEU D 129 12.50 31.14 31.12
CA LEU D 129 13.66 30.44 31.65
C LEU D 129 13.60 30.13 33.14
N PHE D 130 13.18 31.08 33.96
CA PHE D 130 13.05 30.80 35.38
C PHE D 130 12.09 29.64 35.63
N LEU D 131 10.86 29.77 35.11
CA LEU D 131 9.89 28.68 35.14
C LEU D 131 10.53 27.41 34.59
N ALA D 132 11.07 27.49 33.39
CA ALA D 132 11.56 26.30 32.73
C ALA D 132 12.86 25.77 33.31
N THR D 133 13.45 26.44 34.30
CA THR D 133 14.64 25.87 34.92
C THR D 133 14.37 25.28 36.32
N THR D 134 13.33 25.83 36.98
CA THR D 134 13.00 25.42 38.33
C THR D 134 11.71 24.66 38.52
N THR D 135 10.74 24.90 37.64
CA THR D 135 9.56 24.07 37.72
C THR D 135 9.49 23.07 36.58
N PRO D 136 9.37 21.77 36.93
CA PRO D 136 9.23 20.71 35.92
C PRO D 136 7.87 20.71 35.27
N ALA D 137 7.90 20.71 33.93
CA ALA D 137 6.74 20.79 33.05
C ALA D 137 5.53 20.04 33.57
N ALA D 138 5.80 18.99 34.31
CA ALA D 138 4.79 18.16 34.92
C ALA D 138 3.97 18.95 35.94
N ASP D 139 4.65 19.50 36.94
CA ASP D 139 4.00 20.29 37.96
C ASP D 139 3.07 21.31 37.35
N LEU D 140 3.62 22.21 36.54
CA LEU D 140 2.87 23.27 35.87
C LEU D 140 1.62 22.75 35.20
N LEU D 141 1.65 21.48 34.79
CA LEU D 141 0.53 20.88 34.12
C LEU D 141 -0.50 20.39 35.11
N SER D 142 -0.06 20.08 36.33
CA SER D 142 -1.03 19.69 37.35
C SER D 142 -1.72 20.94 37.92
N GLY D 143 -1.00 22.06 37.95
CA GLY D 143 -1.57 23.32 38.40
C GLY D 143 -2.85 23.75 37.71
N LEU D 144 -3.01 23.39 36.45
CA LEU D 144 -4.23 23.75 35.73
C LEU D 144 -5.44 23.04 36.36
N ARG D 145 -5.18 22.14 37.32
CA ARG D 145 -6.21 21.56 38.19
C ARG D 145 -7.11 22.66 38.71
N ARG D 146 -6.48 23.74 39.17
CA ARG D 146 -7.16 24.71 40.04
C ARG D 146 -7.90 25.74 39.22
N TRP D 147 -7.55 25.86 37.94
CA TRP D 147 -8.38 26.58 36.98
C TRP D 147 -9.13 25.62 36.07
N ARG D 148 -9.58 26.11 34.92
CA ARG D 148 -10.67 25.51 34.20
C ARG D 148 -10.45 24.05 33.81
N VAL D 149 -9.24 23.73 33.38
CA VAL D 149 -9.04 22.95 32.16
C VAL D 149 -9.27 21.46 32.43
N PRO D 150 -10.33 20.87 31.73
CA PRO D 150 -10.91 19.75 32.48
C PRO D 150 -9.93 18.59 32.65
N ALA D 151 -10.24 17.66 33.54
CA ALA D 151 -9.26 16.72 34.04
C ALA D 151 -8.56 15.97 32.92
N GLU D 152 -9.35 15.46 31.98
CA GLU D 152 -8.87 14.65 30.86
C GLU D 152 -7.60 15.16 30.20
N LEU D 153 -7.70 16.38 29.68
CA LEU D 153 -6.64 16.98 28.92
C LEU D 153 -5.40 17.20 29.77
N ILE D 154 -5.57 17.25 31.08
CA ILE D 154 -4.41 17.29 31.97
C ILE D 154 -3.75 15.92 32.03
N GLU D 155 -4.56 14.87 31.89
CA GLU D 155 -4.06 13.52 32.01
C GLU D 155 -3.26 13.23 30.75
N ILE D 156 -3.91 13.42 29.61
CA ILE D 156 -3.29 13.41 28.29
C ILE D 156 -1.98 14.20 28.20
N ALA D 157 -2.02 15.44 28.65
CA ALA D 157 -0.85 16.32 28.66
C ALA D 157 0.20 15.82 29.63
N LEU D 158 -0.23 15.09 30.65
CA LEU D 158 0.70 14.56 31.62
C LEU D 158 1.24 13.27 31.03
N LEU D 159 0.54 12.79 30.04
CA LEU D 159 0.91 11.54 29.40
C LEU D 159 1.72 11.83 28.15
N THR D 160 1.52 13.02 27.60
CA THR D 160 2.21 13.41 26.40
C THR D 160 3.61 13.76 26.80
N TYR D 161 3.73 14.19 28.04
CA TYR D 161 5.02 14.58 28.55
C TYR D 161 5.77 13.31 28.75
N ARG D 162 5.04 12.29 29.20
CA ARG D 162 5.54 10.93 29.46
C ARG D 162 6.10 10.19 28.23
N PHE D 163 5.27 10.07 27.20
CA PHE D 163 5.73 9.43 25.98
C PHE D 163 6.82 10.20 25.30
N VAL D 164 6.91 11.51 25.57
CA VAL D 164 7.96 12.31 24.94
C VAL D 164 9.34 11.82 25.35
N PHE D 165 9.46 11.30 26.56
CA PHE D 165 10.75 10.75 26.96
C PHE D 165 10.82 9.26 26.84
N ILE D 166 9.74 8.59 26.46
CA ILE D 166 9.91 7.21 26.07
C ILE D 166 9.66 7.08 24.58
N LEU D 167 10.02 8.13 23.84
CA LEU D 167 10.11 8.09 22.39
C LEU D 167 11.33 8.84 22.01
N ALA D 168 11.77 9.66 22.93
CA ALA D 168 12.98 10.40 22.72
C ALA D 168 14.07 9.42 22.75
N GLU D 169 13.97 8.50 23.72
CA GLU D 169 14.97 7.47 23.97
C GLU D 169 15.13 6.48 22.81
N GLU D 170 14.00 6.05 22.23
CA GLU D 170 14.09 5.14 21.11
C GLU D 170 14.60 5.96 19.94
N ALA D 171 14.19 7.22 19.79
CA ALA D 171 14.68 8.03 18.68
C ALA D 171 16.17 8.30 18.71
N ALA D 172 16.71 8.53 19.87
CA ALA D 172 18.12 8.79 19.99
C ALA D 172 18.79 7.54 19.54
N ALA D 173 18.26 6.43 20.01
CA ALA D 173 18.88 5.17 19.70
C ALA D 173 18.89 4.93 18.22
N MET D 174 17.78 5.20 17.56
CA MET D 174 17.66 4.91 16.15
C MET D 174 18.59 5.78 15.36
N THR D 175 18.66 7.05 15.74
CA THR D 175 19.46 7.97 15.00
C THR D 175 20.87 7.47 15.16
N THR D 176 21.18 7.02 16.35
CA THR D 176 22.51 6.56 16.67
C THR D 176 22.91 5.40 15.83
N ALA D 177 21.99 4.45 15.66
CA ALA D 177 22.29 3.28 14.84
C ALA D 177 22.55 3.62 13.41
N GLN D 178 21.73 4.51 12.84
CA GLN D 178 21.97 4.85 11.43
C GLN D 178 23.33 5.50 11.39
N ARG D 179 23.55 6.33 12.40
CA ARG D 179 24.66 7.22 12.42
C ARG D 179 25.86 6.35 12.35
N ALA D 180 25.93 5.30 13.14
CA ALA D 180 26.88 4.26 12.81
C ALA D 180 26.43 3.89 11.44
N ARG D 181 26.81 2.70 10.96
CA ARG D 181 26.35 2.17 9.67
C ARG D 181 26.35 3.27 8.63
N LEU D 182 26.86 4.39 9.10
CA LEU D 182 27.26 5.51 8.34
C LEU D 182 26.09 6.19 7.90
N GLY D 183 25.17 6.43 8.84
CA GLY D 183 23.95 7.13 8.55
C GLY D 183 24.27 8.33 7.68
N HIS D 184 25.47 8.87 7.86
CA HIS D 184 25.71 10.30 7.65
C HIS D 184 26.43 10.95 6.49
N ALA D 185 26.86 10.15 5.52
CA ALA D 185 27.79 10.61 4.49
C ALA D 185 27.60 11.70 3.43
N THR D 186 26.65 11.49 2.53
CA THR D 186 25.98 12.59 1.86
C THR D 186 25.14 13.40 2.84
N ARG D 187 24.50 14.44 2.33
CA ARG D 187 23.50 15.12 3.11
C ARG D 187 22.12 14.54 2.84
N ARG D 188 21.78 14.43 1.56
CA ARG D 188 20.50 13.85 1.15
C ARG D 188 20.32 12.55 1.91
N ARG D 189 21.44 11.87 2.11
CA ARG D 189 21.50 10.67 2.91
C ARG D 189 20.94 10.91 4.31
N TRP D 190 21.36 12.03 4.91
CA TRP D 190 20.92 12.41 6.25
C TRP D 190 19.43 12.67 6.31
N LEU D 191 18.89 13.33 5.29
CA LEU D 191 17.44 13.60 5.27
C LEU D 191 16.72 12.28 5.20
N ARG D 192 17.01 11.57 4.12
CA ARG D 192 16.52 10.22 3.85
C ARG D 192 16.36 9.44 5.13
N SER D 193 17.45 9.40 5.83
CA SER D 193 17.60 8.67 7.06
C SER D 193 16.64 9.13 8.12
N THR D 194 16.85 10.34 8.61
CA THR D 194 15.98 10.98 9.56
C THR D 194 14.54 10.69 9.26
N ALA D 195 14.17 10.46 8.01
CA ALA D 195 12.79 10.09 7.73
C ALA D 195 12.57 8.73 8.32
N GLN D 196 13.61 7.93 8.20
CA GLN D 196 13.56 6.53 8.59
C GLN D 196 13.58 6.35 10.11
N VAL D 197 13.51 7.45 10.83
CA VAL D 197 13.46 7.56 12.27
C VAL D 197 12.16 8.23 12.67
N ILE D 198 11.61 9.07 11.80
CA ILE D 198 10.28 9.63 11.99
C ILE D 198 9.21 8.68 11.50
N ALA D 199 9.37 8.10 10.31
CA ALA D 199 8.38 7.15 9.84
C ALA D 199 8.29 6.01 10.85
N ALA D 200 9.46 5.64 11.35
CA ALA D 200 9.57 4.49 12.19
C ALA D 200 9.39 4.86 13.63
N LEU D 201 8.54 5.86 13.87
CA LEU D 201 8.35 6.38 15.21
C LEU D 201 6.89 6.56 15.50
N LEU D 202 6.07 6.54 14.46
CA LEU D 202 4.64 6.65 14.66
C LEU D 202 4.01 5.36 15.13
N PRO D 203 4.31 4.21 14.49
CA PRO D 203 3.63 3.02 14.98
C PRO D 203 4.19 2.57 16.32
N ARG D 204 5.49 2.78 16.54
CA ARG D 204 6.11 2.44 17.79
C ARG D 204 5.39 3.15 18.90
N ALA D 205 5.03 4.40 18.66
CA ALA D 205 4.25 5.18 19.60
C ALA D 205 2.87 4.56 19.82
N LEU D 206 2.05 4.52 18.77
CA LEU D 206 0.71 3.96 18.89
C LEU D 206 0.65 2.63 19.64
N THR D 207 1.62 1.76 19.39
CA THR D 207 1.69 0.47 20.06
C THR D 207 2.08 0.64 21.52
N ARG D 208 3.10 1.46 21.78
CA ARG D 208 3.50 1.82 23.13
C ARG D 208 2.32 2.37 23.92
N ALA D 209 1.37 2.93 23.21
CA ALA D 209 0.10 3.31 23.83
C ALA D 209 -0.69 2.09 24.30
N ARG D 210 -0.82 1.08 23.44
CA ARG D 210 -1.75 0.00 23.76
C ARG D 210 -1.10 -0.95 24.75
N ARG D 211 0.22 -1.09 24.77
CA ARG D 211 0.75 -1.88 25.87
C ARG D 211 0.71 -1.10 27.17
N LEU D 212 0.47 0.21 27.08
CA LEU D 212 0.23 0.96 28.30
C LEU D 212 -1.11 0.52 28.88
N GLU D 213 -2.13 0.51 28.03
CA GLU D 213 -3.49 0.22 28.45
C GLU D 213 -3.63 -1.17 29.09
N THR D 214 -2.96 -2.16 28.52
CA THR D 214 -3.01 -3.52 29.08
C THR D 214 -2.25 -3.56 30.38
N GLY D 215 -1.16 -2.82 30.47
CA GLY D 215 -0.33 -2.83 31.66
C GLY D 215 -1.06 -2.24 32.85
N LEU D 216 -1.80 -1.17 32.60
CA LEU D 216 -2.47 -0.43 33.67
C LEU D 216 -3.74 -1.15 34.12
N GLY D 217 -4.39 -1.83 33.19
CA GLY D 217 -5.50 -2.70 33.52
C GLY D 217 -5.19 -3.65 34.67
N ALA D 218 -3.91 -3.72 35.02
CA ALA D 218 -3.50 -4.44 36.23
C ALA D 218 -4.45 -3.90 37.28
N ARG D 219 -4.35 -2.50 37.40
CA ARG D 219 -5.01 -1.99 38.60
C ARG D 219 -6.36 -2.11 37.89
N ASN D 220 -7.40 -1.91 38.66
CA ASN D 220 -8.69 -2.20 38.16
C ASN D 220 -9.09 -1.01 37.34
N TRP D 221 -8.14 -0.48 36.59
CA TRP D 221 -8.48 0.57 35.69
C TRP D 221 -7.44 0.84 34.71
N GLN D 222 -7.85 1.34 33.55
CA GLN D 222 -6.91 1.66 32.48
C GLN D 222 -6.88 3.16 32.22
N GLY D 223 -8.05 3.79 32.22
CA GLY D 223 -8.15 5.22 31.98
C GLY D 223 -8.09 6.02 33.27
N GLU D 224 -8.91 7.07 33.34
CA GLU D 224 -8.95 7.92 34.52
C GLU D 224 -7.59 8.56 34.78
N MET D 225 -6.82 7.95 35.67
CA MET D 225 -5.51 8.46 36.01
C MET D 225 -5.24 9.30 37.24
N ARG D 226 -6.15 9.22 38.19
CA ARG D 226 -5.94 9.93 39.41
C ARG D 226 -4.66 9.49 40.04
N VAL D 227 -3.93 10.49 40.46
CA VAL D 227 -2.61 10.32 41.00
C VAL D 227 -2.57 11.11 42.30
N LEU D 228 -1.55 10.87 43.13
CA LEU D 228 -1.33 11.68 44.31
C LEU D 228 0.01 12.34 44.24
N SER D 229 0.01 13.65 44.42
CA SER D 229 1.25 14.41 44.29
C SER D 229 1.93 14.68 45.62
N THR D 230 3.24 14.90 45.59
CA THR D 230 4.00 15.07 46.82
C THR D 230 4.50 16.52 47.01
N ARG D 231 3.95 17.45 46.24
CA ARG D 231 4.33 18.85 46.33
C ARG D 231 3.88 19.46 47.65
N PRO D 232 4.50 20.67 48.01
CA PRO D 232 4.03 21.21 49.28
C PRO D 232 3.01 22.34 49.09
N PRO D 233 2.38 22.81 50.25
CA PRO D 233 1.41 23.88 49.98
C PRO D 233 1.99 25.25 50.31
N ALA D 234 2.49 25.94 49.29
CA ALA D 234 3.07 27.27 49.48
C ALA D 234 2.20 28.13 50.38
N SER D 235 2.52 28.14 51.68
CA SER D 235 1.76 28.93 52.65
C SER D 235 1.49 30.33 52.12
N ALA D 236 0.30 30.85 52.41
CA ALA D 236 -0.09 32.18 51.98
C ALA D 236 0.93 33.23 52.43
N ARG D 237 2.00 32.77 53.07
CA ARG D 237 3.03 33.66 53.56
C ARG D 237 3.76 34.28 52.38
N VAL D 238 4.55 33.45 51.73
CA VAL D 238 5.31 33.93 50.63
C VAL D 238 4.36 34.40 49.60
N LEU D 239 3.12 33.91 49.61
CA LEU D 239 2.08 34.55 48.79
C LEU D 239 2.14 36.05 48.89
N GLY D 240 1.61 36.56 49.99
CA GLY D 240 1.63 37.96 50.28
C GLY D 240 2.96 38.59 49.93
N LEU D 241 4.05 38.03 50.43
CA LEU D 241 5.30 38.76 50.24
C LEU D 241 5.62 38.95 48.76
N ILE D 242 5.64 37.87 48.01
CA ILE D 242 5.94 37.96 46.60
C ILE D 242 4.98 38.86 45.88
N LEU D 243 3.70 38.71 46.16
CA LEU D 243 2.72 39.46 45.42
C LEU D 243 3.03 40.92 45.60
N THR D 244 3.29 41.33 46.83
CA THR D 244 3.57 42.73 47.10
C THR D 244 4.76 43.18 46.30
N LEU D 245 5.85 42.44 46.39
CA LEU D 245 7.01 42.80 45.60
C LEU D 245 6.66 43.07 44.17
N GLN D 246 6.00 42.13 43.54
CA GLN D 246 5.67 42.31 42.13
C GLN D 246 4.85 43.56 41.92
N ALA D 247 3.76 43.71 42.66
CA ALA D 247 2.90 44.85 42.46
C ALA D 247 3.70 46.12 42.59
N ALA D 248 4.61 46.12 43.54
CA ALA D 248 5.52 47.24 43.70
C ALA D 248 6.21 47.48 42.40
N ILE D 249 7.16 46.60 42.06
CA ILE D 249 7.95 46.76 40.85
C ILE D 249 7.11 47.12 39.66
N LEU D 250 5.82 46.88 39.76
CA LEU D 250 4.88 47.45 38.87
C LEU D 250 4.93 48.90 39.20
N ALA D 251 3.95 49.35 39.99
CA ALA D 251 3.87 50.75 40.39
C ALA D 251 5.11 51.52 39.95
N ALA D 252 6.26 51.12 40.47
CA ALA D 252 7.53 51.77 40.12
C ALA D 252 7.79 51.71 38.62
N GLY D 253 7.47 50.56 38.02
CA GLY D 253 7.67 50.36 36.60
C GLY D 253 6.76 51.25 35.76
N VAL D 254 5.56 51.50 36.27
CA VAL D 254 4.58 52.33 35.57
C VAL D 254 4.79 53.80 35.89
N LEU D 255 5.68 54.08 36.85
CA LEU D 255 5.97 55.45 37.25
C LEU D 255 6.16 56.35 36.03
N MET E 1 23.01 2.87 -12.64
CA MET E 1 22.95 2.40 -14.02
C MET E 1 23.11 0.88 -14.06
N THR E 2 23.09 0.26 -12.88
CA THR E 2 23.11 -1.21 -12.74
C THR E 2 21.87 -1.93 -13.36
N PRO E 3 20.66 -1.35 -13.23
CA PRO E 3 19.52 -1.98 -13.92
C PRO E 3 19.62 -1.92 -15.44
N ILE E 4 18.79 -2.72 -16.12
CA ILE E 4 18.80 -2.74 -17.57
C ILE E 4 17.47 -2.22 -18.06
N LEU E 5 16.56 -2.07 -17.11
CA LEU E 5 15.27 -1.47 -17.37
C LEU E 5 14.63 -1.11 -16.04
N ALA E 6 14.09 0.12 -15.96
CA ALA E 6 13.50 0.64 -14.73
C ALA E 6 12.30 1.51 -15.02
N ALA E 7 11.47 1.71 -14.00
CA ALA E 7 10.30 2.57 -14.13
C ALA E 7 10.28 3.60 -13.02
N GLU E 8 10.22 4.87 -13.41
CA GLU E 8 10.24 5.95 -12.41
C GLU E 8 8.94 6.76 -12.39
N ALA E 9 8.37 6.91 -11.20
CA ALA E 9 7.17 7.73 -11.02
C ALA E 9 6.08 7.64 -12.08
N LEU E 10 5.87 6.42 -12.60
CA LEU E 10 4.95 6.17 -13.71
C LEU E 10 3.53 6.45 -13.32
N THR E 11 2.83 7.23 -14.14
CA THR E 11 1.41 7.37 -13.92
C THR E 11 0.62 7.54 -15.19
N TYR E 12 -0.45 6.75 -15.26
CA TYR E 12 -1.25 6.57 -16.46
C TYR E 12 -2.65 6.28 -15.93
N ALA E 13 -3.61 7.06 -16.43
CA ALA E 13 -5.05 6.87 -16.18
C ALA E 13 -5.68 5.94 -17.22
N PHE E 14 -6.76 6.39 -17.86
CA PHE E 14 -7.43 5.58 -18.88
C PHE E 14 -8.94 5.62 -18.68
N PRO E 15 -9.68 4.82 -19.57
CA PRO E 15 -11.13 4.88 -19.35
C PRO E 15 -11.64 3.68 -18.57
N GLY E 16 -10.73 2.76 -18.23
CA GLY E 16 -11.09 1.57 -17.48
C GLY E 16 -11.39 1.87 -16.02
N GLY E 17 -10.46 2.52 -15.35
CA GLY E 17 -10.62 2.88 -13.94
C GLY E 17 -10.08 4.24 -13.52
N VAL E 18 -10.11 5.18 -14.46
CA VAL E 18 -9.67 6.54 -14.18
C VAL E 18 -8.17 6.54 -13.88
N LYS E 19 -7.72 5.54 -13.14
CA LYS E 19 -6.26 5.43 -12.86
C LYS E 19 -5.54 4.08 -12.72
N ALA E 20 -4.79 3.64 -13.71
CA ALA E 20 -4.02 2.40 -13.53
C ALA E 20 -2.58 2.26 -13.10
N LEU E 21 -1.71 3.16 -13.52
CA LEU E 21 -0.40 3.27 -12.92
C LEU E 21 -0.25 4.53 -12.10
N ASP E 22 0.08 4.42 -10.81
CA ASP E 22 -0.06 5.57 -9.92
C ASP E 22 1.09 6.04 -9.03
N ASP E 23 2.05 6.72 -9.66
CA ASP E 23 3.39 6.90 -9.10
C ASP E 23 4.00 5.54 -8.82
N LEU E 24 4.15 4.74 -9.88
CA LEU E 24 4.77 3.42 -9.79
C LEU E 24 6.25 3.49 -10.11
N SER E 25 7.06 2.84 -9.28
CA SER E 25 8.48 2.63 -9.60
C SER E 25 9.02 1.23 -9.36
N LEU E 26 9.95 0.82 -10.21
CA LEU E 26 10.41 -0.57 -10.22
C LEU E 26 11.75 -0.58 -10.96
N ALA E 27 12.42 -1.72 -10.94
CA ALA E 27 13.73 -1.85 -11.57
C ALA E 27 13.98 -3.33 -11.86
N VAL E 28 14.61 -3.60 -13.01
CA VAL E 28 14.91 -4.97 -13.40
C VAL E 28 16.41 -5.16 -13.64
N PRO E 29 17.02 -6.02 -12.85
CA PRO E 29 18.44 -6.35 -13.02
C PRO E 29 18.67 -7.38 -14.14
N LYS E 30 19.72 -7.22 -14.93
CA LYS E 30 19.71 -7.80 -16.24
C LYS E 30 19.81 -9.30 -16.50
N GLY E 31 20.01 -10.11 -15.48
CA GLY E 31 20.19 -11.55 -15.70
C GLY E 31 18.89 -12.23 -15.29
N GLU E 32 18.36 -11.71 -14.22
CA GLU E 32 17.42 -12.32 -13.30
C GLU E 32 15.98 -12.12 -13.75
N SER E 33 15.16 -13.15 -13.59
CA SER E 33 13.77 -13.09 -13.98
C SER E 33 12.97 -12.44 -12.89
N LEU E 34 12.00 -11.62 -13.27
CA LEU E 34 11.27 -10.78 -12.34
C LEU E 34 9.78 -11.00 -12.51
N ALA E 35 9.12 -11.44 -11.47
CA ALA E 35 7.68 -11.69 -11.54
C ALA E 35 6.97 -10.43 -11.18
N ILE E 36 5.87 -10.11 -11.82
CA ILE E 36 5.10 -9.06 -11.25
C ILE E 36 3.71 -9.57 -10.91
N LEU E 37 3.69 -10.11 -9.70
CA LEU E 37 2.57 -10.74 -9.01
C LEU E 37 1.50 -9.76 -8.51
N GLY E 38 0.26 -9.97 -8.93
CA GLY E 38 -0.84 -9.18 -8.44
C GLY E 38 -2.19 -9.72 -8.85
N PRO E 39 -3.28 -9.30 -8.09
CA PRO E 39 -4.56 -9.84 -8.54
C PRO E 39 -5.09 -9.14 -9.75
N ASN E 40 -6.15 -9.65 -10.35
CA ASN E 40 -6.59 -9.14 -11.63
C ASN E 40 -6.93 -7.71 -11.40
N GLY E 41 -6.74 -6.91 -12.43
CA GLY E 41 -7.05 -5.48 -12.48
C GLY E 41 -6.12 -4.51 -11.75
N ALA E 42 -4.95 -4.99 -11.34
CA ALA E 42 -3.95 -4.10 -10.74
C ALA E 42 -3.09 -3.42 -11.83
N GLY E 43 -3.57 -3.40 -13.08
CA GLY E 43 -2.92 -2.69 -14.18
C GLY E 43 -1.55 -3.20 -14.55
N LYS E 44 -1.39 -4.50 -14.38
CA LYS E 44 -0.14 -5.20 -14.53
C LYS E 44 0.09 -5.52 -15.98
N SER E 45 -0.98 -5.59 -16.72
CA SER E 45 -0.97 -5.73 -18.16
C SER E 45 -0.60 -4.38 -18.80
N THR E 46 -1.07 -3.28 -18.18
CA THR E 46 -0.82 -1.89 -18.60
C THR E 46 0.62 -1.45 -18.38
N LEU E 47 1.21 -1.91 -17.29
CA LEU E 47 2.58 -1.59 -16.95
C LEU E 47 3.59 -2.23 -17.90
N LEU E 48 3.18 -3.29 -18.57
CA LEU E 48 4.10 -3.97 -19.46
C LEU E 48 4.21 -3.16 -20.74
N LEU E 49 3.08 -2.76 -21.29
CA LEU E 49 3.04 -1.94 -22.51
C LEU E 49 3.76 -0.58 -22.50
N HIS E 50 3.84 -0.03 -21.31
CA HIS E 50 4.75 0.90 -20.65
C HIS E 50 6.26 0.64 -20.80
N LEU E 51 6.65 -0.62 -20.91
CA LEU E 51 8.04 -1.04 -20.83
C LEU E 51 8.69 -1.38 -22.20
N ASN E 52 7.85 -1.63 -23.21
CA ASN E 52 8.31 -1.68 -24.62
C ASN E 52 7.86 -0.40 -25.36
N GLY E 53 7.32 0.56 -24.61
CA GLY E 53 6.89 1.83 -25.16
C GLY E 53 5.64 1.80 -26.01
N THR E 54 4.74 0.88 -25.69
CA THR E 54 3.48 0.83 -26.42
C THR E 54 2.65 2.01 -26.02
N LEU E 55 2.77 2.35 -24.74
CA LEU E 55 1.99 3.39 -24.11
C LEU E 55 2.91 4.47 -23.65
N ARG E 56 2.54 5.72 -23.90
CA ARG E 56 3.37 6.83 -23.45
C ARG E 56 2.82 7.40 -22.15
N PRO E 57 3.70 7.33 -21.04
CA PRO E 57 3.12 7.88 -19.81
C PRO E 57 3.06 9.40 -19.70
N GLN E 58 1.88 9.93 -19.40
CA GLN E 58 1.75 11.37 -19.19
C GLN E 58 2.87 11.96 -18.35
N SER E 59 3.20 11.28 -17.26
CA SER E 59 4.27 11.70 -16.37
C SER E 59 5.15 10.53 -15.94
N GLY E 60 6.42 10.81 -15.67
CA GLY E 60 7.34 9.82 -15.18
C GLY E 60 8.04 9.34 -16.42
N ARG E 61 9.21 8.72 -16.30
CA ARG E 61 9.93 8.26 -17.47
C ARG E 61 9.92 6.74 -17.51
N VAL E 62 10.55 6.18 -18.56
CA VAL E 62 11.00 4.79 -18.52
C VAL E 62 12.46 4.80 -18.94
N LEU E 63 13.26 3.95 -18.30
CA LEU E 63 14.65 4.29 -17.99
C LEU E 63 15.55 3.22 -18.60
N LEU E 64 16.09 3.52 -19.78
CA LEU E 64 16.89 2.55 -20.51
C LEU E 64 18.41 2.40 -20.54
N GLY E 65 18.89 1.25 -20.11
CA GLY E 65 20.29 1.11 -19.71
C GLY E 65 20.63 2.13 -18.65
N GLY E 66 19.62 2.57 -17.91
CA GLY E 66 19.74 3.73 -17.05
C GLY E 66 20.01 4.97 -17.89
N THR E 67 19.45 5.00 -19.08
CA THR E 67 19.56 6.16 -19.96
C THR E 67 18.08 6.31 -20.28
N ALA E 68 17.59 7.54 -20.27
CA ALA E 68 16.19 7.79 -20.57
C ALA E 68 15.80 7.33 -21.97
N THR E 69 14.49 7.29 -22.20
CA THR E 69 13.96 6.98 -23.52
C THR E 69 12.98 8.04 -23.99
N GLY E 70 12.28 7.76 -25.09
CA GLY E 70 10.94 8.29 -25.31
C GLY E 70 10.37 7.85 -26.64
N HIS E 71 9.10 8.21 -26.83
CA HIS E 71 8.19 7.56 -27.76
C HIS E 71 8.57 7.50 -29.23
N SER E 72 9.63 8.18 -29.65
CA SER E 72 9.89 8.14 -31.09
C SER E 72 10.47 6.77 -31.41
N ARG E 73 10.48 6.52 -32.71
CA ARG E 73 11.32 5.54 -33.31
C ARG E 73 12.76 5.97 -33.09
N LYS E 74 13.04 7.25 -32.79
CA LYS E 74 14.44 7.49 -32.50
C LYS E 74 14.89 6.16 -31.88
N ASP E 75 14.23 5.78 -30.79
CA ASP E 75 14.82 4.84 -29.83
C ASP E 75 13.79 3.78 -29.57
N LEU E 76 12.55 4.06 -29.98
CA LEU E 76 11.45 3.11 -29.87
C LEU E 76 11.78 1.81 -30.60
N THR E 77 12.34 1.92 -31.79
CA THR E 77 12.81 0.72 -32.46
C THR E 77 13.96 0.12 -31.65
N GLY E 78 15.02 0.88 -31.45
CA GLY E 78 16.14 0.47 -30.60
C GLY E 78 15.68 -0.10 -29.27
N TRP E 79 14.68 0.56 -28.68
CA TRP E 79 13.97 0.02 -27.52
C TRP E 79 13.44 -1.35 -27.86
N ARG E 80 12.48 -1.36 -28.76
CA ARG E 80 11.79 -2.60 -29.12
C ARG E 80 12.66 -3.66 -29.80
N ARG E 81 13.89 -3.33 -30.18
CA ARG E 81 14.78 -4.37 -30.67
C ARG E 81 15.49 -4.97 -29.48
N ARG E 82 15.24 -4.37 -28.33
CA ARG E 82 15.95 -4.73 -27.11
C ARG E 82 15.00 -5.04 -25.95
N VAL E 83 13.73 -4.71 -26.15
CA VAL E 83 12.67 -4.98 -25.19
C VAL E 83 11.47 -5.48 -25.97
N GLY E 84 11.05 -6.72 -25.68
CA GLY E 84 10.07 -7.34 -26.55
C GLY E 84 8.88 -7.98 -25.87
N LEU E 85 7.76 -8.03 -26.58
CA LEU E 85 6.49 -8.36 -25.97
C LEU E 85 5.78 -9.65 -26.46
N VAL E 86 5.33 -10.46 -25.51
CA VAL E 86 4.40 -11.53 -25.80
C VAL E 86 3.11 -11.37 -24.99
N LEU E 87 1.97 -11.69 -25.57
CA LEU E 87 0.68 -11.33 -25.01
C LEU E 87 -0.14 -12.36 -24.21
N GLN E 88 -1.32 -11.92 -23.78
CA GLN E 88 -2.37 -12.73 -23.20
C GLN E 88 -3.12 -13.15 -24.44
N ASP E 89 -3.11 -14.44 -24.72
CA ASP E 89 -3.67 -15.04 -25.93
C ASP E 89 -2.50 -14.86 -26.84
N ALA E 90 -2.32 -15.71 -27.86
CA ALA E 90 -1.28 -15.49 -28.85
C ALA E 90 -1.99 -15.34 -30.16
N ASP E 91 -3.13 -15.93 -30.20
CA ASP E 91 -4.08 -15.80 -31.32
C ASP E 91 -4.17 -14.39 -31.92
N ASP E 92 -3.38 -13.47 -31.38
CA ASP E 92 -3.50 -12.04 -31.65
C ASP E 92 -2.17 -11.47 -31.99
N GLN E 93 -1.15 -12.29 -31.80
CA GLN E 93 0.19 -11.97 -32.16
C GLN E 93 0.54 -12.74 -33.45
N LEU E 94 -0.34 -13.65 -33.86
CA LEU E 94 -0.14 -14.46 -35.06
C LEU E 94 -1.02 -14.31 -36.28
N PHE E 95 -0.42 -13.82 -37.37
CA PHE E 95 -1.14 -13.34 -38.54
C PHE E 95 -0.82 -14.06 -39.86
N ALA E 96 0.37 -14.64 -39.96
CA ALA E 96 0.76 -15.35 -41.16
C ALA E 96 0.05 -16.71 -41.22
N THR E 97 0.24 -17.41 -42.33
CA THR E 97 -0.47 -18.66 -42.48
C THR E 97 0.52 -19.84 -42.28
N THR E 98 1.64 -19.58 -41.60
CA THR E 98 2.72 -20.56 -41.44
C THR E 98 3.64 -20.21 -40.27
N VAL E 99 4.12 -21.21 -39.54
CA VAL E 99 5.01 -20.96 -38.42
C VAL E 99 6.31 -20.33 -38.87
N PHE E 100 6.83 -20.70 -40.03
CA PHE E 100 8.12 -20.12 -40.39
C PHE E 100 8.00 -18.66 -40.79
N GLU E 101 6.91 -18.29 -41.44
CA GLU E 101 6.72 -16.90 -41.82
C GLU E 101 6.49 -16.00 -40.60
N ASP E 102 5.74 -16.51 -39.63
CA ASP E 102 5.32 -15.65 -38.55
C ASP E 102 6.46 -15.36 -37.60
N VAL E 103 7.36 -16.31 -37.47
CA VAL E 103 8.52 -16.04 -36.66
C VAL E 103 9.45 -15.18 -37.48
N SER E 104 9.26 -15.14 -38.81
CA SER E 104 10.13 -14.36 -39.72
C SER E 104 9.95 -12.87 -39.74
N PHE E 105 8.72 -12.42 -39.50
CA PHE E 105 8.35 -11.02 -39.34
C PHE E 105 9.42 -10.29 -38.58
N GLY E 106 9.74 -10.80 -37.40
CA GLY E 106 10.74 -10.19 -36.55
C GLY E 106 12.07 -9.92 -37.23
N PRO E 107 12.84 -10.98 -37.48
CA PRO E 107 14.16 -10.89 -38.09
C PRO E 107 14.19 -10.11 -39.39
N LEU E 108 13.06 -10.07 -40.10
CA LEU E 108 12.94 -9.28 -41.32
C LEU E 108 12.94 -7.81 -40.94
N ASN E 109 11.96 -7.47 -40.12
CA ASN E 109 11.78 -6.10 -39.65
C ASN E 109 12.97 -5.53 -38.91
N LEU E 110 13.94 -6.36 -38.52
CA LEU E 110 15.08 -5.85 -37.78
C LEU E 110 16.20 -5.55 -38.76
N GLY E 111 15.91 -5.69 -40.04
CA GLY E 111 16.89 -5.62 -41.11
C GLY E 111 17.57 -6.93 -41.51
N LEU E 112 18.48 -7.31 -40.65
CA LEU E 112 19.11 -8.60 -40.71
C LEU E 112 19.43 -9.28 -42.03
N SER E 113 18.49 -9.27 -42.97
CA SER E 113 18.62 -9.99 -44.25
C SER E 113 18.08 -11.38 -44.17
N GLU E 114 18.61 -12.24 -45.03
CA GLU E 114 17.93 -13.51 -45.24
C GLU E 114 18.33 -14.73 -44.43
N ALA E 115 19.58 -15.15 -44.40
CA ALA E 115 20.70 -14.63 -43.73
C ALA E 115 20.31 -14.68 -42.28
N GLU E 116 20.28 -13.52 -41.65
CA GLU E 116 20.00 -13.46 -40.24
C GLU E 116 18.64 -14.08 -40.07
N ALA E 117 17.75 -13.86 -41.04
CA ALA E 117 16.37 -14.22 -40.80
C ALA E 117 16.31 -15.70 -40.53
N ARG E 118 16.95 -16.48 -41.37
CA ARG E 118 16.85 -17.91 -41.27
C ARG E 118 17.44 -18.25 -39.97
N ALA E 119 18.59 -17.65 -39.70
CA ALA E 119 19.31 -18.12 -38.53
C ALA E 119 18.45 -17.92 -37.32
N ARG E 120 17.87 -16.74 -37.21
CA ARG E 120 17.13 -16.39 -36.03
C ARG E 120 15.93 -17.25 -35.87
N VAL E 121 15.22 -17.44 -36.96
CA VAL E 121 14.04 -18.26 -36.89
C VAL E 121 14.49 -19.63 -36.51
N GLU E 122 15.56 -20.12 -37.10
CA GLU E 122 15.90 -21.50 -36.85
C GLU E 122 16.35 -21.65 -35.44
N GLU E 123 17.11 -20.67 -35.00
CA GLU E 123 17.85 -20.76 -33.77
C GLU E 123 16.88 -20.60 -32.63
N ALA E 124 15.84 -19.80 -32.82
CA ALA E 124 14.77 -19.80 -31.85
C ALA E 124 13.96 -21.05 -31.70
N LEU E 125 13.16 -21.31 -32.70
CA LEU E 125 12.17 -22.36 -32.60
C LEU E 125 12.76 -23.56 -31.86
N ALA E 126 14.09 -23.63 -31.88
CA ALA E 126 14.82 -24.66 -31.15
C ALA E 126 14.75 -24.34 -29.68
N ALA E 127 15.12 -23.10 -29.34
CA ALA E 127 14.99 -22.58 -27.98
C ALA E 127 13.56 -22.60 -27.45
N LEU E 128 12.64 -23.07 -28.28
CA LEU E 128 11.30 -23.36 -27.83
C LEU E 128 10.84 -24.72 -28.25
N SER E 129 11.79 -25.57 -28.63
CA SER E 129 11.50 -26.98 -28.77
C SER E 129 10.29 -27.32 -29.61
N ILE E 130 10.00 -26.44 -30.56
CA ILE E 130 8.95 -26.69 -31.54
C ILE E 130 9.43 -26.67 -32.96
N SER E 131 10.69 -27.01 -33.16
CA SER E 131 11.33 -26.87 -34.45
C SER E 131 10.65 -27.78 -35.47
N ASP E 132 10.02 -28.84 -34.97
CA ASP E 132 9.28 -29.73 -35.85
C ASP E 132 7.98 -29.14 -36.34
N LEU E 133 7.72 -27.89 -35.97
CA LEU E 133 6.50 -27.19 -36.37
C LEU E 133 6.81 -26.15 -37.41
N ARG E 134 8.02 -26.26 -37.92
CA ARG E 134 8.56 -25.42 -38.98
C ARG E 134 7.59 -25.06 -40.10
N ASP E 135 6.71 -25.94 -40.55
CA ASP E 135 5.90 -25.49 -41.69
C ASP E 135 4.44 -25.83 -41.57
N ARG E 136 3.95 -25.89 -40.34
CA ARG E 136 2.55 -26.22 -40.18
C ARG E 136 1.73 -24.94 -40.04
N PRO E 137 0.66 -24.83 -40.84
CA PRO E 137 -0.29 -23.72 -40.83
C PRO E 137 -0.61 -23.28 -39.44
N THR E 138 -0.59 -21.98 -39.18
CA THR E 138 -0.82 -21.49 -37.83
C THR E 138 -2.21 -21.71 -37.24
N HIS E 139 -3.21 -21.98 -38.08
CA HIS E 139 -4.58 -22.07 -37.56
C HIS E 139 -4.90 -23.54 -37.65
N MET E 140 -3.84 -24.33 -37.58
CA MET E 140 -3.93 -25.74 -37.28
C MET E 140 -2.86 -25.96 -36.21
N LEU E 141 -3.07 -25.35 -35.06
CA LEU E 141 -2.17 -25.51 -33.93
C LEU E 141 -2.94 -25.54 -32.63
N SER E 142 -2.41 -26.23 -31.63
CA SER E 142 -3.06 -26.23 -30.35
C SER E 142 -2.54 -25.02 -29.59
N GLY E 143 -3.41 -24.43 -28.78
CA GLY E 143 -3.05 -23.24 -28.03
C GLY E 143 -1.70 -23.28 -27.35
N GLY E 144 -1.21 -24.48 -27.11
CA GLY E 144 0.06 -24.64 -26.44
C GLY E 144 1.13 -24.44 -27.46
N GLN E 145 0.76 -24.57 -28.72
CA GLN E 145 1.76 -24.51 -29.76
C GLN E 145 1.90 -23.08 -30.19
N LYS E 146 0.74 -22.45 -30.47
CA LYS E 146 0.71 -21.06 -30.88
C LYS E 146 1.50 -20.21 -29.91
N ARG E 147 1.31 -20.43 -28.62
CA ARG E 147 2.02 -19.68 -27.64
C ARG E 147 3.53 -19.87 -27.74
N ARG E 148 4.02 -21.07 -28.00
CA ARG E 148 5.47 -21.19 -28.15
C ARG E 148 5.91 -20.73 -29.50
N VAL E 149 4.97 -20.63 -30.42
CA VAL E 149 5.27 -19.95 -31.66
C VAL E 149 5.44 -18.47 -31.37
N ALA E 150 4.44 -17.87 -30.71
CA ALA E 150 4.46 -16.44 -30.34
C ALA E 150 5.64 -16.04 -29.47
N ILE E 151 5.99 -16.87 -28.50
CA ILE E 151 7.15 -16.62 -27.67
C ILE E 151 8.43 -16.81 -28.49
N ALA E 152 8.33 -17.58 -29.57
CA ALA E 152 9.46 -17.76 -30.46
C ALA E 152 9.52 -16.63 -31.48
N GLY E 153 8.35 -16.07 -31.80
CA GLY E 153 8.25 -14.90 -32.63
C GLY E 153 9.01 -13.77 -31.97
N ALA E 154 8.95 -13.75 -30.64
CA ALA E 154 9.60 -12.71 -29.89
C ALA E 154 11.08 -12.99 -29.60
N VAL E 155 11.43 -14.22 -29.23
CA VAL E 155 12.82 -14.51 -28.86
C VAL E 155 13.69 -14.57 -30.07
N ALA E 156 13.08 -14.35 -31.23
CA ALA E 156 13.78 -14.38 -32.52
C ALA E 156 14.30 -13.01 -32.88
N MET E 157 14.25 -12.06 -31.94
CA MET E 157 14.84 -10.76 -32.18
C MET E 157 16.10 -10.59 -31.31
N ARG E 158 16.52 -11.68 -30.67
CA ARG E 158 17.70 -11.65 -29.81
C ARG E 158 17.69 -10.49 -28.82
N PRO E 159 16.55 -10.41 -27.99
CA PRO E 159 16.59 -9.27 -27.07
C PRO E 159 17.15 -9.61 -25.68
N GLU E 160 17.30 -8.59 -24.83
CA GLU E 160 17.82 -8.80 -23.49
C GLU E 160 16.69 -8.86 -22.47
N VAL E 161 15.57 -8.23 -22.79
CA VAL E 161 14.42 -8.22 -21.90
C VAL E 161 13.16 -8.60 -22.66
N LEU E 162 12.52 -9.65 -22.16
CA LEU E 162 11.32 -10.20 -22.77
C LEU E 162 10.16 -10.11 -21.80
N LEU E 163 9.07 -9.46 -22.22
CA LEU E 163 7.95 -9.23 -21.34
C LEU E 163 6.79 -10.14 -21.69
N LEU E 164 6.50 -11.09 -20.82
CA LEU E 164 5.45 -12.06 -21.10
C LEU E 164 4.25 -11.81 -20.22
N ASP E 165 3.10 -11.59 -20.76
CA ASP E 165 2.01 -11.39 -19.87
C ASP E 165 1.26 -12.71 -19.68
N GLU E 166 1.21 -13.20 -18.46
CA GLU E 166 0.46 -14.39 -18.18
C GLU E 166 0.85 -15.52 -19.10
N PRO E 167 2.22 -15.83 -19.13
CA PRO E 167 2.58 -16.71 -20.24
C PRO E 167 1.88 -18.01 -20.22
N THR E 168 1.78 -18.65 -19.07
CA THR E 168 1.21 -20.00 -19.05
C THR E 168 -0.28 -19.93 -18.88
N ALA E 169 -0.96 -19.35 -19.85
CA ALA E 169 -2.35 -19.08 -19.68
C ALA E 169 -3.10 -20.17 -20.31
N GLY E 170 -3.85 -20.89 -19.50
CA GLY E 170 -4.82 -21.84 -20.00
C GLY E 170 -4.16 -23.09 -20.51
N LEU E 171 -2.91 -23.23 -20.16
CA LEU E 171 -2.18 -24.40 -20.57
C LEU E 171 -2.44 -25.46 -19.54
N ASP E 172 -2.13 -26.69 -19.90
CA ASP E 172 -2.07 -27.77 -18.94
C ASP E 172 -0.87 -27.60 -18.01
N LEU E 173 -0.90 -28.36 -16.92
CA LEU E 173 0.25 -28.30 -16.05
C LEU E 173 1.39 -29.12 -16.64
N ALA E 174 1.06 -29.93 -17.62
CA ALA E 174 2.08 -30.56 -18.41
C ALA E 174 2.64 -29.44 -19.24
N GLY E 175 1.71 -28.68 -19.80
CA GLY E 175 2.07 -27.53 -20.58
C GLY E 175 2.98 -26.66 -19.76
N THR E 176 2.52 -26.30 -18.58
CA THR E 176 3.32 -25.44 -17.76
C THR E 176 4.70 -26.02 -17.56
N GLU E 177 4.83 -27.27 -17.14
CA GLU E 177 6.16 -27.89 -17.04
C GLU E 177 7.09 -27.56 -18.21
N GLN E 178 6.65 -28.04 -19.35
CA GLN E 178 7.47 -27.93 -20.53
C GLN E 178 7.86 -26.49 -20.74
N LEU E 179 6.87 -25.61 -20.70
CA LEU E 179 7.12 -24.22 -21.01
C LEU E 179 8.13 -23.63 -20.09
N LEU E 180 7.88 -23.81 -18.80
CA LEU E 180 8.75 -23.30 -17.77
C LEU E 180 10.16 -23.59 -18.11
N THR E 181 10.47 -24.85 -18.38
CA THR E 181 11.88 -25.15 -18.64
C THR E 181 12.65 -24.21 -19.59
N LEU E 182 12.10 -24.04 -20.78
CA LEU E 182 12.69 -23.34 -21.89
C LEU E 182 12.81 -21.90 -21.51
N LEU E 183 11.80 -21.43 -20.80
CA LEU E 183 11.87 -20.12 -20.20
C LEU E 183 13.13 -20.02 -19.36
N ARG E 184 13.44 -21.05 -18.59
CA ARG E 184 14.67 -20.99 -17.82
C ARG E 184 15.87 -21.12 -18.71
N GLY E 185 15.71 -21.87 -19.79
CA GLY E 185 16.78 -22.01 -20.75
C GLY E 185 17.11 -20.62 -21.26
N LEU E 186 16.08 -19.80 -21.40
CA LEU E 186 16.30 -18.43 -21.83
C LEU E 186 17.14 -17.76 -20.78
N ARG E 187 16.73 -17.84 -19.53
CA ARG E 187 17.46 -17.16 -18.47
C ARG E 187 18.80 -17.91 -18.27
N ALA E 188 18.95 -19.05 -18.90
CA ALA E 188 20.27 -19.64 -18.97
C ALA E 188 21.09 -18.89 -20.02
N ALA E 189 20.41 -18.45 -21.09
CA ALA E 189 21.09 -17.75 -22.19
C ALA E 189 21.69 -16.46 -21.69
N GLY E 190 20.99 -15.84 -20.74
CA GLY E 190 21.37 -14.55 -20.22
C GLY E 190 20.15 -13.66 -20.23
N MET E 191 19.23 -13.96 -21.16
CA MET E 191 18.06 -13.12 -21.37
C MET E 191 17.31 -12.92 -20.10
N THR E 192 16.93 -11.67 -19.86
CA THR E 192 16.21 -11.25 -18.68
C THR E 192 14.72 -11.28 -18.93
N LEU E 193 13.94 -11.90 -18.05
CA LEU E 193 12.51 -11.97 -18.31
C LEU E 193 11.77 -11.06 -17.35
N VAL E 194 10.52 -10.80 -17.67
CA VAL E 194 9.64 -10.01 -16.83
C VAL E 194 8.27 -10.52 -17.16
N PHE E 195 7.69 -11.31 -16.27
CA PHE E 195 6.37 -11.81 -16.56
C PHE E 195 5.37 -11.26 -15.55
N SER E 196 4.11 -11.24 -15.91
CA SER E 196 3.06 -10.76 -15.04
C SER E 196 2.20 -11.96 -14.71
N THR E 197 2.05 -12.30 -13.44
CA THR E 197 1.26 -13.46 -13.09
C THR E 197 0.25 -13.12 -12.02
N HIS E 198 -0.53 -14.10 -11.61
CA HIS E 198 -1.38 -14.01 -10.42
C HIS E 198 -1.30 -15.33 -9.65
N ASP E 199 -0.35 -16.17 -10.05
CA ASP E 199 -0.20 -17.48 -9.45
C ASP E 199 1.08 -17.49 -8.64
N VAL E 200 0.92 -17.76 -7.35
CA VAL E 200 2.05 -17.74 -6.41
C VAL E 200 2.99 -18.92 -6.57
N GLU E 201 2.44 -20.10 -6.86
CA GLU E 201 3.26 -21.31 -7.08
C GLU E 201 3.98 -21.21 -8.43
N LEU E 202 3.34 -20.56 -9.40
CA LEU E 202 4.00 -20.30 -10.68
C LEU E 202 5.24 -19.44 -10.48
N ALA E 203 5.06 -18.39 -9.66
CA ALA E 203 6.06 -17.36 -9.40
C ALA E 203 7.20 -17.89 -8.54
N ALA E 204 6.89 -18.93 -7.77
CA ALA E 204 7.86 -19.60 -6.94
C ALA E 204 8.85 -20.37 -7.80
N ALA E 205 8.34 -20.92 -8.90
CA ALA E 205 9.12 -21.77 -9.81
C ALA E 205 10.12 -20.98 -10.68
N LEU E 206 9.66 -19.97 -11.39
CA LEU E 206 10.55 -19.26 -12.30
C LEU E 206 11.27 -18.01 -11.74
N ALA E 207 10.57 -17.14 -11.01
CA ALA E 207 11.09 -15.83 -10.62
C ALA E 207 12.32 -15.81 -9.69
N ASP E 208 13.27 -14.90 -9.97
CA ASP E 208 14.33 -14.55 -9.01
C ASP E 208 13.91 -13.38 -8.15
N ARG E 209 13.12 -12.49 -8.73
CA ARG E 209 12.67 -11.30 -8.04
C ARG E 209 11.16 -11.21 -8.20
N VAL E 210 10.47 -10.62 -7.22
CA VAL E 210 9.01 -10.55 -7.26
C VAL E 210 8.33 -9.29 -6.72
N ALA E 211 7.56 -8.60 -7.58
CA ALA E 211 6.94 -7.32 -7.20
C ALA E 211 5.40 -7.20 -7.20
N LEU E 212 4.80 -7.21 -6.02
CA LEU E 212 3.34 -7.27 -5.90
C LEU E 212 2.61 -6.05 -6.45
N PHE E 213 1.31 -6.17 -6.62
CA PHE E 213 0.51 -5.09 -7.20
C PHE E 213 -0.74 -4.82 -6.37
N ARG E 214 -0.89 -3.58 -5.92
CA ARG E 214 -2.19 -3.06 -5.53
C ARG E 214 -2.89 -2.38 -6.70
N THR E 215 -3.99 -1.68 -6.42
CA THR E 215 -4.66 -0.87 -7.42
C THR E 215 -3.75 0.12 -8.16
N GLY E 216 -2.47 0.14 -7.81
CA GLY E 216 -1.53 0.75 -8.73
C GLY E 216 -0.03 0.77 -8.51
N ARG E 217 0.40 0.79 -7.27
CA ARG E 217 1.80 1.03 -6.98
C ARG E 217 2.44 -0.29 -6.65
N VAL E 218 3.73 -0.29 -6.42
CA VAL E 218 4.41 -1.48 -6.01
C VAL E 218 4.31 -1.52 -4.53
N LEU E 219 3.58 -2.49 -4.02
CA LEU E 219 3.42 -2.57 -2.59
C LEU E 219 4.72 -3.02 -1.94
N ALA E 220 5.37 -4.00 -2.56
CA ALA E 220 6.65 -4.44 -2.07
C ALA E 220 7.47 -5.03 -3.18
N GLU E 221 8.77 -5.06 -2.96
CA GLU E 221 9.71 -5.69 -3.88
C GLU E 221 10.81 -6.32 -3.02
N GLY E 222 11.35 -7.43 -3.49
CA GLY E 222 12.51 -8.02 -2.87
C GLY E 222 12.81 -9.23 -3.71
N ALA E 223 13.86 -9.97 -3.36
CA ALA E 223 14.16 -11.24 -4.00
C ALA E 223 12.96 -12.19 -3.92
N ALA E 224 13.02 -13.28 -4.66
CA ALA E 224 11.88 -14.16 -4.87
C ALA E 224 11.22 -14.63 -3.58
N GLU E 225 12.01 -15.30 -2.77
CA GLU E 225 11.49 -16.02 -1.63
C GLU E 225 10.92 -15.10 -0.60
N ALA E 226 11.60 -13.99 -0.40
CA ALA E 226 11.26 -13.16 0.72
C ALA E 226 9.82 -12.71 0.55
N VAL E 227 9.45 -12.29 -0.64
CA VAL E 227 8.10 -11.82 -0.85
C VAL E 227 7.12 -12.93 -0.71
N LEU E 228 7.51 -14.10 -1.14
CA LEU E 228 6.59 -15.22 -1.14
C LEU E 228 6.34 -15.69 0.28
N SER E 229 7.20 -15.25 1.17
CA SER E 229 7.08 -15.52 2.58
C SER E 229 6.30 -14.49 3.43
N ASP E 230 6.04 -13.31 2.90
CA ASP E 230 5.36 -12.29 3.65
C ASP E 230 3.85 -12.48 3.55
N ARG E 231 3.33 -13.47 4.28
CA ARG E 231 1.89 -13.72 4.33
C ARG E 231 1.14 -12.42 4.52
N ALA E 232 1.71 -11.62 5.43
CA ALA E 232 1.24 -10.28 5.71
C ALA E 232 1.15 -9.48 4.44
N THR E 233 2.29 -9.16 3.82
CA THR E 233 2.27 -8.39 2.56
C THR E 233 1.39 -9.06 1.50
N LEU E 234 1.38 -10.39 1.45
CA LEU E 234 0.58 -11.08 0.44
C LEU E 234 -0.92 -10.82 0.61
N ALA E 235 -1.35 -10.71 1.86
CA ALA E 235 -2.75 -10.50 2.18
C ALA E 235 -3.27 -9.16 1.72
N LYS E 236 -2.36 -8.20 1.57
CA LYS E 236 -2.74 -6.84 1.16
C LYS E 236 -3.39 -6.85 -0.23
N VAL E 237 -2.73 -7.57 -1.14
CA VAL E 237 -3.17 -7.75 -2.51
C VAL E 237 -4.08 -8.98 -2.61
N ALA E 238 -4.49 -9.50 -1.46
CA ALA E 238 -5.34 -10.69 -1.38
C ALA E 238 -4.71 -11.91 -2.07
N LEU E 239 -3.50 -12.25 -1.65
CA LEU E 239 -2.87 -13.48 -2.08
C LEU E 239 -2.27 -14.18 -0.89
N ARG E 240 -2.17 -15.52 -0.96
CA ARG E 240 -1.49 -16.31 0.06
C ARG E 240 -0.24 -16.88 -0.56
N PRO E 241 0.76 -17.22 0.27
CA PRO E 241 2.02 -17.82 -0.20
C PRO E 241 1.85 -19.17 -0.90
N PRO E 242 2.81 -19.56 -1.75
CA PRO E 242 2.80 -20.92 -2.33
C PRO E 242 2.65 -22.02 -1.27
N LEU E 243 1.76 -22.95 -1.52
CA LEU E 243 1.44 -23.94 -0.54
C LEU E 243 2.65 -24.24 0.29
N VAL E 244 3.45 -25.17 -0.20
CA VAL E 244 4.53 -25.77 0.54
C VAL E 244 5.30 -24.80 1.39
N ILE E 245 5.47 -23.59 0.90
CA ILE E 245 6.11 -22.58 1.71
C ILE E 245 5.15 -22.12 2.81
N ASP E 246 3.89 -21.99 2.48
CA ASP E 246 2.91 -21.59 3.47
C ASP E 246 2.86 -22.66 4.53
N LEU E 247 2.92 -23.90 4.10
CA LEU E 247 2.85 -25.00 5.01
C LEU E 247 4.04 -24.96 5.90
N ALA E 248 5.17 -24.56 5.38
CA ALA E 248 6.36 -24.45 6.18
C ALA E 248 6.12 -23.46 7.28
N LEU E 249 5.51 -22.33 6.95
CA LEU E 249 5.23 -21.35 8.00
C LEU E 249 4.29 -21.94 9.07
N LEU E 250 3.24 -22.61 8.62
CA LEU E 250 2.28 -23.23 9.52
C LEU E 250 2.91 -24.40 10.28
N ALA E 251 3.66 -25.23 9.58
CA ALA E 251 4.67 -26.07 10.20
C ALA E 251 5.41 -25.32 11.31
N ARG E 252 5.85 -24.10 11.01
CA ARG E 252 7.08 -23.57 11.59
C ARG E 252 6.77 -22.67 12.78
N ASP E 253 5.56 -22.15 12.82
CA ASP E 253 4.96 -21.69 14.07
C ASP E 253 5.13 -22.81 15.11
N HIS E 254 5.22 -24.04 14.62
CA HIS E 254 5.83 -25.13 15.38
C HIS E 254 6.65 -26.03 14.48
N GLY E 255 7.02 -27.21 15.00
CA GLY E 255 8.38 -27.70 14.92
C GLY E 255 9.38 -26.71 15.48
N LEU E 256 10.47 -26.49 14.75
CA LEU E 256 11.52 -25.58 15.20
C LEU E 256 11.83 -24.54 14.12
N LEU E 257 11.44 -24.85 12.88
CA LEU E 257 11.67 -23.95 11.76
C LEU E 257 13.16 -23.68 11.57
N ALA E 258 14.01 -24.68 11.84
CA ALA E 258 15.46 -24.54 11.75
C ALA E 258 15.98 -24.17 10.34
N PRO E 259 15.37 -24.84 9.27
CA PRO E 259 15.78 -24.36 7.94
C PRO E 259 14.58 -23.77 7.20
N GLU E 260 14.66 -23.61 5.88
CA GLU E 260 13.56 -22.98 5.15
C GLU E 260 13.15 -23.91 4.04
N ALA E 261 12.62 -25.04 4.43
CA ALA E 261 12.21 -26.07 3.50
C ALA E 261 11.06 -25.59 2.62
N PRO E 262 11.35 -25.34 1.35
CA PRO E 262 10.34 -24.87 0.41
C PRO E 262 9.98 -26.00 -0.54
N LEU E 263 10.39 -27.22 -0.21
CA LEU E 263 10.28 -28.35 -1.13
C LEU E 263 10.50 -29.67 -0.40
N PRO E 264 9.70 -30.67 -0.75
CA PRO E 264 8.91 -31.40 0.24
C PRO E 264 10.00 -32.46 0.35
N LYS E 265 10.91 -32.15 1.25
CA LYS E 265 11.44 -33.00 2.26
C LYS E 265 10.34 -32.96 3.28
N THR E 266 10.47 -33.75 4.32
CA THR E 266 9.50 -33.77 5.40
C THR E 266 10.13 -34.46 6.60
N ARG E 267 9.34 -35.22 7.35
CA ARG E 267 9.82 -35.83 8.57
C ARG E 267 8.60 -36.31 9.29
N ASP E 268 8.70 -36.66 10.56
CA ASP E 268 7.51 -37.17 11.26
C ASP E 268 7.31 -36.78 12.75
N ALA E 269 6.06 -36.88 13.19
CA ALA E 269 5.57 -36.49 14.52
C ALA E 269 6.59 -36.06 15.55
N LEU E 270 6.38 -34.89 16.13
CA LEU E 270 7.25 -34.38 17.19
C LEU E 270 6.47 -34.11 18.45
N MET F 1 -30.87 -45.67 -8.75
CA MET F 1 -31.94 -45.27 -9.66
C MET F 1 -31.34 -44.54 -10.86
N THR F 2 -32.11 -44.41 -11.94
CA THR F 2 -31.62 -43.82 -13.21
C THR F 2 -31.00 -42.43 -13.08
N PRO F 3 -29.78 -42.27 -13.61
CA PRO F 3 -29.02 -41.02 -13.62
C PRO F 3 -29.71 -40.00 -14.51
N ILE F 4 -29.54 -38.71 -14.21
CA ILE F 4 -30.32 -37.67 -14.89
C ILE F 4 -29.84 -37.37 -16.30
N LEU F 5 -28.54 -37.46 -16.50
CA LEU F 5 -27.97 -37.22 -17.81
C LEU F 5 -26.88 -38.23 -18.07
N ALA F 6 -26.88 -38.78 -19.27
CA ALA F 6 -25.84 -39.72 -19.65
C ALA F 6 -25.79 -39.93 -21.16
N ALA F 7 -24.70 -40.48 -21.64
CA ALA F 7 -24.58 -40.75 -23.06
C ALA F 7 -23.95 -42.12 -23.31
N GLU F 8 -24.65 -42.95 -24.09
CA GLU F 8 -24.11 -44.23 -24.52
C GLU F 8 -23.49 -44.13 -25.91
N ALA F 9 -22.24 -44.57 -26.02
CA ALA F 9 -21.63 -44.83 -27.32
C ALA F 9 -21.47 -43.61 -28.23
N LEU F 10 -20.92 -42.54 -27.67
CA LEU F 10 -20.66 -41.32 -28.44
C LEU F 10 -19.43 -41.39 -29.34
N THR F 11 -19.64 -41.24 -30.65
CA THR F 11 -18.55 -41.02 -31.59
C THR F 11 -18.88 -39.72 -32.32
N TYR F 12 -17.93 -38.78 -32.24
CA TYR F 12 -17.95 -37.54 -33.02
C TYR F 12 -16.62 -37.25 -33.61
N ALA F 13 -16.64 -36.97 -34.89
CA ALA F 13 -15.45 -36.67 -35.67
C ALA F 13 -16.06 -35.92 -36.79
N PHE F 14 -15.49 -34.96 -37.37
CA PHE F 14 -15.66 -34.69 -38.79
C PHE F 14 -14.70 -34.60 -40.01
N PRO F 15 -13.83 -33.49 -40.06
CA PRO F 15 -13.19 -33.34 -41.37
C PRO F 15 -11.84 -33.99 -41.44
N GLY F 16 -11.36 -34.47 -40.29
CA GLY F 16 -10.08 -35.16 -40.22
C GLY F 16 -9.88 -36.47 -40.96
N GLY F 17 -10.89 -37.35 -40.98
CA GLY F 17 -12.21 -37.05 -40.45
C GLY F 17 -12.10 -36.74 -38.98
N VAL F 18 -11.28 -37.52 -38.29
CA VAL F 18 -10.90 -37.27 -36.91
C VAL F 18 -12.09 -37.30 -35.97
N LYS F 19 -12.10 -38.26 -35.06
CA LYS F 19 -13.16 -38.31 -34.08
C LYS F 19 -12.78 -37.71 -32.74
N ALA F 20 -13.38 -36.58 -32.40
CA ALA F 20 -13.17 -35.99 -31.10
C ALA F 20 -13.73 -36.84 -30.01
N LEU F 21 -14.89 -37.45 -30.26
CA LEU F 21 -15.46 -38.41 -29.32
C LEU F 21 -15.31 -39.81 -29.88
N ASP F 22 -14.88 -40.75 -29.02
CA ASP F 22 -14.60 -42.12 -29.46
C ASP F 22 -15.45 -43.16 -28.75
N ASP F 23 -16.64 -43.39 -29.29
CA ASP F 23 -17.52 -44.46 -28.80
C ASP F 23 -17.64 -44.29 -27.28
N LEU F 24 -17.97 -43.06 -26.88
CA LEU F 24 -17.81 -42.60 -25.51
C LEU F 24 -19.06 -42.73 -24.66
N SER F 25 -18.87 -43.09 -23.40
CA SER F 25 -20.02 -43.32 -22.55
C SER F 25 -19.74 -42.71 -21.18
N LEU F 26 -20.75 -42.07 -20.62
CA LEU F 26 -20.58 -41.33 -19.38
C LEU F 26 -21.93 -41.08 -18.73
N ALA F 27 -22.00 -41.35 -17.44
CA ALA F 27 -23.24 -41.33 -16.71
C ALA F 27 -23.15 -40.34 -15.57
N VAL F 28 -24.15 -39.47 -15.50
CA VAL F 28 -24.22 -38.41 -14.50
C VAL F 28 -25.46 -38.61 -13.65
N PRO F 29 -25.27 -38.76 -12.34
CA PRO F 29 -26.40 -38.81 -11.39
C PRO F 29 -26.98 -37.42 -11.11
N LYS F 30 -28.05 -37.36 -10.32
CA LYS F 30 -28.58 -36.08 -9.84
C LYS F 30 -27.74 -35.57 -8.67
N GLY F 31 -27.74 -34.26 -8.48
CA GLY F 31 -27.13 -33.67 -7.31
C GLY F 31 -25.61 -33.74 -7.17
N GLU F 32 -24.94 -34.41 -8.08
CA GLU F 32 -23.52 -34.60 -7.83
C GLU F 32 -22.66 -33.55 -8.52
N SER F 33 -21.33 -33.67 -8.42
CA SER F 33 -20.42 -32.75 -9.15
C SER F 33 -19.39 -33.45 -10.00
N LEU F 34 -19.71 -33.73 -11.25
CA LEU F 34 -18.82 -34.53 -12.08
C LEU F 34 -17.79 -33.66 -12.79
N ALA F 35 -16.52 -33.78 -12.43
CA ALA F 35 -15.47 -32.96 -13.04
C ALA F 35 -14.99 -33.83 -14.23
N ILE F 36 -15.14 -33.35 -15.46
CA ILE F 36 -14.60 -34.05 -16.63
C ILE F 36 -13.16 -33.56 -16.73
N LEU F 37 -12.27 -34.02 -15.88
CA LEU F 37 -10.87 -33.57 -15.86
C LEU F 37 -10.05 -34.17 -17.03
N GLY F 38 -8.88 -33.60 -17.32
CA GLY F 38 -8.05 -34.03 -18.45
C GLY F 38 -7.35 -32.93 -19.25
N PRO F 39 -6.30 -33.31 -20.02
CA PRO F 39 -5.44 -32.34 -20.70
C PRO F 39 -6.23 -31.59 -21.80
N ASN F 40 -5.71 -30.50 -22.33
CA ASN F 40 -6.55 -29.81 -23.28
C ASN F 40 -6.52 -30.53 -24.62
N GLY F 41 -7.62 -30.42 -25.36
CA GLY F 41 -7.64 -30.90 -26.72
C GLY F 41 -8.12 -32.32 -26.79
N ALA F 42 -8.30 -32.92 -25.61
CA ALA F 42 -8.95 -34.22 -25.52
C ALA F 42 -10.42 -34.08 -25.84
N GLY F 43 -10.85 -32.84 -26.11
CA GLY F 43 -12.20 -32.55 -26.57
C GLY F 43 -13.29 -32.65 -25.52
N LYS F 44 -12.94 -32.38 -24.26
CA LYS F 44 -13.94 -32.30 -23.19
C LYS F 44 -14.98 -31.24 -23.57
N SER F 45 -14.50 -30.18 -24.22
CA SER F 45 -15.33 -29.06 -24.68
C SER F 45 -16.30 -29.56 -25.71
N THR F 46 -15.83 -30.55 -26.47
CA THR F 46 -16.65 -31.18 -27.49
C THR F 46 -17.72 -32.01 -26.81
N LEU F 47 -17.33 -32.57 -25.67
CA LEU F 47 -18.20 -33.47 -24.92
C LEU F 47 -19.38 -32.72 -24.35
N LEU F 48 -19.07 -31.55 -23.79
CA LEU F 48 -20.05 -30.71 -23.12
C LEU F 48 -21.09 -30.27 -24.10
N LEU F 49 -20.66 -30.14 -25.34
CA LEU F 49 -21.52 -29.59 -26.39
C LEU F 49 -22.57 -30.57 -26.86
N HIS F 50 -22.41 -31.83 -26.48
CA HIS F 50 -23.42 -32.81 -26.85
C HIS F 50 -24.50 -32.85 -25.80
N LEU F 51 -24.08 -32.83 -24.54
CA LEU F 51 -25.01 -32.87 -23.44
C LEU F 51 -25.92 -31.71 -23.57
N ASN F 52 -25.41 -30.59 -24.04
CA ASN F 52 -26.36 -29.52 -24.15
C ASN F 52 -27.27 -29.58 -25.37
N GLY F 53 -26.83 -30.18 -26.45
CA GLY F 53 -27.71 -30.35 -27.59
C GLY F 53 -27.13 -29.72 -28.84
N THR F 54 -26.07 -28.96 -28.64
CA THR F 54 -25.39 -28.26 -29.69
C THR F 54 -24.91 -29.26 -30.75
N LEU F 55 -23.99 -30.14 -30.35
CA LEU F 55 -23.46 -31.14 -31.27
C LEU F 55 -24.19 -32.46 -31.20
N ARG F 56 -24.26 -33.15 -32.32
CA ARG F 56 -24.98 -34.42 -32.46
C ARG F 56 -24.17 -35.48 -33.21
N PRO F 57 -24.01 -36.67 -32.63
CA PRO F 57 -23.13 -37.70 -33.15
C PRO F 57 -23.80 -38.47 -34.28
N GLN F 58 -22.99 -39.05 -35.14
CA GLN F 58 -23.49 -39.93 -36.17
C GLN F 58 -23.60 -41.33 -35.53
N SER F 59 -23.01 -41.48 -34.34
CA SER F 59 -23.03 -42.75 -33.61
C SER F 59 -23.50 -42.57 -32.16
N GLY F 60 -24.57 -43.28 -31.82
CA GLY F 60 -25.00 -43.34 -30.44
C GLY F 60 -25.96 -42.25 -30.06
N ARG F 61 -26.10 -42.04 -28.75
CA ARG F 61 -27.12 -41.14 -28.22
C ARG F 61 -26.72 -40.47 -26.92
N VAL F 62 -27.42 -39.41 -26.57
CA VAL F 62 -27.28 -38.77 -25.27
C VAL F 62 -28.62 -38.79 -24.56
N LEU F 63 -28.62 -39.29 -23.34
CA LEU F 63 -29.83 -39.73 -22.73
C LEU F 63 -30.16 -38.91 -21.53
N LEU F 64 -31.37 -38.37 -21.53
CA LEU F 64 -31.79 -37.50 -20.47
C LEU F 64 -32.81 -38.21 -19.65
N GLY F 65 -32.54 -38.38 -18.38
CA GLY F 65 -33.48 -39.03 -17.50
C GLY F 65 -33.82 -40.40 -18.03
N GLY F 66 -32.85 -41.08 -18.62
CA GLY F 66 -33.03 -42.45 -19.02
C GLY F 66 -33.78 -42.68 -20.31
N THR F 67 -34.13 -41.61 -20.99
CA THR F 67 -34.94 -41.69 -22.18
C THR F 67 -34.26 -40.87 -23.23
N ALA F 68 -34.55 -41.14 -24.49
CA ALA F 68 -33.82 -40.48 -25.54
C ALA F 68 -34.57 -39.46 -26.40
N THR F 69 -33.75 -38.46 -26.72
CA THR F 69 -34.15 -37.15 -27.11
C THR F 69 -33.67 -36.87 -28.48
N GLY F 70 -34.34 -35.98 -29.19
CA GLY F 70 -33.98 -35.71 -30.56
C GLY F 70 -33.76 -34.28 -31.00
N HIS F 71 -34.84 -33.59 -31.35
CA HIS F 71 -34.74 -32.28 -31.96
C HIS F 71 -36.06 -31.85 -32.57
N SER F 72 -36.04 -30.74 -33.29
CA SER F 72 -37.14 -30.32 -34.14
C SER F 72 -38.24 -29.63 -33.37
N ARG F 73 -37.89 -28.84 -32.37
CA ARG F 73 -36.56 -28.78 -31.81
C ARG F 73 -36.66 -28.90 -30.29
N LYS F 74 -37.87 -29.22 -29.80
CA LYS F 74 -38.14 -29.35 -28.38
C LYS F 74 -37.02 -30.10 -27.67
N ASP F 75 -36.59 -31.22 -28.26
CA ASP F 75 -35.47 -31.97 -27.73
C ASP F 75 -34.30 -31.02 -27.53
N LEU F 76 -34.36 -29.88 -28.23
CA LEU F 76 -33.34 -28.84 -28.12
C LEU F 76 -33.85 -27.66 -27.31
N THR F 77 -35.17 -27.51 -27.21
CA THR F 77 -35.74 -26.42 -26.46
C THR F 77 -35.89 -26.81 -25.03
N GLY F 78 -36.38 -28.03 -24.82
CA GLY F 78 -36.67 -28.51 -23.50
C GLY F 78 -35.36 -28.87 -22.84
N TRP F 79 -34.65 -29.75 -23.50
CA TRP F 79 -33.37 -30.22 -23.05
C TRP F 79 -32.53 -29.04 -22.57
N ARG F 80 -32.68 -27.89 -23.19
CA ARG F 80 -31.96 -26.75 -22.66
C ARG F 80 -32.48 -26.38 -21.30
N ARG F 81 -33.79 -26.41 -21.11
CA ARG F 81 -34.36 -25.90 -19.88
C ARG F 81 -33.80 -26.64 -18.66
N ARG F 82 -33.61 -27.93 -18.80
CA ARG F 82 -33.09 -28.91 -17.84
C ARG F 82 -31.56 -28.96 -17.82
N VAL F 83 -30.95 -28.73 -18.97
CA VAL F 83 -29.49 -28.71 -19.10
C VAL F 83 -28.94 -27.38 -19.61
N GLY F 84 -28.10 -26.73 -18.81
CA GLY F 84 -27.60 -25.42 -19.18
C GLY F 84 -26.11 -25.39 -19.49
N LEU F 85 -25.70 -24.44 -20.31
CA LEU F 85 -24.29 -24.34 -20.69
C LEU F 85 -23.70 -22.93 -20.51
N VAL F 86 -22.39 -22.90 -20.34
CA VAL F 86 -21.61 -21.71 -20.08
C VAL F 86 -20.29 -21.87 -20.81
N LEU F 87 -20.13 -21.25 -21.96
CA LEU F 87 -18.94 -21.48 -22.79
C LEU F 87 -17.66 -21.03 -22.08
N GLN F 88 -16.51 -21.37 -22.66
CA GLN F 88 -15.25 -21.06 -21.99
C GLN F 88 -15.02 -19.58 -21.99
N ASP F 89 -15.46 -18.92 -23.06
CA ASP F 89 -15.26 -17.48 -23.25
C ASP F 89 -16.58 -16.72 -23.15
N ALA F 90 -16.76 -15.97 -22.07
CA ALA F 90 -18.09 -15.52 -21.67
C ALA F 90 -18.71 -14.55 -22.67
N ASP F 91 -17.86 -13.95 -23.47
CA ASP F 91 -18.37 -12.96 -24.40
C ASP F 91 -19.12 -13.67 -25.51
N ASP F 92 -19.14 -15.01 -25.45
CA ASP F 92 -19.71 -15.84 -26.52
C ASP F 92 -21.17 -16.08 -26.31
N GLN F 93 -21.68 -15.67 -25.15
CA GLN F 93 -23.08 -15.86 -24.83
C GLN F 93 -23.67 -14.60 -24.18
N LEU F 94 -22.87 -13.55 -24.11
CA LEU F 94 -23.31 -12.29 -23.51
C LEU F 94 -23.55 -11.23 -24.58
N PHE F 95 -24.81 -10.91 -24.81
CA PHE F 95 -25.18 -9.90 -25.81
C PHE F 95 -25.89 -8.72 -25.17
N ALA F 96 -26.74 -9.01 -24.18
CA ALA F 96 -27.49 -7.97 -23.48
C ALA F 96 -26.58 -6.79 -23.12
N THR F 97 -27.05 -5.58 -23.42
CA THR F 97 -26.30 -4.38 -23.12
C THR F 97 -25.70 -4.42 -21.72
N THR F 98 -26.57 -4.35 -20.72
CA THR F 98 -26.13 -4.39 -19.32
C THR F 98 -26.63 -5.66 -18.63
N VAL F 99 -25.99 -5.99 -17.50
CA VAL F 99 -26.19 -7.29 -16.88
C VAL F 99 -27.64 -7.66 -16.80
N PHE F 100 -28.38 -7.02 -15.90
CA PHE F 100 -29.78 -7.36 -15.68
C PHE F 100 -30.51 -7.76 -16.96
N GLU F 101 -30.38 -7.01 -18.02
CA GLU F 101 -31.18 -7.37 -19.18
C GLU F 101 -30.56 -8.56 -19.89
N ASP F 102 -29.29 -8.84 -19.62
CA ASP F 102 -28.66 -9.98 -20.27
C ASP F 102 -29.18 -11.29 -19.65
N VAL F 103 -29.24 -11.34 -18.32
CA VAL F 103 -29.82 -12.45 -17.61
C VAL F 103 -31.28 -12.51 -17.97
N SER F 104 -31.83 -11.35 -18.21
CA SER F 104 -33.24 -11.17 -18.37
C SER F 104 -33.72 -12.05 -19.46
N PHE F 105 -32.82 -12.47 -20.33
CA PHE F 105 -33.09 -13.37 -21.45
C PHE F 105 -33.56 -14.79 -21.11
N GLY F 106 -32.97 -15.38 -20.10
CA GLY F 106 -33.12 -16.80 -19.90
C GLY F 106 -34.59 -17.11 -19.73
N PRO F 107 -35.24 -16.21 -19.03
CA PRO F 107 -36.59 -16.32 -18.49
C PRO F 107 -37.66 -15.88 -19.45
N LEU F 108 -37.35 -14.88 -20.26
CA LEU F 108 -38.30 -14.51 -21.26
C LEU F 108 -38.47 -15.63 -22.28
N ASN F 109 -37.40 -16.27 -22.77
CA ASN F 109 -37.72 -17.18 -23.86
C ASN F 109 -38.02 -18.51 -23.16
N LEU F 110 -38.34 -18.43 -21.84
CA LEU F 110 -38.93 -19.58 -21.15
C LEU F 110 -40.42 -19.36 -21.17
N GLY F 111 -40.91 -18.61 -22.16
CA GLY F 111 -42.33 -18.36 -22.35
C GLY F 111 -43.03 -17.94 -21.08
N LEU F 112 -42.25 -17.29 -20.22
CA LEU F 112 -42.66 -16.99 -18.86
C LEU F 112 -43.06 -15.54 -18.86
N SER F 113 -43.91 -15.12 -17.91
CA SER F 113 -44.43 -13.74 -17.89
C SER F 113 -43.43 -12.66 -17.41
N GLU F 114 -43.69 -11.41 -17.81
CA GLU F 114 -42.73 -10.33 -17.61
C GLU F 114 -42.46 -10.03 -16.13
N ALA F 115 -43.45 -10.30 -15.28
CA ALA F 115 -43.39 -9.97 -13.86
C ALA F 115 -42.54 -10.95 -13.02
N GLU F 116 -42.40 -12.19 -13.51
CA GLU F 116 -41.59 -13.25 -12.86
C GLU F 116 -40.18 -13.28 -13.40
N ALA F 117 -40.06 -12.71 -14.58
CA ALA F 117 -38.80 -12.52 -15.25
C ALA F 117 -37.90 -11.60 -14.43
N ARG F 118 -38.53 -10.68 -13.71
CA ARG F 118 -37.78 -9.69 -12.93
C ARG F 118 -37.30 -10.33 -11.64
N ALA F 119 -38.05 -11.35 -11.19
CA ALA F 119 -37.75 -12.10 -9.98
C ALA F 119 -36.56 -13.02 -10.23
N ARG F 120 -36.77 -13.91 -11.19
CA ARG F 120 -35.75 -14.86 -11.64
C ARG F 120 -34.38 -14.25 -11.78
N VAL F 121 -34.36 -13.03 -12.30
CA VAL F 121 -33.12 -12.29 -12.49
C VAL F 121 -32.47 -11.91 -11.17
N GLU F 122 -33.26 -11.46 -10.22
CA GLU F 122 -32.60 -10.96 -9.04
C GLU F 122 -32.35 -12.06 -8.06
N GLU F 123 -33.13 -13.14 -8.13
CA GLU F 123 -32.86 -14.30 -7.29
C GLU F 123 -31.64 -15.05 -7.86
N ALA F 124 -31.38 -14.86 -9.16
CA ALA F 124 -30.16 -15.34 -9.81
C ALA F 124 -28.97 -14.46 -9.47
N LEU F 125 -29.11 -13.18 -9.82
CA LEU F 125 -28.08 -12.16 -9.60
C LEU F 125 -27.54 -12.25 -8.20
N ALA F 126 -28.51 -12.34 -7.28
CA ALA F 126 -28.26 -12.48 -5.85
C ALA F 126 -27.47 -13.71 -5.60
N ALA F 127 -27.83 -14.78 -6.30
CA ALA F 127 -27.18 -16.07 -6.13
C ALA F 127 -25.71 -16.02 -6.49
N LEU F 128 -25.26 -14.93 -7.14
CA LEU F 128 -23.87 -14.82 -7.53
C LEU F 128 -23.11 -13.60 -7.07
N SER F 129 -23.66 -12.82 -6.15
CA SER F 129 -22.97 -11.65 -5.62
C SER F 129 -22.75 -10.57 -6.68
N ILE F 130 -23.51 -10.64 -7.76
CA ILE F 130 -23.38 -9.67 -8.83
C ILE F 130 -24.71 -8.92 -8.66
N SER F 131 -25.27 -9.07 -7.46
CA SER F 131 -26.31 -8.21 -6.88
C SER F 131 -26.26 -6.72 -7.28
N ASP F 132 -25.09 -6.13 -7.16
CA ASP F 132 -24.95 -4.72 -7.29
C ASP F 132 -24.59 -4.33 -8.70
N LEU F 133 -24.41 -5.33 -9.56
CA LEU F 133 -23.99 -5.12 -10.95
C LEU F 133 -25.13 -5.09 -11.94
N ARG F 134 -26.34 -4.86 -11.43
CA ARG F 134 -27.54 -5.00 -12.24
C ARG F 134 -27.47 -4.15 -13.48
N ASP F 135 -26.78 -3.03 -13.36
CA ASP F 135 -26.80 -2.01 -14.39
C ASP F 135 -25.44 -1.77 -15.07
N ARG F 136 -24.38 -2.44 -14.61
CA ARG F 136 -23.11 -2.36 -15.32
C ARG F 136 -23.28 -2.99 -16.67
N PRO F 137 -22.87 -2.28 -17.71
CA PRO F 137 -22.83 -2.81 -19.06
C PRO F 137 -21.78 -3.87 -19.16
N THR F 138 -21.96 -4.87 -20.02
CA THR F 138 -21.18 -6.12 -19.89
C THR F 138 -19.79 -6.04 -20.45
N HIS F 139 -19.55 -5.06 -21.31
CA HIS F 139 -18.19 -4.80 -21.75
C HIS F 139 -17.36 -4.14 -20.64
N MET F 140 -17.92 -4.02 -19.43
CA MET F 140 -17.29 -3.24 -18.37
C MET F 140 -16.79 -4.08 -17.21
N LEU F 141 -16.92 -5.39 -17.40
CA LEU F 141 -16.88 -6.39 -16.34
C LEU F 141 -15.58 -7.14 -16.34
N SER F 142 -15.02 -7.41 -15.16
CA SER F 142 -13.77 -8.15 -15.06
C SER F 142 -13.96 -9.52 -15.70
N GLY F 143 -12.86 -10.25 -15.85
CA GLY F 143 -12.92 -11.57 -16.48
C GLY F 143 -13.88 -12.50 -15.75
N GLY F 144 -13.56 -12.70 -14.47
CA GLY F 144 -14.42 -13.41 -13.56
C GLY F 144 -15.84 -12.90 -13.55
N GLN F 145 -16.00 -11.58 -13.61
CA GLN F 145 -17.33 -11.01 -13.54
C GLN F 145 -18.31 -11.34 -14.66
N LYS F 146 -17.83 -11.61 -15.87
CA LYS F 146 -18.78 -11.95 -16.92
C LYS F 146 -19.03 -13.44 -16.94
N ARG F 147 -18.08 -14.22 -16.43
CA ARG F 147 -18.39 -15.60 -16.11
C ARG F 147 -19.66 -15.66 -15.27
N ARG F 148 -19.57 -15.07 -14.07
CA ARG F 148 -20.64 -15.19 -13.08
C ARG F 148 -21.92 -14.63 -13.59
N VAL F 149 -21.83 -13.86 -14.67
CA VAL F 149 -22.98 -13.29 -15.34
C VAL F 149 -23.59 -14.35 -16.23
N ALA F 150 -22.72 -15.07 -16.92
CA ALA F 150 -23.13 -16.07 -17.89
C ALA F 150 -23.72 -17.30 -17.20
N ILE F 151 -23.02 -17.79 -16.18
CA ILE F 151 -23.63 -18.65 -15.18
C ILE F 151 -25.03 -18.16 -14.82
N ALA F 152 -25.06 -16.96 -14.23
CA ALA F 152 -26.27 -16.34 -13.69
C ALA F 152 -27.42 -16.27 -14.67
N GLY F 153 -27.10 -16.28 -15.95
CA GLY F 153 -28.14 -16.05 -16.92
C GLY F 153 -28.80 -17.35 -17.19
N ALA F 154 -27.98 -18.39 -16.99
CA ALA F 154 -28.38 -19.80 -17.16
C ALA F 154 -29.24 -20.24 -16.03
N VAL F 155 -28.72 -20.05 -14.83
CA VAL F 155 -29.41 -20.33 -13.60
C VAL F 155 -30.63 -19.46 -13.41
N ALA F 156 -30.82 -18.43 -14.22
CA ALA F 156 -32.06 -17.67 -14.14
C ALA F 156 -33.19 -18.54 -14.61
N MET F 157 -32.87 -19.48 -15.45
CA MET F 157 -33.80 -20.53 -15.84
C MET F 157 -33.42 -21.52 -14.83
N ARG F 158 -34.27 -22.46 -14.50
CA ARG F 158 -33.88 -23.36 -13.44
C ARG F 158 -33.56 -24.73 -14.08
N PRO F 159 -32.26 -24.99 -14.25
CA PRO F 159 -31.78 -26.20 -14.91
C PRO F 159 -31.54 -27.28 -13.87
N GLU F 160 -31.49 -28.54 -14.26
CA GLU F 160 -31.20 -29.59 -13.28
C GLU F 160 -29.71 -29.85 -13.29
N VAL F 161 -29.12 -29.54 -14.45
CA VAL F 161 -27.73 -29.76 -14.74
C VAL F 161 -27.15 -28.51 -15.36
N LEU F 162 -26.01 -28.06 -14.86
CA LEU F 162 -25.39 -26.90 -15.42
C LEU F 162 -24.05 -27.31 -15.97
N LEU F 163 -23.86 -27.23 -17.26
CA LEU F 163 -22.57 -27.55 -17.83
C LEU F 163 -21.70 -26.29 -17.76
N LEU F 164 -20.47 -26.42 -17.32
CA LEU F 164 -19.61 -25.25 -17.20
C LEU F 164 -18.30 -25.61 -17.88
N ASP F 165 -17.94 -24.93 -18.95
CA ASP F 165 -16.68 -25.21 -19.58
C ASP F 165 -15.77 -24.63 -18.50
N GLU F 166 -14.49 -24.67 -18.72
CA GLU F 166 -13.60 -24.48 -17.63
C GLU F 166 -14.07 -23.18 -17.07
N PRO F 167 -14.30 -23.18 -15.77
CA PRO F 167 -14.72 -22.01 -15.04
C PRO F 167 -13.69 -21.63 -14.00
N THR F 168 -12.43 -21.91 -14.27
CA THR F 168 -11.39 -21.42 -13.39
C THR F 168 -10.32 -20.81 -14.25
N ALA F 169 -10.64 -20.74 -15.54
CA ALA F 169 -9.77 -20.22 -16.57
C ALA F 169 -9.26 -18.82 -16.18
N GLY F 170 -7.96 -18.76 -15.91
CA GLY F 170 -7.31 -17.49 -15.61
C GLY F 170 -7.58 -16.84 -14.26
N LEU F 171 -8.75 -17.01 -13.66
CA LEU F 171 -9.13 -16.31 -12.42
C LEU F 171 -8.18 -16.24 -11.22
N ASP F 172 -8.06 -15.06 -10.62
CA ASP F 172 -7.19 -14.90 -9.44
C ASP F 172 -7.57 -15.70 -8.22
N LEU F 173 -6.67 -15.79 -7.24
CA LEU F 173 -6.92 -16.60 -6.06
C LEU F 173 -8.29 -16.33 -5.47
N ALA F 174 -8.46 -15.15 -4.92
CA ALA F 174 -9.70 -14.84 -4.23
C ALA F 174 -10.87 -14.86 -5.21
N GLY F 175 -10.56 -14.84 -6.50
CA GLY F 175 -11.61 -14.85 -7.48
C GLY F 175 -12.09 -16.27 -7.62
N THR F 176 -11.11 -17.17 -7.64
CA THR F 176 -11.36 -18.61 -7.70
C THR F 176 -12.28 -19.16 -6.65
N GLU F 177 -11.81 -19.08 -5.42
CA GLU F 177 -12.54 -19.60 -4.27
C GLU F 177 -13.92 -18.96 -4.15
N GLN F 178 -14.03 -17.71 -4.56
CA GLN F 178 -15.30 -17.02 -4.48
C GLN F 178 -16.25 -17.56 -5.54
N LEU F 179 -15.72 -18.05 -6.64
CA LEU F 179 -16.59 -18.73 -7.59
C LEU F 179 -17.04 -20.06 -6.96
N LEU F 180 -16.05 -20.79 -6.42
CA LEU F 180 -16.30 -22.04 -5.71
C LEU F 180 -17.43 -21.84 -4.75
N THR F 181 -17.25 -20.93 -3.81
CA THR F 181 -18.26 -20.67 -2.79
C THR F 181 -19.63 -20.46 -3.44
N LEU F 182 -19.64 -19.73 -4.54
CA LEU F 182 -20.88 -19.49 -5.27
C LEU F 182 -21.38 -20.77 -5.95
N LEU F 183 -20.44 -21.64 -6.25
CA LEU F 183 -20.75 -22.87 -6.95
C LEU F 183 -21.24 -24.01 -6.02
N ARG F 184 -20.60 -24.16 -4.87
CA ARG F 184 -21.07 -25.10 -3.87
C ARG F 184 -22.55 -24.85 -3.64
N GLY F 185 -22.89 -23.57 -3.48
CA GLY F 185 -24.26 -23.16 -3.28
C GLY F 185 -25.22 -23.61 -4.35
N LEU F 186 -24.70 -23.92 -5.52
CA LEU F 186 -25.57 -24.30 -6.60
C LEU F 186 -25.91 -25.76 -6.44
N ARG F 187 -24.89 -26.53 -6.07
CA ARG F 187 -25.06 -27.94 -5.83
C ARG F 187 -25.89 -28.07 -4.55
N ALA F 188 -25.47 -27.36 -3.51
CA ALA F 188 -26.19 -27.26 -2.24
C ALA F 188 -27.70 -27.06 -2.37
N ALA F 189 -28.15 -26.47 -3.46
CA ALA F 189 -29.57 -26.19 -3.60
C ALA F 189 -30.24 -27.32 -4.33
N GLY F 190 -29.44 -28.30 -4.73
CA GLY F 190 -29.94 -29.48 -5.43
C GLY F 190 -29.37 -29.71 -6.82
N MET F 191 -29.17 -28.61 -7.55
CA MET F 191 -28.75 -28.62 -8.96
C MET F 191 -27.42 -29.37 -9.16
N THR F 192 -27.36 -30.16 -10.25
CA THR F 192 -26.20 -30.96 -10.61
C THR F 192 -25.18 -30.25 -11.46
N LEU F 193 -23.91 -30.23 -11.06
CA LEU F 193 -22.92 -29.53 -11.87
C LEU F 193 -22.08 -30.50 -12.70
N VAL F 194 -21.69 -30.07 -13.90
CA VAL F 194 -20.83 -30.85 -14.78
C VAL F 194 -19.84 -29.93 -15.49
N PHE F 195 -18.56 -30.08 -15.20
CA PHE F 195 -17.62 -29.09 -15.68
C PHE F 195 -16.26 -29.59 -16.08
N SER F 196 -15.81 -29.26 -17.28
CA SER F 196 -14.51 -29.73 -17.71
C SER F 196 -13.41 -28.85 -17.22
N THR F 197 -12.35 -29.45 -16.74
CA THR F 197 -11.14 -28.71 -16.46
C THR F 197 -9.89 -29.48 -16.83
N HIS F 198 -8.77 -28.75 -16.84
CA HIS F 198 -7.51 -29.29 -17.26
C HIS F 198 -6.72 -29.32 -16.01
N ASP F 199 -7.39 -28.85 -14.97
CA ASP F 199 -6.73 -28.62 -13.72
C ASP F 199 -7.44 -29.30 -12.57
N VAL F 200 -6.77 -30.35 -12.12
CA VAL F 200 -7.09 -31.19 -10.98
C VAL F 200 -7.43 -30.46 -9.68
N GLU F 201 -7.07 -29.18 -9.59
CA GLU F 201 -7.23 -28.43 -8.36
C GLU F 201 -8.64 -28.01 -8.17
N LEU F 202 -9.28 -27.80 -9.30
CA LEU F 202 -10.67 -27.49 -9.32
C LEU F 202 -11.40 -28.73 -8.97
N ALA F 203 -10.85 -29.85 -9.42
CA ALA F 203 -11.45 -31.16 -9.20
C ALA F 203 -11.51 -31.43 -7.72
N ALA F 204 -10.37 -31.41 -7.07
CA ALA F 204 -10.30 -31.38 -5.61
C ALA F 204 -11.46 -30.58 -5.03
N ALA F 205 -11.53 -29.30 -5.39
CA ALA F 205 -12.11 -28.30 -4.50
C ALA F 205 -13.59 -28.65 -4.61
N LEU F 206 -14.10 -28.73 -5.83
CA LEU F 206 -15.53 -28.87 -6.07
C LEU F 206 -15.97 -30.32 -6.09
N ALA F 207 -15.33 -31.11 -6.95
CA ALA F 207 -15.84 -32.33 -7.56
C ALA F 207 -15.85 -33.64 -6.77
N ASP F 208 -17.06 -34.10 -6.43
CA ASP F 208 -17.24 -35.45 -5.96
C ASP F 208 -16.79 -36.51 -6.92
N ARG F 209 -17.51 -36.63 -8.02
CA ARG F 209 -17.11 -37.58 -9.05
C ARG F 209 -16.15 -36.93 -10.03
N VAL F 210 -15.49 -37.76 -10.81
CA VAL F 210 -14.43 -37.34 -11.68
C VAL F 210 -14.35 -38.35 -12.80
N ALA F 211 -14.51 -37.91 -14.04
CA ALA F 211 -14.29 -38.82 -15.16
C ALA F 211 -13.03 -38.38 -15.88
N LEU F 212 -11.96 -39.14 -15.84
CA LEU F 212 -10.79 -38.74 -16.59
C LEU F 212 -11.09 -38.85 -18.08
N PHE F 213 -10.24 -38.25 -18.90
CA PHE F 213 -10.58 -38.03 -20.31
C PHE F 213 -9.36 -38.00 -21.19
N ARG F 214 -9.37 -38.81 -22.23
CA ARG F 214 -8.19 -38.93 -23.07
C ARG F 214 -8.44 -39.29 -24.51
N THR F 215 -8.25 -38.32 -25.39
CA THR F 215 -8.46 -38.47 -26.82
C THR F 215 -9.86 -39.03 -27.06
N GLY F 216 -10.88 -38.31 -26.60
CA GLY F 216 -12.25 -38.70 -26.81
C GLY F 216 -12.77 -39.96 -26.13
N ARG F 217 -12.03 -40.49 -25.14
CA ARG F 217 -12.52 -41.64 -24.41
C ARG F 217 -12.40 -41.39 -22.92
N VAL F 218 -13.41 -41.79 -22.16
CA VAL F 218 -13.38 -41.80 -20.69
C VAL F 218 -12.46 -42.91 -20.13
N LEU F 219 -11.20 -42.63 -19.89
CA LEU F 219 -10.32 -43.69 -19.41
C LEU F 219 -10.60 -44.23 -18.01
N ALA F 220 -10.43 -43.39 -16.99
CA ALA F 220 -10.71 -43.79 -15.60
C ALA F 220 -11.59 -42.85 -14.76
N GLU F 221 -12.82 -43.28 -14.50
CA GLU F 221 -13.72 -42.69 -13.50
C GLU F 221 -14.03 -43.21 -12.10
N GLY F 222 -14.47 -42.31 -11.23
CA GLY F 222 -15.02 -42.73 -9.96
C GLY F 222 -15.14 -41.54 -9.05
N ALA F 223 -15.28 -41.77 -7.75
CA ALA F 223 -15.35 -40.67 -6.80
C ALA F 223 -14.00 -40.02 -6.70
N ALA F 224 -14.01 -38.79 -6.19
CA ALA F 224 -12.86 -37.89 -6.22
C ALA F 224 -11.53 -38.26 -5.60
N GLU F 225 -11.58 -38.40 -4.28
CA GLU F 225 -10.42 -38.71 -3.48
C GLU F 225 -9.71 -39.94 -4.01
N ALA F 226 -10.49 -40.98 -4.29
CA ALA F 226 -9.98 -42.20 -4.93
C ALA F 226 -9.33 -41.90 -6.27
N VAL F 227 -10.05 -41.18 -7.14
CA VAL F 227 -9.53 -40.90 -8.48
C VAL F 227 -8.37 -39.96 -8.37
N LEU F 228 -8.50 -39.01 -7.48
CA LEU F 228 -7.53 -37.94 -7.43
C LEU F 228 -6.26 -38.39 -6.71
N SER F 229 -6.22 -39.66 -6.33
CA SER F 229 -5.03 -40.14 -5.65
C SER F 229 -4.36 -41.25 -6.41
N ASP F 230 -4.78 -41.45 -7.63
CA ASP F 230 -4.32 -42.59 -8.42
C ASP F 230 -3.14 -42.03 -9.13
N ARG F 231 -1.98 -42.10 -8.51
CA ARG F 231 -0.81 -41.52 -9.13
C ARG F 231 -0.59 -42.20 -10.46
N ALA F 232 -0.73 -43.52 -10.50
CA ALA F 232 -0.49 -44.26 -11.73
C ALA F 232 -1.46 -43.99 -12.86
N THR F 233 -2.75 -43.99 -12.58
CA THR F 233 -3.70 -43.80 -13.66
C THR F 233 -3.49 -42.42 -14.17
N LEU F 234 -3.35 -41.52 -13.23
CA LEU F 234 -3.37 -40.13 -13.50
C LEU F 234 -2.23 -39.83 -14.40
N ALA F 235 -1.13 -40.51 -14.15
CA ALA F 235 0.04 -40.29 -14.96
C ALA F 235 -0.33 -40.61 -16.38
N LYS F 236 -1.35 -41.44 -16.58
CA LYS F 236 -1.77 -41.79 -17.92
C LYS F 236 -2.25 -40.57 -18.72
N VAL F 237 -2.95 -39.67 -18.05
CA VAL F 237 -3.47 -38.48 -18.69
C VAL F 237 -2.49 -37.33 -18.59
N ALA F 238 -1.30 -37.57 -18.08
CA ALA F 238 -0.27 -36.54 -18.01
C ALA F 238 -0.52 -35.59 -16.87
N LEU F 239 -1.43 -35.98 -16.01
CA LEU F 239 -1.73 -35.16 -14.85
C LEU F 239 -1.29 -35.77 -13.55
N ARG F 240 -1.30 -34.99 -12.50
CA ARG F 240 -0.77 -35.45 -11.24
C ARG F 240 -1.87 -35.49 -10.22
N PRO F 241 -1.59 -36.21 -9.04
CA PRO F 241 -2.66 -36.10 -8.04
C PRO F 241 -2.46 -34.68 -7.63
N PRO F 242 -3.51 -34.11 -6.90
CA PRO F 242 -3.39 -32.66 -6.69
C PRO F 242 -2.30 -32.23 -5.72
N LEU F 243 -2.28 -30.91 -5.57
CA LEU F 243 -1.31 -30.24 -4.71
C LEU F 243 -1.23 -30.69 -3.25
N VAL F 244 -2.31 -30.43 -2.52
CA VAL F 244 -2.47 -30.84 -1.14
C VAL F 244 -2.55 -32.34 -0.95
N ILE F 245 -3.32 -32.99 -1.80
CA ILE F 245 -3.58 -34.41 -1.63
C ILE F 245 -2.24 -35.07 -1.69
N ASP F 246 -1.40 -34.55 -2.55
CA ASP F 246 -0.07 -35.07 -2.66
C ASP F 246 0.57 -34.86 -1.33
N LEU F 247 0.32 -33.74 -0.68
CA LEU F 247 1.04 -33.52 0.56
C LEU F 247 0.48 -34.40 1.66
N ALA F 248 -0.84 -34.47 1.61
CA ALA F 248 -1.72 -34.92 2.65
C ALA F 248 -1.71 -36.41 2.73
N LEU F 249 -1.64 -37.08 1.58
CA LEU F 249 -1.62 -38.53 1.55
C LEU F 249 -0.72 -39.11 2.64
N LEU F 250 0.46 -38.51 2.80
CA LEU F 250 1.41 -38.96 3.82
C LEU F 250 0.69 -39.33 5.11
N ALA F 251 -0.13 -40.37 5.05
CA ALA F 251 -0.88 -40.82 6.22
C ALA F 251 0.06 -41.35 7.31
N ARG F 252 1.35 -41.17 7.10
CA ARG F 252 2.35 -41.63 8.07
C ARG F 252 1.95 -41.26 9.50
N ASP F 253 1.21 -40.16 9.62
CA ASP F 253 0.75 -39.69 10.92
C ASP F 253 -0.39 -38.69 10.78
N HIS F 254 -1.62 -39.21 10.71
CA HIS F 254 -2.79 -38.37 10.56
C HIS F 254 -4.09 -39.03 10.97
N GLY F 255 -5.11 -38.20 11.23
CA GLY F 255 -6.39 -38.63 11.77
C GLY F 255 -7.29 -39.46 10.87
N LEU F 256 -7.96 -40.45 11.44
CA LEU F 256 -8.66 -41.48 10.68
C LEU F 256 -9.85 -41.11 9.79
N LEU F 257 -10.69 -40.17 10.16
CA LEU F 257 -11.92 -39.94 9.39
C LEU F 257 -12.18 -38.52 8.92
N ALA F 258 -11.38 -38.08 7.99
CA ALA F 258 -11.57 -36.88 7.19
C ALA F 258 -11.04 -36.78 5.76
N PRO F 259 -11.68 -35.91 5.00
CA PRO F 259 -11.30 -35.65 3.63
C PRO F 259 -10.49 -34.36 3.69
N GLU F 260 -9.31 -34.44 3.13
CA GLU F 260 -8.34 -33.36 3.17
C GLU F 260 -8.01 -32.89 1.77
N ALA F 261 -8.68 -31.84 1.29
CA ALA F 261 -8.55 -31.43 -0.10
C ALA F 261 -7.70 -30.18 -0.33
N PRO F 262 -8.31 -29.02 -0.09
CA PRO F 262 -7.61 -27.74 -0.23
C PRO F 262 -6.72 -27.46 0.98
N LEU F 263 -6.80 -26.25 1.52
CA LEU F 263 -6.01 -25.90 2.70
C LEU F 263 -6.84 -26.03 3.97
N PRO F 264 -7.15 -27.34 4.36
CA PRO F 264 -7.95 -27.41 5.59
C PRO F 264 -7.18 -26.91 6.81
N LYS F 265 -6.58 -27.83 7.56
CA LYS F 265 -5.82 -27.45 8.75
C LYS F 265 -5.47 -28.68 9.60
N THR F 266 -4.32 -28.62 10.26
CA THR F 266 -3.88 -29.69 11.13
C THR F 266 -2.54 -29.44 11.85
N ARG F 267 -2.61 -29.39 13.17
CA ARG F 267 -1.47 -29.24 14.04
C ARG F 267 -0.25 -29.98 13.51
N MET G 1 -14.41 14.95 -43.95
CA MET G 1 -14.55 14.65 -42.52
C MET G 1 -15.99 14.82 -42.07
N HIS G 2 -16.24 14.55 -40.79
CA HIS G 2 -17.58 14.68 -40.23
C HIS G 2 -17.92 16.13 -39.91
N ILE G 3 -19.18 16.48 -40.06
CA ILE G 3 -19.63 17.84 -39.79
C ILE G 3 -20.04 18.00 -38.32
N MET G 4 -19.46 19.00 -37.66
CA MET G 4 -19.77 19.27 -36.25
C MET G 4 -21.26 19.45 -36.04
N GLU G 5 -21.71 19.18 -34.83
CA GLU G 5 -23.13 19.31 -34.48
C GLU G 5 -23.47 20.74 -34.24
N GLY G 6 -24.51 21.14 -34.95
CA GLY G 6 -25.02 22.50 -35.00
C GLY G 6 -23.97 23.35 -35.66
N TYR G 7 -23.69 23.02 -36.92
CA TYR G 7 -22.71 23.68 -37.76
C TYR G 7 -23.40 23.64 -39.10
N LEU G 8 -24.67 23.31 -39.02
CA LEU G 8 -25.56 23.36 -40.16
C LEU G 8 -26.93 23.69 -39.56
N PRO G 9 -27.56 24.77 -40.06
CA PRO G 9 -28.84 25.38 -39.63
C PRO G 9 -30.03 24.47 -39.81
N VAL G 10 -31.20 24.94 -39.42
CA VAL G 10 -32.38 24.08 -39.30
C VAL G 10 -33.09 23.29 -40.41
N THR G 11 -33.68 23.93 -41.41
CA THR G 11 -34.23 23.15 -42.55
C THR G 11 -33.18 22.64 -43.54
N HIS G 12 -31.91 22.94 -43.28
CA HIS G 12 -30.77 22.28 -43.94
C HIS G 12 -30.63 20.81 -43.49
N ALA G 13 -30.34 20.66 -42.20
CA ALA G 13 -30.31 19.37 -41.53
C ALA G 13 -31.52 18.55 -41.96
N ILE G 14 -32.70 18.98 -41.53
CA ILE G 14 -33.94 18.28 -41.83
C ILE G 14 -34.04 17.97 -43.32
N GLY G 15 -33.67 18.95 -44.13
CA GLY G 15 -33.67 18.78 -45.57
C GLY G 15 -32.80 17.61 -45.97
N TRP G 16 -31.62 17.53 -45.36
CA TRP G 16 -30.71 16.43 -45.64
C TRP G 16 -31.23 15.16 -45.00
N SER G 17 -31.70 15.29 -43.76
CA SER G 17 -32.30 14.19 -43.08
C SER G 17 -33.41 13.61 -43.94
N LEU G 18 -34.19 14.42 -44.62
CA LEU G 18 -35.15 13.83 -45.54
C LEU G 18 -34.54 13.59 -46.92
N ALA G 19 -33.26 13.92 -47.08
CA ALA G 19 -32.58 13.68 -48.33
C ALA G 19 -31.98 12.30 -48.32
N ALA G 20 -31.54 11.89 -47.12
CA ALA G 20 -31.01 10.54 -46.87
C ALA G 20 -32.03 9.45 -46.54
N ALA G 21 -33.09 9.87 -45.87
CA ALA G 21 -34.15 9.00 -45.37
C ALA G 21 -34.65 7.95 -46.41
N PRO G 22 -35.06 8.37 -47.62
CA PRO G 22 -35.62 7.38 -48.55
C PRO G 22 -34.66 6.21 -48.84
N PHE G 23 -33.40 6.58 -48.90
CA PHE G 23 -32.39 5.57 -49.09
C PHE G 23 -32.18 4.77 -47.82
N VAL G 24 -32.12 5.45 -46.68
CA VAL G 24 -31.95 4.74 -45.43
C VAL G 24 -33.19 3.91 -45.19
N VAL G 25 -34.35 4.37 -45.61
CA VAL G 25 -35.54 3.53 -45.46
C VAL G 25 -35.44 2.24 -46.28
N ALA G 26 -35.05 2.37 -47.56
CA ALA G 26 -35.04 1.21 -48.47
C ALA G 26 -33.96 0.23 -48.13
N GLY G 27 -32.89 0.68 -47.50
CA GLY G 27 -31.89 -0.23 -47.02
C GLY G 27 -32.43 -0.83 -45.74
N ALA G 28 -32.99 0.03 -44.90
CA ALA G 28 -33.49 -0.43 -43.63
C ALA G 28 -34.83 -1.13 -43.84
N LEU G 29 -35.17 -1.44 -45.09
CA LEU G 29 -36.28 -2.35 -45.23
C LEU G 29 -35.85 -3.57 -46.04
N LYS G 30 -34.68 -3.59 -46.68
CA LYS G 30 -34.42 -4.91 -47.24
C LYS G 30 -33.45 -5.67 -46.32
N ILE G 31 -32.99 -4.99 -45.26
CA ILE G 31 -32.37 -5.70 -44.13
C ILE G 31 -33.47 -6.53 -43.45
N ARG G 32 -34.68 -5.99 -43.46
CA ARG G 32 -35.81 -6.74 -42.95
C ARG G 32 -35.99 -8.11 -43.59
N LYS G 33 -35.93 -8.20 -44.92
CA LYS G 33 -35.91 -9.54 -45.50
C LYS G 33 -34.80 -10.37 -44.92
N ILE G 34 -33.55 -10.00 -45.19
CA ILE G 34 -32.41 -10.82 -44.82
C ILE G 34 -32.37 -11.22 -43.35
N VAL G 35 -33.27 -10.73 -42.51
CA VAL G 35 -33.32 -11.27 -41.16
C VAL G 35 -34.62 -12.02 -40.93
N ALA G 36 -35.68 -11.56 -41.59
CA ALA G 36 -36.91 -12.33 -41.59
C ALA G 36 -36.64 -13.78 -42.06
N GLU G 37 -35.63 -13.94 -42.90
CA GLU G 37 -35.37 -15.18 -43.57
C GLU G 37 -34.16 -15.89 -42.95
N ARG G 38 -33.17 -15.17 -42.43
CA ARG G 38 -32.23 -15.78 -41.49
C ARG G 38 -32.04 -14.91 -40.27
N PRO G 39 -32.86 -15.14 -39.24
CA PRO G 39 -32.80 -14.42 -37.97
C PRO G 39 -31.39 -14.28 -37.41
N GLU G 40 -30.48 -15.11 -37.87
CA GLU G 40 -29.11 -15.05 -37.42
C GLU G 40 -28.49 -13.71 -37.74
N ALA G 41 -29.05 -13.09 -38.74
CA ALA G 41 -28.37 -12.11 -39.51
C ALA G 41 -27.90 -11.10 -38.54
N ARG G 42 -28.67 -10.82 -37.52
CA ARG G 42 -28.47 -9.69 -36.67
C ARG G 42 -27.09 -9.79 -36.14
N MET G 43 -26.67 -10.99 -35.81
CA MET G 43 -25.34 -11.16 -35.30
C MET G 43 -24.37 -10.73 -36.40
N THR G 44 -24.63 -11.16 -37.61
CA THR G 44 -23.69 -10.94 -38.67
C THR G 44 -23.55 -9.48 -38.89
N LEU G 45 -24.69 -8.81 -38.89
CA LEU G 45 -24.76 -7.44 -39.24
C LEU G 45 -24.12 -6.60 -38.20
N ALA G 46 -24.28 -7.01 -36.97
CA ALA G 46 -23.69 -6.31 -35.87
C ALA G 46 -22.23 -6.41 -36.08
N ALA G 47 -21.78 -7.57 -36.51
CA ALA G 47 -20.37 -7.76 -36.74
C ALA G 47 -19.90 -6.81 -37.79
N ALA G 48 -20.68 -6.67 -38.84
CA ALA G 48 -20.30 -5.75 -39.91
C ALA G 48 -20.22 -4.33 -39.41
N GLY G 49 -21.22 -3.93 -38.65
CA GLY G 49 -21.29 -2.55 -38.22
C GLY G 49 -20.08 -2.31 -37.37
N ALA G 50 -19.77 -3.26 -36.53
CA ALA G 50 -18.72 -3.08 -35.56
C ALA G 50 -17.42 -2.95 -36.25
N PHE G 51 -17.23 -3.76 -37.27
CA PHE G 51 -15.97 -3.76 -37.97
C PHE G 51 -15.81 -2.40 -38.56
N ALA G 52 -16.89 -1.92 -39.16
CA ALA G 52 -16.77 -0.67 -39.87
C ALA G 52 -16.39 0.38 -38.87
N PHE G 53 -17.07 0.41 -37.74
CA PHE G 53 -16.83 1.49 -36.82
C PHE G 53 -15.41 1.43 -36.39
N VAL G 54 -14.92 0.26 -36.01
CA VAL G 54 -13.52 0.15 -35.66
C VAL G 54 -12.63 0.30 -36.84
N LEU G 55 -13.01 -0.30 -37.93
CA LEU G 55 -12.29 -0.05 -39.14
C LEU G 55 -11.86 1.43 -39.19
N SER G 56 -12.84 2.32 -39.02
CA SER G 56 -12.61 3.74 -39.09
C SER G 56 -12.36 4.32 -37.72
N ALA G 57 -11.71 3.54 -36.86
CA ALA G 57 -11.39 3.99 -35.50
C ALA G 57 -10.05 3.35 -35.18
N LEU G 58 -9.21 3.24 -36.21
CA LEU G 58 -7.84 2.79 -36.07
C LEU G 58 -7.07 4.02 -36.54
N LYS G 59 -5.81 3.84 -36.93
CA LYS G 59 -4.95 4.95 -37.29
C LYS G 59 -4.27 4.71 -38.64
N ILE G 60 -3.85 5.79 -39.28
CA ILE G 60 -3.07 5.70 -40.51
C ILE G 60 -2.20 6.95 -40.60
N PRO G 61 -0.98 6.78 -41.10
CA PRO G 61 -0.25 7.88 -41.74
C PRO G 61 -1.02 8.40 -42.95
N SER G 62 -0.73 9.63 -43.36
CA SER G 62 -0.98 10.07 -44.73
C SER G 62 0.33 9.78 -45.46
N VAL G 63 0.51 10.43 -46.61
CA VAL G 63 1.72 10.26 -47.40
C VAL G 63 2.50 11.56 -47.49
N THR G 64 1.97 12.60 -46.86
CA THR G 64 2.61 13.92 -46.87
C THR G 64 3.03 14.34 -45.47
N GLY G 65 2.17 14.09 -44.50
CA GLY G 65 2.44 14.44 -43.12
C GLY G 65 1.35 14.02 -42.16
N SER G 66 0.20 14.68 -42.25
CA SER G 66 -0.93 14.39 -41.38
C SER G 66 -0.98 12.92 -41.02
N CYS G 67 -1.89 12.56 -40.13
CA CYS G 67 -2.27 11.16 -39.93
C CYS G 67 -3.78 11.02 -39.74
N SER G 68 -4.54 11.36 -40.78
CA SER G 68 -5.96 11.07 -40.81
C SER G 68 -6.23 9.60 -41.10
N HIS G 69 -7.51 9.25 -41.13
CA HIS G 69 -7.90 7.87 -40.99
C HIS G 69 -8.90 7.45 -42.03
N PRO G 70 -8.86 6.15 -42.29
CA PRO G 70 -9.78 5.50 -43.23
C PRO G 70 -11.25 5.49 -42.92
N THR G 71 -12.04 6.06 -43.81
CA THR G 71 -13.46 5.84 -43.77
C THR G 71 -13.51 4.58 -44.57
N GLY G 72 -14.27 3.60 -44.09
CA GLY G 72 -14.41 2.33 -44.78
C GLY G 72 -15.53 2.38 -45.78
N THR G 73 -15.24 2.92 -46.95
CA THR G 73 -16.29 3.27 -47.88
C THR G 73 -16.22 2.48 -49.16
N GLY G 74 -15.02 1.99 -49.46
CA GLY G 74 -14.80 1.06 -50.56
C GLY G 74 -14.86 -0.40 -50.10
N LEU G 75 -14.12 -0.70 -49.04
CA LEU G 75 -14.23 -1.97 -48.35
C LEU G 75 -15.68 -2.24 -48.21
N GLY G 76 -16.38 -1.38 -47.49
CA GLY G 76 -17.82 -1.45 -47.43
C GLY G 76 -18.47 -1.90 -48.72
N ALA G 77 -18.35 -1.12 -49.77
CA ALA G 77 -19.15 -1.37 -50.96
C ALA G 77 -18.69 -2.58 -51.70
N VAL G 78 -17.47 -3.03 -51.43
CA VAL G 78 -16.91 -4.24 -52.08
C VAL G 78 -17.25 -5.58 -51.32
N VAL G 79 -17.01 -5.62 -50.01
CA VAL G 79 -17.43 -6.69 -49.13
C VAL G 79 -18.96 -6.83 -49.02
N PHE G 80 -19.64 -5.87 -48.39
CA PHE G 80 -21.09 -5.89 -48.38
C PHE G 80 -21.65 -5.00 -49.50
N GLY G 81 -22.96 -5.11 -49.75
CA GLY G 81 -23.59 -4.27 -50.77
C GLY G 81 -23.61 -2.85 -50.22
N PRO G 82 -23.78 -1.88 -51.11
CA PRO G 82 -24.04 -0.48 -50.82
C PRO G 82 -25.28 -0.29 -49.97
N SER G 83 -26.42 -0.76 -50.46
CA SER G 83 -27.72 -0.51 -49.83
C SER G 83 -27.75 -0.84 -48.35
N VAL G 84 -26.94 -1.82 -47.98
CA VAL G 84 -26.86 -2.27 -46.61
C VAL G 84 -26.00 -1.26 -45.85
N MET G 85 -24.82 -0.98 -46.38
CA MET G 85 -23.94 0.08 -45.87
C MET G 85 -24.68 1.37 -45.51
N ALA G 86 -25.72 1.66 -46.28
CA ALA G 86 -26.56 2.84 -46.10
C ALA G 86 -27.22 2.95 -44.73
N VAL G 87 -27.46 1.79 -44.08
CA VAL G 87 -28.21 1.66 -42.81
C VAL G 87 -27.28 1.30 -41.68
N LEU G 88 -26.14 0.74 -42.06
CA LEU G 88 -25.15 0.38 -41.08
C LEU G 88 -24.35 1.63 -40.78
N GLY G 89 -24.14 2.42 -41.82
CA GLY G 89 -23.44 3.70 -41.72
C GLY G 89 -24.07 4.66 -40.75
N VAL G 90 -25.32 5.06 -40.98
CA VAL G 90 -26.11 5.78 -40.00
C VAL G 90 -25.82 5.42 -38.56
N ILE G 91 -25.92 4.13 -38.27
CA ILE G 91 -25.63 3.56 -36.97
C ILE G 91 -24.15 3.66 -36.67
N VAL G 92 -23.32 3.53 -37.70
CA VAL G 92 -21.90 3.67 -37.49
C VAL G 92 -21.70 5.07 -36.97
N LEU G 93 -22.34 6.03 -37.64
CA LEU G 93 -22.21 7.43 -37.25
C LEU G 93 -22.83 7.68 -35.88
N LEU G 94 -23.98 7.07 -35.63
CA LEU G 94 -24.71 7.27 -34.39
C LEU G 94 -23.80 7.08 -33.18
N PHE G 95 -22.73 6.31 -33.36
CA PHE G 95 -21.81 6.01 -32.27
C PHE G 95 -20.60 6.93 -32.31
N GLN G 96 -20.06 7.16 -33.50
CA GLN G 96 -19.08 8.21 -33.71
C GLN G 96 -19.54 9.53 -33.09
N ALA G 97 -20.77 9.92 -33.39
CA ALA G 97 -21.42 11.03 -32.70
C ALA G 97 -21.28 10.88 -31.19
N LEU G 98 -21.63 9.71 -30.67
CA LEU G 98 -22.00 9.56 -29.28
C LEU G 98 -20.83 9.05 -28.44
N LEU G 99 -19.91 8.36 -29.09
CA LEU G 99 -18.79 7.72 -28.40
C LEU G 99 -17.49 8.48 -28.61
N LEU G 100 -17.28 8.96 -29.83
CA LEU G 100 -16.13 9.79 -30.14
C LEU G 100 -16.50 11.28 -30.09
N ALA G 101 -17.76 11.55 -29.80
CA ALA G 101 -18.26 12.93 -29.81
C ALA G 101 -17.87 13.66 -31.09
N HIS G 102 -17.70 12.89 -32.17
CA HIS G 102 -16.95 13.35 -33.33
C HIS G 102 -17.88 13.80 -34.45
N GLY G 103 -19.15 13.41 -34.35
CA GLY G 103 -20.08 13.55 -35.46
C GLY G 103 -21.08 14.67 -35.24
N GLY G 104 -22.33 14.43 -35.62
CA GLY G 104 -23.44 15.21 -35.12
C GLY G 104 -24.77 14.53 -35.34
N LEU G 105 -25.77 14.89 -34.52
CA LEU G 105 -27.05 14.22 -34.52
C LEU G 105 -28.01 14.87 -35.52
N THR G 106 -28.06 16.17 -35.64
CA THR G 106 -28.59 16.79 -36.87
C THR G 106 -27.67 16.57 -38.10
N THR G 107 -26.42 16.82 -37.79
CA THR G 107 -25.37 16.64 -38.72
C THR G 107 -25.39 15.19 -39.11
N LEU G 108 -25.97 14.32 -38.29
CA LEU G 108 -25.98 12.93 -38.64
C LEU G 108 -26.71 12.80 -39.95
N GLY G 109 -27.86 13.44 -40.10
CA GLY G 109 -28.63 13.23 -41.32
C GLY G 109 -27.75 13.73 -42.44
N ALA G 110 -27.18 14.90 -42.16
CA ALA G 110 -26.42 15.52 -43.27
C ALA G 110 -25.24 14.69 -43.76
N ASN G 111 -24.46 14.15 -42.82
CA ASN G 111 -23.30 13.34 -43.09
C ASN G 111 -23.67 12.03 -43.67
N ALA G 112 -24.78 11.55 -43.19
CA ALA G 112 -25.32 10.29 -43.62
C ALA G 112 -25.50 10.38 -45.10
N PHE G 113 -25.70 11.58 -45.62
CA PHE G 113 -25.56 11.72 -47.08
C PHE G 113 -24.23 11.41 -47.77
N SER G 114 -23.09 11.79 -47.21
CA SER G 114 -21.78 11.35 -47.71
C SER G 114 -21.61 9.84 -47.57
N MET G 115 -21.54 9.38 -46.33
CA MET G 115 -20.65 8.27 -45.98
C MET G 115 -21.16 6.96 -46.56
N ALA G 116 -22.49 6.78 -46.55
CA ALA G 116 -23.25 6.74 -47.79
C ALA G 116 -24.54 7.55 -47.66
N ILE G 117 -25.18 7.82 -48.79
CA ILE G 117 -25.31 6.83 -49.86
C ILE G 117 -24.39 7.18 -51.04
N VAL G 118 -23.67 8.29 -50.92
CA VAL G 118 -22.92 8.84 -52.05
C VAL G 118 -21.58 8.13 -52.22
N GLY G 119 -20.90 7.91 -51.10
CA GLY G 119 -19.59 7.27 -51.12
C GLY G 119 -19.56 5.85 -51.72
N PRO G 120 -20.12 4.88 -50.99
CA PRO G 120 -20.34 3.54 -51.52
C PRO G 120 -20.90 3.49 -52.93
N TRP G 121 -21.95 4.25 -53.25
CA TRP G 121 -22.53 4.12 -54.58
C TRP G 121 -21.47 4.38 -55.63
N VAL G 122 -20.54 5.27 -55.33
CA VAL G 122 -19.50 5.51 -56.30
C VAL G 122 -18.62 4.28 -56.25
N ALA G 123 -18.08 4.01 -55.06
CA ALA G 123 -17.14 2.90 -54.83
C ALA G 123 -17.57 1.68 -55.60
N PHE G 124 -18.83 1.28 -55.41
CA PHE G 124 -19.43 0.13 -56.08
C PHE G 124 -19.55 0.26 -57.59
N GLY G 125 -19.97 1.45 -58.02
CA GLY G 125 -20.13 1.74 -59.44
C GLY G 125 -18.76 1.85 -60.08
N VAL G 126 -17.81 2.38 -59.34
CA VAL G 126 -16.46 2.36 -59.81
C VAL G 126 -16.01 0.92 -59.87
N TYR G 127 -16.36 0.18 -58.82
CA TYR G 127 -15.85 -1.18 -58.58
C TYR G 127 -16.29 -2.23 -59.61
N LYS G 128 -17.44 -2.03 -60.24
CA LYS G 128 -17.81 -2.94 -61.30
C LYS G 128 -17.39 -2.38 -62.65
N LEU G 129 -17.41 -1.06 -62.76
CA LEU G 129 -16.97 -0.38 -63.97
C LEU G 129 -15.55 -0.76 -64.32
N ALA G 130 -14.62 -0.43 -63.43
CA ALA G 130 -13.22 -0.74 -63.64
C ALA G 130 -13.02 -2.24 -63.92
N GLY G 131 -13.87 -3.06 -63.32
CA GLY G 131 -13.78 -4.50 -63.50
C GLY G 131 -14.36 -4.94 -64.84
N LYS G 132 -15.35 -4.23 -65.32
CA LYS G 132 -15.99 -4.55 -66.59
C LYS G 132 -14.95 -4.77 -67.68
N ALA G 133 -13.82 -4.07 -67.58
CA ALA G 133 -12.75 -4.20 -68.56
C ALA G 133 -11.54 -4.91 -67.95
N GLY G 134 -10.81 -5.63 -68.79
CA GLY G 134 -9.63 -6.35 -68.35
C GLY G 134 -8.76 -5.53 -67.41
N ALA G 135 -9.19 -5.43 -66.16
CA ALA G 135 -8.45 -4.68 -65.16
C ALA G 135 -8.25 -5.50 -63.89
N SER G 136 -7.02 -5.52 -63.39
CA SER G 136 -6.70 -6.26 -62.18
C SER G 136 -7.64 -5.90 -61.04
N MET G 137 -7.95 -6.87 -60.19
CA MET G 137 -8.83 -6.65 -59.06
C MET G 137 -8.07 -5.81 -58.02
N ALA G 138 -6.74 -5.91 -58.03
CA ALA G 138 -5.93 -5.06 -57.18
C ALA G 138 -6.31 -3.59 -57.38
N VAL G 139 -6.31 -3.16 -58.64
CA VAL G 139 -6.66 -1.79 -59.02
C VAL G 139 -8.13 -1.44 -58.77
N ALA G 140 -9.01 -2.30 -59.24
CA ALA G 140 -10.44 -2.01 -59.23
C ALA G 140 -11.03 -1.83 -57.82
N VAL G 141 -10.31 -2.27 -56.79
CA VAL G 141 -10.68 -1.92 -55.41
C VAL G 141 -10.00 -0.65 -55.00
N PHE G 142 -8.81 -0.39 -55.55
CA PHE G 142 -8.10 0.83 -55.21
C PHE G 142 -8.93 2.00 -55.67
N LEU G 143 -9.26 2.00 -56.96
CA LEU G 143 -10.13 3.02 -57.51
C LEU G 143 -11.35 3.18 -56.62
N ALA G 144 -12.09 2.11 -56.40
CA ALA G 144 -13.32 2.17 -55.60
C ALA G 144 -13.14 2.81 -54.24
N ALA G 145 -11.91 2.88 -53.76
CA ALA G 145 -11.61 3.50 -52.47
C ALA G 145 -11.26 4.95 -52.66
N PHE G 146 -10.28 5.16 -53.52
CA PHE G 146 -9.79 6.47 -53.91
C PHE G 146 -10.93 7.32 -54.39
N LEU G 147 -11.61 6.87 -55.43
CA LEU G 147 -12.80 7.58 -55.91
C LEU G 147 -13.94 7.55 -54.90
N GLY G 148 -13.83 6.71 -53.89
CA GLY G 148 -14.94 6.56 -52.99
C GLY G 148 -14.91 7.53 -51.84
N ASP G 149 -13.74 7.65 -51.24
CA ASP G 149 -13.45 8.63 -50.22
C ASP G 149 -13.54 10.04 -50.79
N LEU G 150 -13.24 10.14 -52.08
CA LEU G 150 -13.40 11.36 -52.82
C LEU G 150 -14.86 11.74 -52.72
N ALA G 151 -15.71 10.95 -53.36
CA ALA G 151 -17.14 11.27 -53.47
C ALA G 151 -17.74 11.94 -52.22
N THR G 152 -17.40 11.45 -51.02
CA THR G 152 -17.98 12.00 -49.79
C THR G 152 -17.36 13.35 -49.50
N TYR G 153 -16.03 13.36 -49.34
CA TYR G 153 -15.26 14.61 -49.24
C TYR G 153 -15.79 15.69 -50.17
N VAL G 154 -15.97 15.37 -51.44
CA VAL G 154 -16.68 16.24 -52.35
C VAL G 154 -18.07 16.56 -51.81
N THR G 155 -18.87 15.53 -51.55
CA THR G 155 -20.27 15.74 -51.21
C THR G 155 -20.53 16.40 -49.85
N THR G 156 -19.67 16.22 -48.85
CA THR G 156 -19.81 17.05 -47.66
C THR G 156 -19.15 18.41 -47.92
N SER G 157 -18.21 18.48 -48.88
CA SER G 157 -17.67 19.78 -49.24
C SER G 157 -18.75 20.61 -49.87
N LEU G 158 -19.79 20.00 -50.40
CA LEU G 158 -20.88 20.78 -50.97
C LEU G 158 -22.00 21.15 -49.97
N GLN G 159 -22.28 20.28 -49.00
CA GLN G 159 -23.39 20.57 -48.09
C GLN G 159 -23.05 21.83 -47.35
N LEU G 160 -21.77 22.00 -47.10
CA LEU G 160 -21.28 23.20 -46.47
C LEU G 160 -21.30 24.41 -47.39
N ALA G 161 -21.28 24.17 -48.69
CA ALA G 161 -21.30 25.27 -49.62
C ALA G 161 -22.70 25.89 -49.63
N LEU G 162 -23.73 25.12 -50.01
CA LEU G 162 -25.12 25.61 -49.95
C LEU G 162 -25.45 26.45 -48.72
N ALA G 163 -24.98 26.00 -47.56
CA ALA G 163 -25.31 26.66 -46.30
C ALA G 163 -24.50 27.93 -46.05
N TYR G 164 -23.45 28.14 -46.83
CA TYR G 164 -22.60 29.29 -46.59
C TYR G 164 -22.10 29.98 -47.87
N PRO G 165 -22.94 30.01 -48.93
CA PRO G 165 -22.33 30.54 -50.13
C PRO G 165 -22.03 31.95 -49.77
N ASP G 166 -20.80 32.16 -49.30
CA ASP G 166 -20.41 33.48 -48.94
C ASP G 166 -20.55 34.37 -50.24
N PRO G 167 -20.35 35.66 -50.10
CA PRO G 167 -20.81 36.91 -50.63
C PRO G 167 -20.53 37.17 -52.12
N ALA G 168 -19.28 37.26 -52.57
CA ALA G 168 -18.95 37.33 -54.01
C ALA G 168 -19.04 35.92 -54.58
N SER G 169 -18.66 34.93 -53.78
CA SER G 169 -18.58 33.56 -54.23
C SER G 169 -19.76 33.01 -55.05
N GLY G 170 -20.89 32.79 -54.39
CA GLY G 170 -22.00 32.07 -55.00
C GLY G 170 -21.87 30.72 -54.34
N PHE G 171 -22.50 29.69 -54.88
CA PHE G 171 -22.29 28.36 -54.32
C PHE G 171 -21.07 27.67 -54.94
N LEU G 172 -20.89 27.81 -56.26
CA LEU G 172 -19.77 27.16 -56.93
C LEU G 172 -18.47 27.80 -56.46
N GLY G 173 -18.51 29.09 -56.18
CA GLY G 173 -17.36 29.74 -55.62
C GLY G 173 -17.07 29.17 -54.26
N ALA G 174 -18.11 29.11 -53.44
CA ALA G 174 -17.98 28.62 -52.08
C ALA G 174 -17.41 27.21 -52.07
N ALA G 175 -17.89 26.39 -53.01
CA ALA G 175 -17.46 25.00 -53.14
C ALA G 175 -15.94 24.86 -53.05
N LEU G 176 -15.19 25.51 -53.94
CA LEU G 176 -13.78 25.17 -54.08
C LEU G 176 -12.86 25.75 -52.98
N LYS G 177 -13.29 26.69 -52.15
CA LYS G 177 -12.36 26.98 -51.06
C LYS G 177 -12.57 25.95 -49.98
N PHE G 178 -13.81 25.73 -49.54
CA PHE G 178 -14.11 24.61 -48.65
C PHE G 178 -13.31 23.41 -49.07
N GLY G 179 -13.53 23.02 -50.32
CA GLY G 179 -12.77 21.99 -51.00
C GLY G 179 -11.29 22.10 -50.73
N SER G 180 -10.65 23.14 -51.25
CA SER G 180 -9.21 23.25 -51.15
C SER G 180 -8.72 23.14 -49.69
N VAL G 181 -9.50 23.63 -48.73
CA VAL G 181 -9.02 23.67 -47.34
C VAL G 181 -8.73 22.25 -46.90
N PHE G 182 -9.76 21.43 -47.03
CA PHE G 182 -9.68 20.02 -46.73
C PHE G 182 -8.90 19.20 -47.79
N ALA G 183 -8.82 19.71 -49.03
CA ALA G 183 -8.28 18.97 -50.19
C ALA G 183 -6.84 18.48 -50.11
N LEU G 184 -6.11 18.90 -49.08
CA LEU G 184 -4.76 18.41 -48.88
C LEU G 184 -4.68 17.94 -47.47
N THR G 185 -5.82 17.45 -47.02
CA THR G 185 -5.93 16.68 -45.79
C THR G 185 -6.76 15.40 -45.98
N GLN G 186 -7.39 15.25 -47.15
CA GLN G 186 -8.24 14.08 -47.45
C GLN G 186 -7.89 13.43 -48.76
N ILE G 187 -7.29 14.18 -49.68
CA ILE G 187 -6.74 13.57 -50.88
C ILE G 187 -5.47 12.78 -50.55
N PRO G 188 -4.68 13.23 -49.57
CA PRO G 188 -3.56 12.32 -49.25
C PRO G 188 -4.03 11.02 -48.49
N LEU G 189 -5.17 11.12 -47.80
CA LEU G 189 -5.91 10.01 -47.24
C LEU G 189 -6.47 9.14 -48.35
N ALA G 190 -7.14 9.74 -49.29
CA ALA G 190 -7.83 8.95 -50.26
C ALA G 190 -6.80 8.08 -50.86
N ILE G 191 -5.61 8.60 -51.01
CA ILE G 191 -4.54 7.83 -51.59
C ILE G 191 -4.15 6.69 -50.67
N ALA G 192 -3.92 7.01 -49.40
CA ALA G 192 -3.54 5.98 -48.45
C ALA G 192 -4.61 4.92 -48.40
N GLU G 193 -5.82 5.28 -47.97
CA GLU G 193 -6.94 4.34 -47.96
C GLU G 193 -7.03 3.53 -49.29
N GLY G 194 -6.57 4.10 -50.39
CA GLY G 194 -6.44 3.32 -51.60
C GLY G 194 -5.41 2.19 -51.49
N PHE G 195 -4.24 2.50 -50.95
CA PHE G 195 -3.20 1.50 -50.80
C PHE G 195 -3.56 0.64 -49.62
N LEU G 196 -4.53 1.11 -48.83
CA LEU G 196 -5.00 0.32 -47.70
C LEU G 196 -5.90 -0.71 -48.26
N THR G 197 -7.01 -0.31 -48.84
CA THR G 197 -7.99 -1.30 -49.20
C THR G 197 -7.48 -2.27 -50.28
N VAL G 198 -6.28 -2.04 -50.82
CA VAL G 198 -5.68 -3.03 -51.71
C VAL G 198 -5.09 -4.13 -50.87
N ILE G 199 -4.10 -3.76 -50.07
CA ILE G 199 -3.48 -4.69 -49.13
C ILE G 199 -4.49 -5.42 -48.26
N VAL G 200 -5.63 -4.78 -47.99
CA VAL G 200 -6.65 -5.44 -47.21
C VAL G 200 -7.32 -6.50 -48.05
N VAL G 201 -7.87 -6.13 -49.22
CA VAL G 201 -8.64 -7.10 -49.99
C VAL G 201 -7.81 -8.29 -50.38
N ASP G 202 -6.54 -8.08 -50.73
CA ASP G 202 -5.81 -9.24 -51.21
C ASP G 202 -5.58 -10.25 -50.06
N ALA G 203 -5.65 -9.77 -48.81
CA ALA G 203 -5.49 -10.64 -47.65
C ALA G 203 -6.76 -11.43 -47.37
N LEU G 204 -7.90 -10.73 -47.36
CA LEU G 204 -9.22 -11.33 -47.12
C LEU G 204 -9.47 -12.49 -48.03
N ALA G 205 -8.88 -12.43 -49.22
CA ALA G 205 -8.91 -13.55 -50.14
C ALA G 205 -8.04 -14.70 -49.60
N GLY G 206 -7.00 -14.38 -48.83
CA GLY G 206 -6.02 -15.37 -48.39
C GLY G 206 -6.19 -15.97 -46.99
N LYS G 207 -7.38 -15.81 -46.43
CA LYS G 207 -7.67 -16.36 -45.11
C LYS G 207 -8.95 -17.16 -45.19
N MET H 13 -8.36 2.30 -25.93
CA MET H 13 -7.89 3.62 -25.53
C MET H 13 -8.79 4.72 -26.10
N SER H 14 -9.07 4.63 -27.39
CA SER H 14 -9.92 5.61 -28.06
C SER H 14 -11.38 5.70 -27.60
N ILE H 15 -12.12 4.60 -27.80
CA ILE H 15 -13.58 4.64 -27.83
C ILE H 15 -14.30 4.65 -26.48
N ALA H 16 -13.92 3.72 -25.62
CA ALA H 16 -14.73 3.38 -24.46
C ALA H 16 -14.76 4.49 -23.44
N SER H 17 -13.85 5.45 -23.61
CA SER H 17 -13.57 6.52 -22.66
C SER H 17 -14.78 7.31 -22.20
N ILE H 18 -15.67 7.65 -23.12
CA ILE H 18 -16.90 8.31 -22.70
C ILE H 18 -17.83 7.26 -22.10
N ASP H 19 -17.87 6.10 -22.75
CA ASP H 19 -18.77 5.03 -22.32
C ASP H 19 -18.47 4.49 -20.93
N ARG H 20 -17.28 4.79 -20.41
CA ARG H 20 -16.97 4.49 -19.02
C ARG H 20 -17.65 5.53 -18.13
N VAL H 21 -17.29 6.79 -18.34
CA VAL H 21 -17.90 7.93 -17.65
C VAL H 21 -19.40 7.88 -17.79
N ALA H 22 -19.83 7.59 -19.01
CA ALA H 22 -21.24 7.43 -19.32
C ALA H 22 -21.94 6.56 -18.28
N ALA H 23 -21.50 5.31 -18.12
CA ALA H 23 -22.19 4.39 -17.21
C ALA H 23 -21.53 4.28 -15.84
N GLN H 24 -20.70 5.28 -15.50
CA GLN H 24 -20.11 5.39 -14.18
C GLN H 24 -20.18 6.85 -13.77
N GLY H 25 -21.17 7.54 -14.32
CA GLY H 25 -21.35 8.96 -14.07
C GLY H 25 -22.43 9.07 -13.02
N HIS H 26 -22.95 10.27 -12.79
CA HIS H 26 -23.89 10.46 -11.69
C HIS H 26 -25.30 9.90 -11.99
N TRP H 27 -26.07 10.56 -12.86
CA TRP H 27 -27.39 10.02 -13.22
C TRP H 27 -27.40 8.95 -14.28
N ARG H 28 -26.85 7.77 -13.98
CA ARG H 28 -27.16 6.57 -14.73
C ARG H 28 -28.63 6.28 -14.44
N SER H 29 -28.98 6.50 -13.18
CA SER H 29 -30.29 6.28 -12.60
C SER H 29 -31.43 7.01 -13.28
N ARG H 30 -31.40 8.34 -13.12
CA ARG H 30 -32.50 9.23 -13.49
C ARG H 30 -32.93 9.05 -14.95
N PRO H 31 -34.25 8.81 -15.13
CA PRO H 31 -34.92 8.27 -16.29
C PRO H 31 -34.41 8.80 -17.60
N LEU H 32 -34.52 7.97 -18.61
CA LEU H 32 -34.06 8.34 -19.94
C LEU H 32 -34.97 9.41 -20.48
N ALA H 33 -36.26 9.24 -20.22
CA ALA H 33 -37.27 10.12 -20.79
C ALA H 33 -36.95 11.58 -20.44
N GLU H 34 -36.32 11.78 -19.27
CA GLU H 34 -35.94 13.12 -18.82
C GLU H 34 -34.71 13.63 -19.58
N LYS H 35 -33.61 12.89 -19.51
CA LYS H 35 -32.37 13.29 -20.19
C LYS H 35 -32.50 13.34 -21.71
N SER H 36 -33.41 12.56 -22.26
CA SER H 36 -33.67 12.58 -23.69
C SER H 36 -34.59 13.75 -24.06
N LEU H 37 -34.84 14.62 -23.08
CA LEU H 37 -35.61 15.84 -23.30
C LEU H 37 -34.78 17.03 -22.90
N ILE H 38 -33.74 16.79 -22.12
CA ILE H 38 -32.80 17.85 -21.81
C ILE H 38 -31.88 18.12 -23.00
N GLY H 39 -31.03 17.17 -23.29
CA GLY H 39 -30.12 17.36 -24.38
C GLY H 39 -30.85 17.55 -25.66
N LEU H 40 -31.86 16.74 -25.94
CA LEU H 40 -32.53 16.87 -27.21
C LEU H 40 -33.18 18.21 -27.28
N GLY H 41 -33.81 18.64 -26.20
CA GLY H 41 -34.52 19.89 -26.26
C GLY H 41 -33.61 21.06 -26.50
N PHE H 42 -32.53 21.08 -25.77
CA PHE H 42 -31.58 22.16 -25.91
C PHE H 42 -30.95 22.13 -27.28
N LEU H 43 -30.74 20.95 -27.82
CA LEU H 43 -30.16 20.84 -29.13
C LEU H 43 -31.07 21.50 -30.13
N ALA H 44 -32.36 21.23 -30.02
CA ALA H 44 -33.27 21.81 -30.98
C ALA H 44 -33.19 23.31 -30.83
N LEU H 45 -33.14 23.76 -29.59
CA LEU H 45 -33.07 25.20 -29.37
C LEU H 45 -31.81 25.85 -29.90
N ALA H 46 -30.65 25.25 -29.70
CA ALA H 46 -29.42 25.86 -30.14
C ALA H 46 -29.52 25.96 -31.60
N VAL H 47 -30.07 24.94 -32.21
CA VAL H 47 -30.18 24.94 -33.65
C VAL H 47 -31.07 26.02 -34.21
N THR H 48 -32.18 26.29 -33.55
CA THR H 48 -33.14 27.24 -34.07
C THR H 48 -33.04 28.68 -33.55
N VAL H 49 -33.09 28.81 -32.25
CA VAL H 49 -32.82 30.07 -31.56
C VAL H 49 -31.54 30.75 -32.03
N PRO H 50 -31.63 32.03 -32.38
CA PRO H 50 -30.47 32.79 -32.86
C PRO H 50 -29.44 33.14 -31.78
N PRO H 51 -28.17 33.12 -32.08
CA PRO H 51 -27.19 33.17 -31.02
C PRO H 51 -27.02 34.59 -30.56
N PHE H 52 -27.83 35.49 -31.10
CA PHE H 52 -27.91 36.91 -30.75
C PHE H 52 -28.94 37.32 -29.68
N PRO H 53 -28.78 36.94 -28.34
CA PRO H 53 -27.94 35.78 -28.14
C PRO H 53 -28.66 34.72 -27.31
N GLY H 54 -29.66 34.08 -27.90
CA GLY H 54 -30.34 33.03 -27.18
C GLY H 54 -29.39 31.90 -26.93
N ALA H 55 -28.65 31.53 -27.96
CA ALA H 55 -27.74 30.43 -27.85
C ALA H 55 -26.95 30.62 -26.60
N VAL H 56 -26.59 31.86 -26.29
CA VAL H 56 -25.70 32.08 -25.18
C VAL H 56 -26.37 31.56 -23.96
N LEU H 57 -27.67 31.79 -23.84
CA LEU H 57 -28.33 31.25 -22.64
C LEU H 57 -28.26 29.73 -22.57
N VAL H 58 -28.51 29.11 -23.69
CA VAL H 58 -28.64 27.69 -23.83
C VAL H 58 -27.38 26.97 -23.46
N THR H 59 -26.27 27.49 -23.92
CA THR H 59 -25.03 26.81 -23.69
C THR H 59 -24.83 26.77 -22.21
N VAL H 60 -25.04 27.92 -21.61
CA VAL H 60 -24.77 28.03 -20.20
C VAL H 60 -25.68 27.16 -19.41
N ALA H 61 -26.93 27.18 -19.86
CA ALA H 61 -27.92 26.48 -19.14
C ALA H 61 -27.47 25.09 -19.19
N ILE H 62 -27.06 24.64 -20.35
CA ILE H 62 -26.66 23.26 -20.51
C ILE H 62 -25.44 22.88 -19.73
N LEU H 63 -24.45 23.75 -19.73
CA LEU H 63 -23.23 23.52 -19.00
C LEU H 63 -23.51 23.46 -17.54
N ALA H 64 -24.37 24.34 -17.08
CA ALA H 64 -24.73 24.35 -15.69
C ALA H 64 -25.35 23.02 -15.44
N PHE H 65 -26.19 22.62 -16.36
CA PHE H 65 -26.94 21.43 -16.18
C PHE H 65 -25.99 20.30 -16.05
N THR H 66 -25.04 20.19 -16.96
CA THR H 66 -24.26 18.98 -17.01
C THR H 66 -23.52 18.92 -15.73
N PHE H 67 -22.88 20.03 -15.41
CA PHE H 67 -22.03 19.97 -14.27
C PHE H 67 -22.79 19.73 -13.00
N LEU H 68 -23.86 20.46 -12.73
CA LEU H 68 -24.48 20.29 -11.43
C LEU H 68 -25.00 18.87 -11.44
N GLY H 69 -25.70 18.61 -12.50
CA GLY H 69 -26.63 17.53 -12.62
C GLY H 69 -25.72 16.41 -12.26
N ALA H 70 -24.72 16.19 -13.10
CA ALA H 70 -23.90 15.04 -12.89
C ALA H 70 -22.59 15.22 -12.21
N ARG H 71 -22.12 16.45 -12.24
CA ARG H 71 -20.73 16.76 -11.82
C ARG H 71 -19.62 16.18 -12.73
N VAL H 72 -19.91 16.14 -14.02
CA VAL H 72 -19.00 15.51 -14.95
C VAL H 72 -17.65 16.07 -14.49
N PRO H 73 -16.67 15.20 -14.24
CA PRO H 73 -15.32 15.70 -13.95
C PRO H 73 -14.88 16.66 -15.03
N LEU H 74 -14.42 17.83 -14.62
CA LEU H 74 -14.11 18.90 -15.55
C LEU H 74 -12.99 18.46 -16.51
N ARG H 75 -11.90 17.92 -15.96
CA ARG H 75 -10.70 17.58 -16.73
C ARG H 75 -11.06 16.73 -17.96
N PHE H 76 -12.03 15.84 -17.78
CA PHE H 76 -12.54 15.01 -18.87
C PHE H 76 -13.23 15.90 -19.92
N TRP H 77 -14.30 16.55 -19.50
CA TRP H 77 -15.19 17.32 -20.38
C TRP H 77 -14.37 18.13 -21.38
N ALA H 78 -13.27 18.69 -20.88
CA ALA H 78 -12.30 19.41 -21.69
C ALA H 78 -11.74 18.51 -22.79
N SER H 79 -11.10 17.43 -22.37
CA SER H 79 -10.37 16.53 -23.28
C SER H 79 -11.20 15.98 -24.44
N VAL H 80 -12.52 15.94 -24.24
CA VAL H 80 -13.44 15.58 -25.30
C VAL H 80 -13.80 16.63 -26.31
N ALA H 81 -13.97 17.84 -25.77
CA ALA H 81 -14.42 18.99 -26.52
C ALA H 81 -13.19 19.72 -27.03
N VAL H 82 -12.03 19.07 -27.03
CA VAL H 82 -10.82 19.76 -27.47
C VAL H 82 -10.66 20.00 -28.96
N LEU H 83 -10.55 18.98 -29.80
CA LEU H 83 -10.35 19.33 -31.20
C LEU H 83 -11.61 19.10 -32.10
N PRO H 84 -12.84 19.25 -31.53
CA PRO H 84 -13.72 19.77 -32.58
C PRO H 84 -13.38 21.27 -32.87
N LEU H 85 -12.72 21.91 -31.90
CA LEU H 85 -12.05 23.20 -32.03
C LEU H 85 -11.38 23.39 -33.39
N GLY H 86 -10.54 22.42 -33.77
CA GLY H 86 -9.75 22.52 -34.99
C GLY H 86 -10.46 22.17 -36.28
N PHE H 87 -11.77 21.91 -36.19
CA PHE H 87 -12.67 21.90 -37.35
C PHE H 87 -13.46 23.20 -37.29
N LEU H 88 -13.70 23.71 -36.08
CA LEU H 88 -14.36 25.01 -36.02
C LEU H 88 -13.39 26.07 -36.47
N THR H 89 -12.22 26.17 -35.88
CA THR H 89 -11.25 27.14 -36.35
C THR H 89 -10.78 26.84 -37.79
N THR H 90 -11.27 25.73 -38.34
CA THR H 90 -11.47 25.61 -39.78
C THR H 90 -12.72 26.34 -40.25
N GLY H 91 -13.88 25.82 -39.84
CA GLY H 91 -15.15 26.43 -40.17
C GLY H 91 -15.19 27.90 -39.78
N ALA H 92 -14.46 28.25 -38.73
CA ALA H 92 -14.26 29.64 -38.37
C ALA H 92 -13.29 30.34 -39.32
N ALA H 93 -12.42 29.55 -39.94
CA ALA H 93 -11.41 30.09 -40.84
C ALA H 93 -11.62 29.59 -42.28
N VAL H 94 -12.89 29.36 -42.62
CA VAL H 94 -13.25 29.06 -44.01
C VAL H 94 -14.36 29.93 -44.58
N LEU H 95 -15.14 30.54 -43.70
CA LEU H 95 -16.23 31.41 -44.11
C LEU H 95 -15.73 32.81 -44.45
N LEU H 96 -14.41 32.96 -44.50
CA LEU H 96 -13.80 34.24 -44.82
C LEU H 96 -14.18 34.71 -46.22
N ILE H 97 -13.39 35.62 -46.77
CA ILE H 97 -13.64 36.16 -48.10
C ILE H 97 -13.57 35.05 -49.15
N GLN H 98 -14.15 35.32 -50.32
CA GLN H 98 -14.17 34.34 -51.41
C GLN H 98 -13.03 34.60 -52.40
N ILE H 99 -12.74 33.62 -53.22
CA ILE H 99 -11.67 33.75 -54.21
C ILE H 99 -11.62 35.15 -54.80
N GLY H 100 -12.34 35.36 -55.90
CA GLY H 100 -12.38 36.66 -56.56
C GLY H 100 -12.66 37.02 -58.02
N PRO H 101 -11.89 36.56 -59.12
CA PRO H 101 -10.75 35.70 -58.81
C PRO H 101 -9.48 36.52 -58.73
N GLU H 102 -9.61 37.83 -58.69
CA GLU H 102 -8.45 38.65 -58.41
C GLU H 102 -7.98 38.24 -57.01
N GLY H 103 -8.92 37.99 -56.12
CA GLY H 103 -8.59 37.53 -54.79
C GLY H 103 -8.66 38.58 -53.70
N ILE H 104 -9.38 38.24 -52.62
CA ILE H 104 -9.55 39.17 -51.51
C ILE H 104 -9.30 38.49 -50.17
N GLY H 105 -9.35 39.28 -49.10
CA GLY H 105 -9.12 38.77 -47.76
C GLY H 105 -10.11 39.34 -46.75
N LEU H 106 -11.16 38.58 -46.45
CA LEU H 106 -12.18 39.01 -45.51
C LEU H 106 -13.28 39.80 -46.20
N ALA H 107 -14.35 39.14 -46.63
CA ALA H 107 -15.43 39.82 -47.37
C ALA H 107 -16.03 40.94 -46.52
N PRO H 108 -16.90 41.75 -47.12
CA PRO H 108 -17.58 42.81 -46.36
C PRO H 108 -18.33 42.24 -45.15
N ASP H 109 -18.06 40.98 -44.82
CA ASP H 109 -18.71 40.32 -43.70
C ASP H 109 -17.66 40.15 -42.60
N GLY H 110 -16.58 39.46 -42.94
CA GLY H 110 -16.48 38.03 -42.71
C GLY H 110 -17.15 37.60 -41.41
N PRO H 111 -17.11 38.48 -40.42
CA PRO H 111 -16.85 38.06 -39.04
C PRO H 111 -18.09 37.49 -38.37
N ALA H 112 -19.18 38.24 -38.42
CA ALA H 112 -20.22 38.17 -37.40
C ALA H 112 -21.03 36.88 -37.52
N LYS H 113 -20.88 36.20 -38.65
CA LYS H 113 -21.49 34.89 -38.84
C LYS H 113 -20.59 33.78 -38.31
N ALA H 114 -19.28 33.97 -38.43
CA ALA H 114 -18.31 33.06 -37.84
C ALA H 114 -18.40 33.06 -36.32
N ALA H 115 -18.82 34.16 -35.73
CA ALA H 115 -19.00 34.16 -34.30
C ALA H 115 -20.30 33.44 -34.05
N ALA H 116 -21.26 33.67 -34.95
CA ALA H 116 -22.59 33.08 -34.83
C ALA H 116 -22.42 31.60 -34.86
N LEU H 117 -21.68 31.15 -35.86
CA LEU H 117 -21.30 29.75 -35.96
C LEU H 117 -20.82 29.20 -34.65
N VAL H 118 -19.64 29.61 -34.22
CA VAL H 118 -19.02 29.08 -33.01
C VAL H 118 -19.99 28.97 -31.84
N MET H 119 -20.63 30.06 -31.45
CA MET H 119 -21.51 29.91 -30.30
C MET H 119 -22.80 29.19 -30.72
N ARG H 120 -22.99 28.94 -32.02
CA ARG H 120 -24.00 27.95 -32.41
C ARG H 120 -23.37 26.56 -32.32
N ALA H 121 -22.18 26.41 -32.88
CA ALA H 121 -21.53 25.11 -32.85
C ALA H 121 -21.38 24.68 -31.43
N THR H 122 -20.71 25.49 -30.61
CA THR H 122 -20.36 25.01 -29.28
C THR H 122 -21.63 24.67 -28.50
N ALA H 123 -22.69 25.43 -28.79
CA ALA H 123 -24.02 25.19 -28.20
C ALA H 123 -24.68 23.84 -28.33
N ALA H 124 -24.92 23.48 -29.59
CA ALA H 124 -25.34 22.16 -30.04
C ALA H 124 -24.33 21.09 -29.71
N THR H 125 -23.05 21.44 -29.80
CA THR H 125 -22.02 20.54 -29.32
C THR H 125 -22.23 20.21 -27.84
N CYS H 126 -22.31 21.24 -27.01
CA CYS H 126 -22.49 21.04 -25.57
C CYS H 126 -23.66 20.17 -25.23
N CYS H 127 -24.68 20.30 -26.06
CA CYS H 127 -25.90 19.55 -25.91
C CYS H 127 -25.74 18.03 -26.13
N LEU H 128 -24.97 17.58 -27.14
CA LEU H 128 -24.81 16.12 -27.30
C LEU H 128 -23.83 15.64 -26.25
N LEU H 129 -22.75 16.38 -26.03
CA LEU H 129 -21.86 16.00 -24.93
C LEU H 129 -22.55 15.96 -23.58
N PHE H 130 -23.68 16.64 -23.46
CA PHE H 130 -24.51 16.39 -22.31
C PHE H 130 -24.97 14.97 -22.33
N LEU H 131 -25.72 14.60 -23.38
CA LEU H 131 -26.20 13.24 -23.59
C LEU H 131 -25.08 12.21 -23.49
N ALA H 132 -24.14 12.30 -24.44
CA ALA H 132 -22.98 11.42 -24.50
C ALA H 132 -22.45 11.05 -23.13
N THR H 133 -22.44 11.99 -22.20
CA THR H 133 -21.80 11.77 -20.90
C THR H 133 -22.73 11.36 -19.78
N THR H 134 -24.02 11.63 -19.90
CA THR H 134 -24.92 11.28 -18.79
C THR H 134 -25.75 10.10 -19.12
N THR H 135 -25.82 9.86 -20.42
CA THR H 135 -26.66 8.80 -20.92
C THR H 135 -25.86 7.88 -21.85
N PRO H 136 -25.70 6.62 -21.48
CA PRO H 136 -25.27 5.61 -22.43
C PRO H 136 -26.15 5.31 -23.68
N ALA H 137 -25.45 5.16 -24.77
CA ALA H 137 -26.13 5.19 -26.02
C ALA H 137 -27.17 4.13 -26.11
N ALA H 138 -26.86 2.95 -25.60
CA ALA H 138 -27.69 1.79 -25.83
C ALA H 138 -29.03 2.12 -25.30
N ASP H 139 -29.02 2.80 -24.18
CA ASP H 139 -30.25 3.21 -23.58
C ASP H 139 -30.93 4.12 -24.58
N LEU H 140 -30.17 4.91 -25.32
CA LEU H 140 -30.77 5.84 -26.26
C LEU H 140 -31.53 5.17 -27.37
N LEU H 141 -30.96 4.13 -27.94
CA LEU H 141 -31.67 3.37 -28.96
C LEU H 141 -32.90 2.68 -28.39
N SER H 142 -32.73 2.29 -27.15
CA SER H 142 -33.81 1.64 -26.45
C SER H 142 -34.94 2.62 -26.40
N GLY H 143 -34.65 3.88 -26.14
CA GLY H 143 -35.69 4.88 -26.11
C GLY H 143 -36.31 5.03 -27.45
N LEU H 144 -35.45 4.97 -28.43
CA LEU H 144 -35.83 5.20 -29.80
C LEU H 144 -36.89 4.21 -30.17
N ARG H 145 -37.05 3.15 -29.39
CA ARG H 145 -38.24 2.30 -29.65
C ARG H 145 -39.68 2.93 -29.48
N ARG H 146 -39.87 3.87 -28.55
CA ARG H 146 -41.06 4.71 -28.35
C ARG H 146 -41.42 5.47 -29.63
N TRP H 147 -40.53 5.41 -30.62
CA TRP H 147 -40.78 6.06 -31.91
C TRP H 147 -40.98 5.06 -33.07
N ARG H 148 -40.94 5.60 -34.29
CA ARG H 148 -41.14 4.83 -35.52
C ARG H 148 -40.29 3.54 -35.63
N VAL H 149 -39.04 3.64 -35.18
CA VAL H 149 -38.04 2.61 -35.44
C VAL H 149 -38.49 1.24 -34.96
N PRO H 150 -38.59 0.25 -35.90
CA PRO H 150 -39.04 -1.11 -35.57
C PRO H 150 -37.98 -1.80 -34.76
N ALA H 151 -38.18 -3.07 -34.44
CA ALA H 151 -37.24 -3.80 -33.60
C ALA H 151 -35.87 -4.44 -33.80
N GLU H 152 -35.74 -5.18 -34.90
CA GLU H 152 -34.47 -5.69 -35.47
C GLU H 152 -33.34 -4.75 -35.79
N LEU H 153 -33.71 -3.51 -36.10
CA LEU H 153 -32.74 -2.45 -36.34
C LEU H 153 -32.24 -1.99 -34.97
N ILE H 154 -33.13 -2.02 -33.96
CA ILE H 154 -32.66 -1.61 -32.66
C ILE H 154 -31.83 -2.72 -32.13
N GLU H 155 -32.17 -3.95 -32.54
CA GLU H 155 -31.49 -5.13 -32.04
C GLU H 155 -30.08 -5.09 -32.60
N ILE H 156 -30.00 -5.02 -33.93
CA ILE H 156 -28.73 -4.91 -34.60
C ILE H 156 -27.91 -3.79 -34.00
N ALA H 157 -28.56 -2.65 -33.81
CA ALA H 157 -27.86 -1.46 -33.37
C ALA H 157 -27.27 -1.75 -32.00
N LEU H 158 -28.16 -2.09 -31.09
CA LEU H 158 -27.77 -2.42 -29.74
C LEU H 158 -26.64 -3.40 -29.78
N LEU H 159 -26.84 -4.45 -30.59
CA LEU H 159 -25.91 -5.58 -30.65
C LEU H 159 -24.57 -5.15 -31.18
N THR H 160 -24.64 -4.18 -32.09
CA THR H 160 -23.46 -3.61 -32.74
C THR H 160 -22.69 -2.79 -31.76
N TYR H 161 -23.43 -2.13 -30.87
CA TYR H 161 -22.81 -1.37 -29.82
C TYR H 161 -21.93 -2.26 -28.99
N ARG H 162 -22.39 -3.48 -28.71
CA ARG H 162 -21.58 -4.45 -27.94
C ARG H 162 -20.40 -4.94 -28.76
N PHE H 163 -20.68 -5.46 -29.97
CA PHE H 163 -19.62 -6.04 -30.78
C PHE H 163 -18.48 -5.03 -30.89
N VAL H 164 -18.82 -3.74 -30.83
CA VAL H 164 -17.80 -2.71 -30.98
C VAL H 164 -16.66 -2.89 -29.99
N PHE H 165 -17.00 -3.03 -28.72
CA PHE H 165 -15.98 -2.92 -27.68
C PHE H 165 -15.13 -4.18 -27.53
N ILE H 166 -15.76 -5.30 -27.79
CA ILE H 166 -15.06 -6.56 -27.84
C ILE H 166 -14.08 -6.51 -28.99
N LEU H 167 -14.61 -6.02 -30.12
CA LEU H 167 -13.85 -5.90 -31.35
C LEU H 167 -12.79 -4.84 -31.22
N ALA H 168 -13.10 -3.78 -30.49
CA ALA H 168 -12.09 -2.77 -30.32
C ALA H 168 -10.94 -3.36 -29.53
N GLU H 169 -11.23 -4.06 -28.43
CA GLU H 169 -10.15 -4.49 -27.53
C GLU H 169 -9.20 -5.42 -28.26
N GLU H 170 -9.75 -6.28 -29.12
CA GLU H 170 -8.95 -7.29 -29.82
C GLU H 170 -8.14 -6.65 -30.95
N ALA H 171 -8.76 -5.72 -31.70
CA ALA H 171 -8.08 -4.97 -32.75
C ALA H 171 -7.00 -4.06 -32.17
N ALA H 172 -7.22 -3.64 -30.94
CA ALA H 172 -6.21 -2.94 -30.17
C ALA H 172 -5.10 -3.89 -29.75
N ALA H 173 -5.45 -5.17 -29.61
CA ALA H 173 -4.52 -6.20 -29.15
C ALA H 173 -3.55 -6.63 -30.23
N MET H 174 -4.09 -6.85 -31.42
CA MET H 174 -3.27 -7.18 -32.55
C MET H 174 -2.30 -6.03 -32.77
N THR H 175 -2.84 -4.81 -32.80
CA THR H 175 -2.06 -3.61 -33.07
C THR H 175 -0.80 -3.57 -32.26
N THR H 176 -0.97 -3.76 -30.96
CA THR H 176 0.12 -3.83 -30.01
C THR H 176 1.16 -4.87 -30.43
N ALA H 177 0.66 -6.03 -30.87
CA ALA H 177 1.48 -7.20 -31.17
C ALA H 177 2.42 -6.95 -32.31
N GLN H 178 1.96 -6.17 -33.29
CA GLN H 178 2.76 -5.81 -34.45
C GLN H 178 3.91 -4.87 -34.16
N ARG H 179 3.58 -3.67 -33.72
CA ARG H 179 4.59 -2.72 -33.24
C ARG H 179 5.37 -3.29 -32.06
N ALA H 180 4.82 -4.33 -31.43
CA ALA H 180 5.63 -5.38 -30.84
C ALA H 180 5.92 -6.26 -32.04
N ARG H 181 7.09 -6.90 -32.04
CA ARG H 181 8.01 -6.81 -33.16
C ARG H 181 8.26 -5.38 -33.62
N LEU H 182 8.20 -5.16 -34.93
CA LEU H 182 8.38 -3.84 -35.50
C LEU H 182 7.40 -3.53 -36.64
N GLY H 183 6.16 -3.94 -36.49
CA GLY H 183 5.16 -3.75 -37.53
C GLY H 183 4.80 -2.31 -37.81
N HIS H 184 5.23 -1.42 -36.92
CA HIS H 184 5.14 0.00 -37.18
C HIS H 184 6.63 0.16 -36.95
N ALA H 185 7.36 0.65 -37.93
CA ALA H 185 8.80 0.84 -37.79
C ALA H 185 8.79 2.36 -37.94
N THR H 186 8.80 2.83 -39.18
CA THR H 186 8.24 4.13 -39.51
C THR H 186 8.07 4.34 -41.01
N ARG H 187 6.85 4.70 -41.35
CA ARG H 187 6.47 5.19 -42.65
C ARG H 187 6.56 3.95 -43.50
N ARG H 188 7.09 2.86 -42.97
CA ARG H 188 7.13 1.70 -43.86
C ARG H 188 6.14 0.69 -43.25
N ARG H 189 6.00 -0.44 -43.92
CA ARG H 189 4.74 -0.81 -44.50
C ARG H 189 3.76 -1.16 -43.41
N TRP H 190 3.54 -0.10 -42.64
CA TRP H 190 2.65 -0.07 -41.51
C TRP H 190 1.29 0.07 -42.10
N LEU H 191 1.19 0.69 -43.28
CA LEU H 191 -0.06 0.53 -43.96
C LEU H 191 -0.27 -0.96 -44.06
N ARG H 192 0.81 -1.66 -44.30
CA ARG H 192 0.75 -3.07 -44.51
C ARG H 192 0.17 -3.66 -43.27
N SER H 193 0.72 -3.22 -42.16
CA SER H 193 0.34 -3.78 -40.90
C SER H 193 -1.10 -3.49 -40.54
N THR H 194 -1.54 -2.27 -40.79
CA THR H 194 -2.89 -1.93 -40.47
C THR H 194 -3.85 -2.75 -41.30
N ALA H 195 -3.54 -2.95 -42.57
CA ALA H 195 -4.44 -3.73 -43.41
C ALA H 195 -4.52 -5.12 -42.88
N GLN H 196 -3.39 -5.65 -42.46
CA GLN H 196 -3.39 -7.03 -42.00
C GLN H 196 -4.30 -7.10 -40.83
N VAL H 197 -4.15 -6.14 -39.95
CA VAL H 197 -4.94 -6.16 -38.76
C VAL H 197 -6.39 -6.11 -39.11
N ILE H 198 -6.77 -5.19 -39.97
CA ILE H 198 -8.14 -5.07 -40.35
C ILE H 198 -8.49 -6.32 -41.07
N ALA H 199 -7.62 -6.73 -41.94
CA ALA H 199 -7.92 -7.83 -42.80
C ALA H 199 -8.34 -8.95 -41.92
N ALA H 200 -7.63 -9.08 -40.82
CA ALA H 200 -7.90 -10.07 -39.83
C ALA H 200 -9.22 -9.85 -39.13
N LEU H 201 -9.52 -8.60 -38.84
CA LEU H 201 -10.66 -8.30 -38.00
C LEU H 201 -11.92 -8.75 -38.62
N LEU H 202 -12.07 -8.58 -39.90
CA LEU H 202 -13.38 -8.82 -40.46
C LEU H 202 -13.80 -10.25 -40.25
N PRO H 203 -12.88 -11.22 -40.49
CA PRO H 203 -13.28 -12.56 -40.07
C PRO H 203 -13.60 -12.60 -38.59
N ARG H 204 -12.59 -12.39 -37.75
CA ARG H 204 -12.77 -12.40 -36.31
C ARG H 204 -14.09 -11.79 -35.87
N ALA H 205 -14.53 -10.75 -36.56
CA ALA H 205 -15.83 -10.17 -36.28
C ALA H 205 -16.92 -11.10 -36.78
N LEU H 206 -16.69 -11.70 -37.95
CA LEU H 206 -17.71 -12.56 -38.50
C LEU H 206 -17.78 -13.94 -37.79
N THR H 207 -16.63 -14.50 -37.37
CA THR H 207 -16.65 -15.73 -36.58
C THR H 207 -17.42 -15.37 -35.36
N ARG H 208 -16.84 -14.49 -34.53
CA ARG H 208 -17.41 -14.17 -33.22
C ARG H 208 -18.91 -13.98 -33.26
N ALA H 209 -19.41 -13.44 -34.35
CA ALA H 209 -20.85 -13.32 -34.52
C ALA H 209 -21.55 -14.67 -34.53
N ARG H 210 -20.89 -15.68 -35.06
CA ARG H 210 -21.48 -17.03 -35.22
C ARG H 210 -21.45 -17.82 -33.93
N ARG H 211 -20.36 -17.76 -33.17
CA ARG H 211 -20.33 -18.45 -31.90
C ARG H 211 -21.41 -17.89 -31.00
N LEU H 212 -21.71 -16.60 -31.15
CA LEU H 212 -22.82 -16.03 -30.41
C LEU H 212 -24.08 -16.84 -30.64
N GLU H 213 -24.29 -17.26 -31.87
CA GLU H 213 -25.53 -17.93 -32.19
C GLU H 213 -25.57 -19.27 -31.50
N THR H 214 -24.41 -19.87 -31.31
CA THR H 214 -24.33 -21.13 -30.57
C THR H 214 -24.64 -20.76 -29.13
N GLY H 215 -23.83 -19.88 -28.55
CA GLY H 215 -24.06 -19.43 -27.18
C GLY H 215 -25.48 -19.04 -26.84
N LEU H 216 -26.13 -18.31 -27.73
CA LEU H 216 -27.46 -17.81 -27.44
C LEU H 216 -28.48 -18.93 -27.43
N GLY H 217 -28.13 -20.05 -28.03
CA GLY H 217 -28.95 -21.24 -27.96
C GLY H 217 -29.05 -21.80 -26.55
N ALA H 218 -27.92 -21.80 -25.85
CA ALA H 218 -27.79 -22.58 -24.62
C ALA H 218 -29.05 -22.42 -23.78
N ARG H 219 -29.59 -21.21 -23.77
CA ARG H 219 -30.93 -20.97 -23.23
C ARG H 219 -31.80 -20.34 -24.31
N ASN H 220 -32.21 -21.14 -25.28
CA ASN H 220 -32.95 -20.63 -26.43
C ASN H 220 -32.43 -19.41 -27.19
N TRP H 221 -33.35 -18.50 -27.52
CA TRP H 221 -33.75 -18.30 -28.91
C TRP H 221 -33.03 -17.19 -29.65
N GLN H 222 -32.56 -17.49 -30.86
CA GLN H 222 -31.85 -16.52 -31.68
C GLN H 222 -32.82 -15.57 -32.37
N GLY H 223 -32.39 -15.02 -33.51
CA GLY H 223 -33.22 -14.10 -34.27
C GLY H 223 -33.36 -12.76 -33.58
N GLU H 224 -34.33 -12.66 -32.67
CA GLU H 224 -34.57 -11.42 -31.95
C GLU H 224 -33.69 -11.34 -30.71
N MET H 225 -34.29 -10.94 -29.58
CA MET H 225 -33.56 -10.81 -28.33
C MET H 225 -34.11 -9.80 -27.31
N ARG H 226 -35.46 -9.69 -27.27
CA ARG H 226 -36.19 -8.93 -26.23
C ARG H 226 -35.62 -9.15 -24.85
N VAL H 227 -35.51 -8.10 -24.05
CA VAL H 227 -34.98 -8.27 -22.70
C VAL H 227 -35.76 -7.43 -21.68
N LEU H 228 -35.28 -7.34 -20.44
CA LEU H 228 -35.89 -6.46 -19.45
C LEU H 228 -34.88 -5.49 -18.83
N SER H 229 -35.16 -4.20 -18.91
CA SER H 229 -34.26 -3.23 -18.32
C SER H 229 -34.66 -2.93 -16.90
N THR H 230 -33.84 -2.12 -16.23
CA THR H 230 -34.10 -1.74 -14.84
C THR H 230 -34.09 -0.22 -14.68
N ARG H 231 -34.55 0.48 -15.70
CA ARG H 231 -34.59 1.95 -15.66
C ARG H 231 -36.01 2.46 -15.45
N PRO H 232 -36.14 3.53 -14.54
CA PRO H 232 -37.52 3.99 -14.37
C PRO H 232 -37.80 5.25 -15.18
N PRO H 233 -39.04 5.73 -15.14
CA PRO H 233 -39.43 6.93 -15.89
C PRO H 233 -39.42 8.18 -15.01
N ALA H 234 -39.83 9.32 -15.58
CA ALA H 234 -39.87 10.56 -14.85
C ALA H 234 -41.28 11.14 -14.82
N SER H 235 -41.68 11.68 -13.67
CA SER H 235 -43.00 12.26 -13.51
C SER H 235 -43.36 13.15 -14.70
N ALA H 236 -44.52 12.92 -15.28
CA ALA H 236 -44.98 13.69 -16.43
C ALA H 236 -44.66 15.17 -16.28
N ARG H 237 -44.34 15.53 -15.04
CA ARG H 237 -43.98 16.89 -14.71
C ARG H 237 -42.52 17.27 -14.70
N VAL H 238 -41.66 16.42 -14.16
CA VAL H 238 -40.26 16.80 -14.12
C VAL H 238 -39.69 16.85 -15.51
N LEU H 239 -40.53 16.51 -16.50
CA LEU H 239 -40.26 16.79 -17.90
C LEU H 239 -41.15 17.95 -18.31
N GLY H 240 -42.33 18.01 -17.68
CA GLY H 240 -43.24 19.12 -17.90
C GLY H 240 -42.60 20.43 -17.48
N LEU H 241 -41.80 20.37 -16.43
CA LEU H 241 -41.01 21.50 -15.99
C LEU H 241 -39.87 21.78 -16.95
N ILE H 242 -39.14 20.73 -17.30
CA ILE H 242 -38.07 20.85 -18.27
C ILE H 242 -38.57 21.57 -19.53
N LEU H 243 -39.69 21.09 -20.05
CA LEU H 243 -40.32 21.69 -21.20
C LEU H 243 -40.63 23.20 -20.99
N THR H 244 -41.02 23.63 -19.79
CA THR H 244 -41.23 25.07 -19.57
C THR H 244 -39.93 25.84 -19.53
N LEU H 245 -38.90 25.31 -18.88
CA LEU H 245 -37.60 25.96 -18.88
C LEU H 245 -37.18 26.18 -20.30
N GLN H 246 -37.30 25.15 -21.11
CA GLN H 246 -36.96 25.30 -22.50
C GLN H 246 -37.96 26.23 -23.17
N ALA H 247 -39.22 26.17 -22.75
CA ALA H 247 -40.22 27.07 -23.32
C ALA H 247 -39.87 28.52 -23.04
N ALA H 248 -39.45 28.78 -21.79
CA ALA H 248 -39.01 30.10 -21.39
C ALA H 248 -37.91 30.52 -22.34
N ILE H 249 -36.73 29.92 -22.18
CA ILE H 249 -35.62 30.37 -22.97
C ILE H 249 -36.38 30.80 -24.18
N LEU H 250 -36.40 29.94 -25.20
CA LEU H 250 -37.01 30.13 -26.53
C LEU H 250 -37.68 31.45 -26.65
N ALA H 251 -38.62 31.61 -25.76
CA ALA H 251 -39.28 32.88 -25.61
C ALA H 251 -38.23 33.92 -25.34
N ALA H 252 -37.56 33.80 -24.22
CA ALA H 252 -36.57 34.80 -23.84
C ALA H 252 -35.59 34.93 -24.95
N GLY H 253 -35.26 33.79 -25.51
CA GLY H 253 -34.24 33.76 -26.53
C GLY H 253 -34.52 34.75 -27.61
N VAL H 254 -35.66 34.65 -28.25
CA VAL H 254 -36.00 35.55 -29.32
C VAL H 254 -36.24 36.95 -28.79
N LEU H 255 -37.01 37.05 -27.72
CA LEU H 255 -37.25 38.32 -27.11
C LEU H 255 -36.01 38.72 -26.37
N LEU H 256 -34.86 38.47 -26.98
CA LEU H 256 -33.56 38.80 -26.39
C LEU H 256 -33.47 38.57 -24.89
#